data_9NR2
#
_entry.id   9NR2
#
_cell.length_a   187.241
_cell.length_b   100.397
_cell.length_c   132.067
_cell.angle_alpha   90.00
_cell.angle_beta   125.93
_cell.angle_gamma   90.00
#
_symmetry.space_group_name_H-M   'C 1 2 1'
#
loop_
_entity.id
_entity.type
_entity.pdbx_description
1 polymer 'Hemagglutinin HA1'
2 polymer 'Hemagglutinin HA2'
3 branched 'N-acetyl-alpha-neuraminic acid-(2-3)-beta-D-galactopyranose'
4 branched beta-D-mannopyranose-(1-4)-2-acetamido-2-deoxy-beta-D-glucopyranose-(1-4)-2-acetamido-2-deoxy-beta-D-glucopyranose
5 non-polymer 2-acetamido-2-deoxy-beta-D-glucopyranose
6 water water
#
loop_
_entity_poly.entity_id
_entity_poly.type
_entity_poly.pdbx_seq_one_letter_code
_entity_poly.pdbx_strand_id
1 'polypeptide(L)'
;PGDQICIGYHANNSTEQVDTIMEKNVTVTHAQDILEKTHNGRLCDLNGVKPLILKDCSVAGWLLGNPMCDEFIRVPEWSY
IVERTNPANDLCYPGNLNDYEELKHLLSRINHFEKTLIIPKSSWPNHETSGVSAACPYQGVPSFFRNVVWLTKKNDAYPT
IKMSYNNTNGEDLLILWGIHHSNNAAEQINLYKNPTTYVSVGTSTLNQRLVPKIATRSQVNGQQGRMDFFWTILKPNDAI
HFESNGNFIAPEYAYKIVKKGDSTIMKSEMEYGHCNTKCQTPIGAINSSMPFHNIHPLTIGECPKYVKSNKLVLATGLRN
SPLR
;
A,C,E
2 'polypeptide(L)'
;GLFGAIAGFIEGGWQGMVDGWYGYHHSNEQGSGYAADRESTQKAIDGVTNKVNSIIDKMNTQFEAVGREFNNLERRIENL
NKKMEDGFLDVWTYNAELLVLMENERTLDFHDSNVKNLYDKVRLQLRDNAKELGNGCFEFYHKCDNECMESVRNGTYDYP
QYSEEARLKREEISSGR
;
B,D,F
#
loop_
_chem_comp.id
_chem_comp.type
_chem_comp.name
_chem_comp.formula
BMA D-saccharide, beta linking beta-D-mannopyranose 'C6 H12 O6'
GAL D-saccharide, beta linking beta-D-galactopyranose 'C6 H12 O6'
NAG D-saccharide, beta linking 2-acetamido-2-deoxy-beta-D-glucopyranose 'C8 H15 N O6'
SIA D-saccharide, alpha linking 'N-acetyl-alpha-neuraminic acid' 'C11 H19 N O9'
#
# COMPACT_ATOMS: atom_id res chain seq x y z
N PRO A 1 3.35 6.24 66.62
CA PRO A 1 3.28 7.65 66.98
C PRO A 1 4.48 8.46 66.46
N GLY A 2 5.09 7.99 65.37
CA GLY A 2 6.20 8.67 64.77
C GLY A 2 5.79 9.49 63.56
N ASP A 3 6.60 10.50 63.26
CA ASP A 3 6.34 11.37 62.12
C ASP A 3 6.45 10.59 60.82
N GLN A 4 5.61 10.94 59.85
CA GLN A 4 5.51 10.20 58.60
C GLN A 4 5.55 11.15 57.42
N ILE A 5 6.32 10.77 56.39
CA ILE A 5 6.26 11.38 55.08
C ILE A 5 6.03 10.28 54.06
N CYS A 6 5.19 10.55 53.06
CA CYS A 6 4.76 9.55 52.11
C CYS A 6 4.97 10.05 50.69
N ILE A 7 5.03 9.12 49.75
CA ILE A 7 5.13 9.44 48.33
C ILE A 7 3.89 8.88 47.64
N GLY A 8 3.23 9.72 46.84
CA GLY A 8 2.01 9.33 46.17
C GLY A 8 1.88 10.06 44.85
N TYR A 9 0.77 9.81 44.16
CA TYR A 9 0.56 10.35 42.83
C TYR A 9 -0.87 10.88 42.72
N HIS A 10 -1.11 11.60 41.62
CA HIS A 10 -2.34 12.37 41.46
C HIS A 10 -3.53 11.47 41.16
N ALA A 11 -4.70 11.93 41.61
CA ALA A 11 -5.98 11.28 41.29
C ALA A 11 -7.05 12.36 41.19
N ASN A 12 -8.06 12.12 40.35
CA ASN A 12 -9.14 13.09 40.16
C ASN A 12 -10.43 12.34 39.87
N ASN A 13 -11.44 13.08 39.40
CA ASN A 13 -12.76 12.54 39.13
C ASN A 13 -12.96 12.12 37.69
N SER A 14 -11.89 12.05 36.90
CA SER A 14 -12.00 11.68 35.50
C SER A 14 -12.51 10.24 35.37
N THR A 15 -13.45 10.04 34.45
CA THR A 15 -13.93 8.71 34.10
C THR A 15 -13.44 8.26 32.74
N GLU A 16 -12.52 9.00 32.13
CA GLU A 16 -11.98 8.63 30.83
C GLU A 16 -11.26 7.29 30.91
N GLN A 17 -11.41 6.47 29.86
CA GLN A 17 -10.84 5.14 29.82
C GLN A 17 -9.94 5.00 28.60
N VAL A 18 -8.84 4.25 28.77
CA VAL A 18 -7.93 3.92 27.69
C VAL A 18 -7.69 2.41 27.72
N ASP A 19 -7.08 1.92 26.64
CA ASP A 19 -6.73 0.51 26.52
C ASP A 19 -5.23 0.37 26.36
N THR A 20 -4.67 -0.63 27.01
CA THR A 20 -3.27 -1.00 26.85
C THR A 20 -3.19 -2.38 26.20
N ILE A 21 -1.96 -2.77 25.84
CA ILE A 21 -1.77 -4.06 25.19
C ILE A 21 -2.09 -5.21 26.15
N MET A 22 -1.95 -4.98 27.46
CA MET A 22 -2.24 -6.02 28.45
C MET A 22 -3.56 -5.82 29.18
N GLU A 23 -4.02 -4.58 29.33
CA GLU A 23 -5.22 -4.28 30.11
C GLU A 23 -6.18 -3.46 29.27
N LYS A 24 -7.47 -3.73 29.42
CA LYS A 24 -8.52 -3.01 28.74
C LYS A 24 -9.38 -2.26 29.76
N ASN A 25 -9.91 -1.12 29.33
CA ASN A 25 -10.77 -0.28 30.17
C ASN A 25 -10.04 0.15 31.45
N VAL A 26 -8.96 0.92 31.26
CA VAL A 26 -8.16 1.43 32.36
C VAL A 26 -8.48 2.91 32.53
N THR A 27 -8.95 3.28 33.72
CA THR A 27 -9.33 4.66 33.99
C THR A 27 -8.08 5.51 34.24
N VAL A 28 -7.95 6.59 33.49
CA VAL A 28 -6.80 7.49 33.60
C VAL A 28 -7.29 8.87 33.99
N THR A 29 -6.36 9.67 34.52
CA THR A 29 -6.70 11.02 34.95
C THR A 29 -6.87 11.97 33.77
N HIS A 30 -6.12 11.75 32.68
CA HIS A 30 -6.22 12.61 31.51
C HIS A 30 -6.00 11.75 30.26
N ALA A 31 -6.71 12.09 29.19
CA ALA A 31 -6.62 11.34 27.95
C ALA A 31 -6.80 12.28 26.77
N GLN A 32 -6.22 11.89 25.62
CA GLN A 32 -6.29 12.69 24.41
C GLN A 32 -6.63 11.79 23.24
N ASP A 33 -7.55 12.25 22.39
CA ASP A 33 -7.93 11.54 21.18
C ASP A 33 -7.13 12.06 20.00
N ILE A 34 -6.68 11.13 19.15
CA ILE A 34 -5.93 11.50 17.94
C ILE A 34 -6.67 11.09 16.68
N LEU A 35 -7.97 10.82 16.79
CA LEU A 35 -8.81 10.45 15.65
C LEU A 35 -9.84 11.55 15.41
N GLU A 36 -9.88 12.05 14.18
CA GLU A 36 -10.81 13.13 13.84
C GLU A 36 -12.18 12.55 13.51
N LYS A 37 -13.22 13.15 14.08
CA LYS A 37 -14.59 12.66 13.93
C LYS A 37 -15.59 13.77 13.61
N THR A 38 -15.14 14.99 13.36
CA THR A 38 -16.02 16.13 13.20
C THR A 38 -15.77 16.83 11.87
N HIS A 39 -16.86 17.27 11.23
CA HIS A 39 -16.80 18.01 9.99
C HIS A 39 -17.87 19.09 10.02
N ASN A 40 -17.68 20.12 9.18
CA ASN A 40 -18.62 21.23 9.15
C ASN A 40 -19.84 20.94 8.27
N GLY A 41 -19.86 19.84 7.55
CA GLY A 41 -21.00 19.48 6.73
C GLY A 41 -21.30 20.46 5.62
N ARG A 42 -20.26 20.95 4.95
CA ARG A 42 -20.42 21.94 3.89
C ARG A 42 -19.35 21.73 2.83
N LEU A 43 -19.60 22.25 1.64
CA LEU A 43 -18.60 22.28 0.57
C LEU A 43 -17.85 23.60 0.65
N CYS A 44 -16.53 23.53 0.79
CA CYS A 44 -15.69 24.70 0.98
C CYS A 44 -14.79 24.90 -0.23
N ASP A 45 -14.10 26.04 -0.23
CA ASP A 45 -13.01 26.25 -1.17
C ASP A 45 -11.82 25.39 -0.77
N LEU A 46 -10.98 25.08 -1.76
CA LEU A 46 -9.76 24.33 -1.52
C LEU A 46 -8.58 25.27 -1.72
N ASN A 47 -7.93 25.65 -0.63
CA ASN A 47 -6.78 26.56 -0.63
C ASN A 47 -7.12 27.88 -1.32
N GLY A 48 -8.31 28.41 -1.02
CA GLY A 48 -8.71 29.70 -1.51
C GLY A 48 -9.35 29.71 -2.88
N VAL A 49 -9.48 28.55 -3.54
CA VAL A 49 -10.07 28.46 -4.87
C VAL A 49 -11.42 27.76 -4.73
N LYS A 50 -12.46 28.41 -5.25
CA LYS A 50 -13.81 27.86 -5.14
C LYS A 50 -13.97 26.64 -6.05
N PRO A 51 -14.83 25.71 -5.69
CA PRO A 51 -15.10 24.57 -6.56
C PRO A 51 -16.12 24.92 -7.64
N LEU A 52 -16.15 24.08 -8.67
CA LEU A 52 -17.18 24.15 -9.70
C LEU A 52 -18.32 23.24 -9.29
N ILE A 53 -19.48 23.82 -8.99
CA ILE A 53 -20.65 23.07 -8.56
C ILE A 53 -21.64 23.04 -9.71
N LEU A 54 -21.86 21.84 -10.25
CA LEU A 54 -22.87 21.62 -11.28
C LEU A 54 -24.16 21.23 -10.57
N LYS A 55 -25.10 22.18 -10.46
CA LYS A 55 -26.27 21.99 -9.62
C LYS A 55 -27.10 20.81 -10.08
N ASP A 56 -27.39 20.72 -11.39
CA ASP A 56 -28.24 19.65 -11.89
C ASP A 56 -27.73 19.09 -13.22
N CYS A 57 -26.46 19.29 -13.54
CA CYS A 57 -25.91 18.90 -14.83
C CYS A 57 -24.68 18.05 -14.64
N SER A 58 -24.39 17.23 -15.66
CA SER A 58 -23.14 16.50 -15.73
C SER A 58 -22.09 17.35 -16.44
N VAL A 59 -20.86 16.84 -16.47
CA VAL A 59 -19.79 17.54 -17.16
C VAL A 59 -20.08 17.61 -18.66
N ALA A 60 -20.54 16.49 -19.23
CA ALA A 60 -20.88 16.47 -20.65
C ALA A 60 -22.01 17.43 -20.97
N GLY A 61 -23.07 17.44 -20.16
CA GLY A 61 -24.18 18.34 -20.39
C GLY A 61 -23.79 19.80 -20.25
N TRP A 62 -22.92 20.10 -19.27
CA TRP A 62 -22.47 21.47 -19.08
C TRP A 62 -21.54 21.91 -20.20
N LEU A 63 -20.67 21.01 -20.67
CA LEU A 63 -19.70 21.38 -21.71
C LEU A 63 -20.39 21.66 -23.03
N LEU A 64 -21.28 20.76 -23.47
CA LEU A 64 -21.94 20.93 -24.77
C LEU A 64 -23.04 21.98 -24.74
N GLY A 65 -23.56 22.31 -23.57
CA GLY A 65 -24.59 23.33 -23.49
C GLY A 65 -26.01 22.80 -23.55
N ASN A 66 -26.34 21.84 -22.69
CA ASN A 66 -27.71 21.38 -22.57
C ASN A 66 -28.60 22.57 -22.23
N PRO A 67 -29.70 22.80 -22.97
CA PRO A 67 -30.54 23.98 -22.70
C PRO A 67 -31.11 24.01 -21.29
N MET A 68 -31.15 22.88 -20.59
CA MET A 68 -31.65 22.83 -19.23
C MET A 68 -30.58 23.15 -18.18
N CYS A 69 -29.36 23.49 -18.61
CA CYS A 69 -28.30 23.88 -17.70
C CYS A 69 -28.32 25.40 -17.50
N ASP A 70 -27.25 25.94 -16.91
CA ASP A 70 -27.22 27.32 -16.45
C ASP A 70 -26.55 28.28 -17.43
N GLU A 71 -26.64 27.99 -18.73
CA GLU A 71 -25.97 28.79 -19.76
C GLU A 71 -24.46 28.80 -19.52
N PHE A 72 -23.94 29.83 -18.87
CA PHE A 72 -22.53 29.92 -18.52
C PHE A 72 -22.42 30.58 -17.15
N ILE A 73 -21.20 30.60 -16.63
CA ILE A 73 -20.92 31.04 -15.27
C ILE A 73 -19.63 31.84 -15.23
N ARG A 74 -19.53 32.72 -14.24
CA ARG A 74 -18.33 33.54 -14.05
C ARG A 74 -17.36 32.91 -13.05
N VAL A 75 -16.99 31.65 -13.29
CA VAL A 75 -15.95 30.99 -12.53
C VAL A 75 -14.83 30.61 -13.50
N PRO A 76 -13.77 31.42 -13.59
CA PRO A 76 -12.65 31.11 -14.47
C PRO A 76 -11.62 30.17 -13.87
N GLU A 77 -11.83 29.70 -12.64
CA GLU A 77 -10.84 28.90 -11.93
C GLU A 77 -11.55 28.05 -10.89
N TRP A 78 -11.16 26.78 -10.80
CA TRP A 78 -11.70 25.92 -9.77
C TRP A 78 -10.67 24.88 -9.36
N SER A 79 -10.80 24.40 -8.13
CA SER A 79 -9.92 23.37 -7.60
C SER A 79 -10.45 21.96 -7.82
N TYR A 80 -11.77 21.80 -7.81
CA TYR A 80 -12.39 20.49 -8.05
C TYR A 80 -13.82 20.72 -8.51
N ILE A 81 -14.43 19.65 -9.02
CA ILE A 81 -15.76 19.70 -9.61
C ILE A 81 -16.72 18.89 -8.75
N VAL A 82 -17.90 19.45 -8.49
CA VAL A 82 -18.92 18.81 -7.67
C VAL A 82 -20.06 18.37 -8.58
N GLU A 83 -20.48 17.11 -8.45
CA GLU A 83 -21.61 16.55 -9.17
C GLU A 83 -22.55 15.87 -8.18
N ARG A 84 -23.84 15.88 -8.51
CA ARG A 84 -24.78 15.08 -7.73
C ARG A 84 -24.63 13.61 -8.10
N THR A 85 -25.16 12.74 -7.22
CA THR A 85 -24.99 11.31 -7.41
C THR A 85 -25.62 10.85 -8.72
N ASN A 86 -26.83 11.32 -9.02
CA ASN A 86 -27.53 11.00 -10.27
C ASN A 86 -27.95 12.30 -10.92
N PRO A 87 -27.06 12.93 -11.68
CA PRO A 87 -27.42 14.20 -12.33
C PRO A 87 -28.60 14.03 -13.27
N ALA A 88 -29.50 15.01 -13.25
CA ALA A 88 -30.69 14.95 -14.08
C ALA A 88 -30.41 15.30 -15.53
N ASN A 89 -29.45 16.19 -15.78
CA ASN A 89 -29.19 16.71 -17.12
C ASN A 89 -27.85 16.19 -17.63
N ASP A 90 -27.88 15.61 -18.83
CA ASP A 90 -26.73 15.06 -19.52
C ASP A 90 -26.99 15.28 -21.02
N LEU A 91 -26.32 14.51 -21.86
CA LEU A 91 -26.65 14.54 -23.28
C LEU A 91 -28.16 14.37 -23.45
N CYS A 92 -28.81 15.44 -23.87
CA CYS A 92 -30.26 15.43 -24.01
C CYS A 92 -30.70 14.71 -25.29
N TYR A 93 -30.01 14.94 -26.40
CA TYR A 93 -30.12 14.03 -27.52
C TYR A 93 -29.25 12.80 -27.26
N PRO A 94 -29.79 11.59 -27.35
CA PRO A 94 -29.02 10.40 -26.95
C PRO A 94 -27.75 10.26 -27.79
N GLY A 95 -26.70 9.77 -27.14
CA GLY A 95 -25.41 9.62 -27.79
C GLY A 95 -24.32 9.35 -26.79
N ASN A 96 -23.08 9.59 -27.21
CA ASN A 96 -21.92 9.35 -26.36
C ASN A 96 -20.94 10.49 -26.51
N LEU A 97 -20.10 10.66 -25.48
CA LEU A 97 -18.99 11.59 -25.51
C LEU A 97 -17.70 10.77 -25.38
N ASN A 98 -16.83 10.90 -26.37
CA ASN A 98 -15.60 10.09 -26.38
C ASN A 98 -14.64 10.56 -25.30
N ASP A 99 -13.96 9.60 -24.66
CA ASP A 99 -13.00 9.86 -23.60
C ASP A 99 -13.60 10.73 -22.51
N TYR A 100 -14.86 10.43 -22.15
CA TYR A 100 -15.59 11.26 -21.20
C TYR A 100 -14.92 11.27 -19.83
N GLU A 101 -14.48 10.11 -19.36
CA GLU A 101 -13.86 10.03 -18.04
C GLU A 101 -12.49 10.68 -18.04
N GLU A 102 -11.70 10.50 -19.11
CA GLU A 102 -10.43 11.19 -19.22
C GLU A 102 -10.62 12.70 -19.33
N LEU A 103 -11.64 13.12 -20.09
CA LEU A 103 -11.94 14.55 -20.19
C LEU A 103 -12.37 15.12 -18.84
N LYS A 104 -13.14 14.35 -18.07
CA LYS A 104 -13.54 14.80 -16.74
C LYS A 104 -12.33 15.00 -15.83
N HIS A 105 -11.34 14.10 -15.92
CA HIS A 105 -10.13 14.25 -15.14
C HIS A 105 -9.31 15.46 -15.59
N LEU A 106 -9.33 15.76 -16.89
CA LEU A 106 -8.58 16.91 -17.39
C LEU A 106 -9.14 18.22 -16.85
N LEU A 107 -10.46 18.32 -16.73
CA LEU A 107 -11.13 19.52 -16.26
C LEU A 107 -11.33 19.54 -14.76
N SER A 108 -10.79 18.56 -14.03
CA SER A 108 -11.00 18.50 -12.59
C SER A 108 -10.45 19.73 -11.89
N ARG A 109 -9.25 20.17 -12.27
CA ARG A 109 -8.66 21.40 -11.74
C ARG A 109 -8.20 22.25 -12.91
N ILE A 110 -8.70 23.48 -12.98
CA ILE A 110 -8.45 24.36 -14.11
C ILE A 110 -8.02 25.73 -13.58
N ASN A 111 -6.93 26.27 -14.12
CA ASN A 111 -6.48 27.60 -13.75
C ASN A 111 -7.32 28.68 -14.43
N HIS A 112 -7.43 28.63 -15.76
CA HIS A 112 -8.20 29.62 -16.51
C HIS A 112 -9.18 28.90 -17.43
N PHE A 113 -10.43 29.33 -17.42
CA PHE A 113 -11.47 28.78 -18.27
C PHE A 113 -12.30 29.93 -18.85
N GLU A 114 -12.48 29.91 -20.17
CA GLU A 114 -13.23 30.98 -20.84
C GLU A 114 -13.88 30.42 -22.09
N LYS A 115 -15.20 30.64 -22.21
CA LYS A 115 -15.93 30.27 -23.42
C LYS A 115 -15.61 31.26 -24.52
N THR A 116 -15.31 30.75 -25.72
CA THR A 116 -14.95 31.59 -26.85
C THR A 116 -15.74 31.15 -28.08
N LEU A 117 -16.35 32.12 -28.75
CA LEU A 117 -17.06 31.86 -29.99
C LEU A 117 -16.04 31.81 -31.12
N ILE A 118 -15.83 30.62 -31.68
CA ILE A 118 -14.80 30.43 -32.69
C ILE A 118 -15.37 30.30 -34.09
N ILE A 119 -16.56 29.72 -34.25
CA ILE A 119 -17.22 29.64 -35.56
C ILE A 119 -18.66 30.10 -35.38
N PRO A 120 -18.99 31.33 -35.77
CA PRO A 120 -20.38 31.78 -35.69
C PRO A 120 -21.22 31.14 -36.78
N LYS A 121 -22.54 31.17 -36.56
CA LYS A 121 -23.48 30.58 -37.53
C LYS A 121 -23.42 31.29 -38.89
N SER A 122 -22.96 32.55 -38.92
CA SER A 122 -22.81 33.25 -40.20
C SER A 122 -21.74 32.61 -41.09
N SER A 123 -20.86 31.79 -40.52
CA SER A 123 -19.85 31.08 -41.29
C SER A 123 -20.40 29.87 -42.04
N TRP A 124 -21.72 29.71 -42.08
CA TRP A 124 -22.38 28.60 -42.77
C TRP A 124 -23.43 29.16 -43.71
N PRO A 125 -23.02 29.78 -44.82
CA PRO A 125 -24.00 30.39 -45.72
C PRO A 125 -24.77 29.39 -46.56
N ASN A 126 -24.16 28.25 -46.90
CA ASN A 126 -24.79 27.28 -47.79
C ASN A 126 -25.53 26.17 -47.04
N HIS A 127 -25.58 26.24 -45.71
CA HIS A 127 -26.22 25.20 -44.91
C HIS A 127 -27.16 25.82 -43.89
N GLU A 128 -28.17 25.04 -43.49
CA GLU A 128 -29.12 25.49 -42.48
C GLU A 128 -28.56 25.22 -41.08
N THR A 129 -28.66 26.23 -40.21
CA THR A 129 -28.08 26.16 -38.87
C THR A 129 -29.14 26.25 -37.77
N SER A 130 -30.40 25.98 -38.10
CA SER A 130 -31.50 26.14 -37.14
C SER A 130 -31.96 24.82 -36.55
N GLY A 131 -31.16 23.76 -36.68
CA GLY A 131 -31.54 22.45 -36.21
C GLY A 131 -31.89 22.37 -34.74
N VAL A 132 -33.06 21.81 -34.44
CA VAL A 132 -33.55 21.66 -33.07
C VAL A 132 -34.23 20.31 -32.95
N SER A 133 -34.49 19.89 -31.72
CA SER A 133 -35.10 18.60 -31.47
C SER A 133 -35.92 18.65 -30.19
N ALA A 134 -36.92 17.77 -30.12
CA ALA A 134 -37.76 17.68 -28.92
C ALA A 134 -37.04 17.01 -27.76
N ALA A 135 -35.98 16.24 -28.03
CA ALA A 135 -35.19 15.63 -26.96
C ALA A 135 -34.34 16.65 -26.22
N CYS A 136 -34.27 17.89 -26.70
CA CYS A 136 -33.47 18.95 -26.07
C CYS A 136 -34.36 20.17 -25.82
N PRO A 137 -35.37 20.04 -24.98
CA PRO A 137 -36.34 21.13 -24.82
C PRO A 137 -35.79 22.27 -23.98
N TYR A 138 -36.28 23.48 -24.30
CA TYR A 138 -35.98 24.68 -23.53
C TYR A 138 -37.29 25.40 -23.26
N GLN A 139 -37.70 25.43 -21.99
CA GLN A 139 -38.98 26.01 -21.59
C GLN A 139 -40.14 25.37 -22.35
N GLY A 140 -40.04 24.06 -22.58
CA GLY A 140 -41.06 23.33 -23.29
C GLY A 140 -40.97 23.40 -24.80
N VAL A 141 -39.99 24.13 -25.34
CA VAL A 141 -39.86 24.30 -26.79
C VAL A 141 -38.66 23.51 -27.28
N PRO A 142 -38.75 22.82 -28.42
CA PRO A 142 -37.57 22.13 -28.95
C PRO A 142 -36.40 23.08 -29.15
N SER A 143 -35.22 22.64 -28.74
CA SER A 143 -34.01 23.45 -28.78
C SER A 143 -32.84 22.52 -29.10
N PHE A 144 -31.62 23.02 -28.90
CA PHE A 144 -30.42 22.24 -29.16
C PHE A 144 -29.32 22.70 -28.20
N PHE A 145 -28.18 22.02 -28.28
CA PHE A 145 -27.01 22.43 -27.51
C PHE A 145 -26.61 23.85 -27.89
N ARG A 146 -26.23 24.63 -26.89
CA ARG A 146 -25.94 26.05 -27.09
C ARG A 146 -24.52 26.31 -27.60
N ASN A 147 -23.68 25.28 -27.72
CA ASN A 147 -22.31 25.46 -28.16
C ASN A 147 -21.97 24.67 -29.41
N VAL A 148 -22.92 23.93 -29.97
CA VAL A 148 -22.69 23.16 -31.19
C VAL A 148 -23.97 23.18 -32.01
N VAL A 149 -23.84 23.33 -33.32
CA VAL A 149 -24.96 23.64 -34.21
C VAL A 149 -25.23 22.45 -35.11
N TRP A 150 -26.52 22.10 -35.25
CA TRP A 150 -26.96 21.02 -36.12
C TRP A 150 -27.00 21.52 -37.56
N LEU A 151 -25.94 21.24 -38.30
CA LEU A 151 -25.90 21.60 -39.71
C LEU A 151 -26.80 20.66 -40.51
N THR A 152 -27.68 21.23 -41.33
CA THR A 152 -28.59 20.45 -42.15
C THR A 152 -28.70 21.07 -43.53
N LYS A 153 -29.35 20.36 -44.44
CA LYS A 153 -29.42 20.77 -45.83
C LYS A 153 -30.23 22.05 -45.99
N LYS A 154 -29.88 22.82 -47.02
CA LYS A 154 -30.61 24.04 -47.37
C LYS A 154 -30.74 24.11 -48.88
N ASN A 155 -31.94 24.45 -49.36
CA ASN A 155 -32.23 24.52 -50.79
C ASN A 155 -31.90 23.21 -51.50
N ASP A 156 -32.19 22.09 -50.84
CA ASP A 156 -31.97 20.75 -51.40
C ASP A 156 -30.50 20.54 -51.79
N ALA A 157 -29.59 20.96 -50.91
CA ALA A 157 -28.17 20.81 -51.18
C ALA A 157 -27.39 20.85 -49.87
N TYR A 158 -26.34 20.04 -49.79
CA TYR A 158 -25.38 20.05 -48.70
C TYR A 158 -23.98 20.09 -49.31
N PRO A 159 -23.49 21.26 -49.67
CA PRO A 159 -22.15 21.35 -50.27
C PRO A 159 -21.07 20.86 -49.31
N THR A 160 -20.03 20.25 -49.89
CA THR A 160 -18.92 19.75 -49.10
C THR A 160 -18.25 20.88 -48.34
N ILE A 161 -18.00 20.65 -47.06
CA ILE A 161 -17.43 21.66 -46.16
C ILE A 161 -15.93 21.47 -46.08
N LYS A 162 -15.19 22.54 -46.36
CA LYS A 162 -13.74 22.59 -46.12
C LYS A 162 -13.51 23.83 -45.25
N MET A 163 -13.37 23.61 -43.94
CA MET A 163 -13.26 24.68 -42.98
C MET A 163 -12.04 24.44 -42.09
N SER A 164 -11.32 25.51 -41.79
CA SER A 164 -10.18 25.46 -40.89
C SER A 164 -10.22 26.66 -39.96
N TYR A 165 -9.94 26.41 -38.68
CA TYR A 165 -9.86 27.46 -37.67
C TYR A 165 -8.47 27.45 -37.04
N ASN A 166 -7.79 28.58 -37.08
CA ASN A 166 -6.48 28.74 -36.47
C ASN A 166 -6.64 29.29 -35.06
N ASN A 167 -5.89 28.73 -34.12
CA ASN A 167 -5.96 29.14 -32.72
C ASN A 167 -5.10 30.37 -32.51
N THR A 168 -5.74 31.54 -32.63
CA THR A 168 -5.04 32.81 -32.45
C THR A 168 -4.90 33.21 -31.00
N ASN A 169 -5.64 32.58 -30.08
CA ASN A 169 -5.51 32.89 -28.67
C ASN A 169 -4.19 32.36 -28.11
N GLY A 170 -3.76 32.96 -27.01
CA GLY A 170 -2.54 32.56 -26.35
C GLY A 170 -2.66 31.36 -25.44
N GLU A 171 -3.86 30.80 -25.31
CA GLU A 171 -4.11 29.66 -24.43
C GLU A 171 -4.55 28.45 -25.25
N ASP A 172 -4.51 27.29 -24.61
CA ASP A 172 -5.01 26.07 -25.22
C ASP A 172 -6.52 26.15 -25.40
N LEU A 173 -7.02 25.50 -26.46
CA LEU A 173 -8.43 25.55 -26.80
C LEU A 173 -9.01 24.15 -26.81
N LEU A 174 -10.13 23.97 -26.10
CA LEU A 174 -10.87 22.72 -26.08
C LEU A 174 -12.07 22.85 -27.01
N ILE A 175 -12.13 22.00 -28.02
CA ILE A 175 -13.14 22.07 -29.07
C ILE A 175 -13.97 20.79 -29.06
N LEU A 176 -15.28 20.94 -29.23
CA LEU A 176 -16.20 19.81 -29.26
C LEU A 176 -16.97 19.78 -30.58
N TRP A 177 -17.12 18.58 -31.13
CA TRP A 177 -17.90 18.38 -32.34
C TRP A 177 -18.46 16.97 -32.32
N GLY A 178 -19.50 16.74 -33.13
CA GLY A 178 -20.19 15.47 -33.11
C GLY A 178 -20.63 15.03 -34.50
N ILE A 179 -21.07 13.78 -34.57
CA ILE A 179 -21.64 13.19 -35.78
C ILE A 179 -23.01 12.64 -35.42
N HIS A 180 -23.92 12.65 -36.39
CA HIS A 180 -25.29 12.22 -36.19
C HIS A 180 -25.54 10.91 -36.94
N HIS A 181 -26.10 9.93 -36.24
CA HIS A 181 -26.47 8.65 -36.84
C HIS A 181 -27.97 8.62 -37.07
N SER A 182 -28.37 8.34 -38.31
CA SER A 182 -29.78 8.32 -38.67
C SER A 182 -30.36 6.93 -38.47
N ASN A 183 -31.67 6.80 -38.71
CA ASN A 183 -32.38 5.55 -38.52
C ASN A 183 -32.84 4.89 -39.82
N ASN A 184 -32.88 5.64 -40.92
CA ASN A 184 -33.34 5.10 -42.19
C ASN A 184 -32.77 5.95 -43.32
N ALA A 185 -32.86 5.41 -44.53
CA ALA A 185 -32.36 6.14 -45.70
C ALA A 185 -33.15 7.41 -45.94
N ALA A 186 -34.47 7.37 -45.73
CA ALA A 186 -35.29 8.56 -45.96
C ALA A 186 -34.90 9.70 -45.04
N GLU A 187 -34.62 9.40 -43.77
CA GLU A 187 -34.22 10.43 -42.83
C GLU A 187 -32.91 11.09 -43.24
N GLN A 188 -31.95 10.30 -43.72
CA GLN A 188 -30.67 10.86 -44.14
C GLN A 188 -30.82 11.81 -45.31
N ILE A 189 -31.59 11.40 -46.33
CA ILE A 189 -31.82 12.27 -47.48
C ILE A 189 -32.69 13.47 -47.08
N ASN A 190 -33.60 13.28 -46.13
CA ASN A 190 -34.41 14.39 -45.62
C ASN A 190 -33.52 15.46 -45.01
N LEU A 191 -32.58 15.06 -44.16
CA LEU A 191 -31.83 16.03 -43.37
C LEU A 191 -30.57 16.54 -44.06
N TYR A 192 -29.88 15.69 -44.82
CA TYR A 192 -28.60 16.06 -45.41
C TYR A 192 -28.51 15.79 -46.90
N LYS A 193 -29.60 15.36 -47.54
CA LYS A 193 -29.63 15.08 -48.98
C LYS A 193 -28.67 13.95 -49.36
N ASN A 194 -27.38 14.15 -49.16
CA ASN A 194 -26.38 13.18 -49.59
C ASN A 194 -26.51 11.88 -48.81
N PRO A 195 -26.71 10.74 -49.48
CA PRO A 195 -26.91 9.48 -48.72
C PRO A 195 -25.66 8.98 -48.03
N THR A 196 -24.49 9.07 -48.66
CA THR A 196 -23.24 8.59 -48.10
C THR A 196 -22.43 9.78 -47.58
N THR A 197 -22.10 9.76 -46.29
CA THR A 197 -21.51 10.91 -45.64
C THR A 197 -20.34 10.47 -44.76
N TYR A 198 -19.58 11.46 -44.30
CA TYR A 198 -18.44 11.24 -43.41
C TYR A 198 -18.10 12.56 -42.74
N VAL A 199 -17.33 12.47 -41.66
CA VAL A 199 -16.77 13.65 -40.99
C VAL A 199 -15.27 13.44 -40.87
N SER A 200 -14.50 14.39 -41.39
CA SER A 200 -13.05 14.32 -41.38
C SER A 200 -12.51 15.51 -40.60
N VAL A 201 -11.79 15.22 -39.51
CA VAL A 201 -11.20 16.23 -38.65
C VAL A 201 -9.70 16.00 -38.60
N GLY A 202 -8.93 17.07 -38.80
CA GLY A 202 -7.49 16.96 -38.82
C GLY A 202 -6.77 18.11 -38.14
N THR A 203 -5.75 17.78 -37.35
CA THR A 203 -4.91 18.76 -36.68
C THR A 203 -3.47 18.29 -36.83
N SER A 204 -2.57 18.88 -36.03
CA SER A 204 -1.17 18.45 -36.04
C SER A 204 -1.05 16.99 -35.59
N THR A 205 -1.85 16.59 -34.60
CA THR A 205 -1.81 15.23 -34.08
C THR A 205 -3.06 14.42 -34.40
N LEU A 206 -4.20 15.07 -34.59
CA LEU A 206 -5.47 14.37 -34.78
C LEU A 206 -5.68 14.04 -36.26
N ASN A 207 -6.16 12.81 -36.51
CA ASN A 207 -6.50 12.38 -37.87
C ASN A 207 -7.70 11.45 -37.75
N GLN A 208 -8.90 12.00 -37.93
CA GLN A 208 -10.14 11.28 -37.68
C GLN A 208 -10.99 11.23 -38.94
N ARG A 209 -11.72 10.12 -39.09
CA ARG A 209 -12.65 9.94 -40.20
C ARG A 209 -13.79 9.06 -39.70
N LEU A 210 -14.90 9.69 -39.33
CA LEU A 210 -16.07 8.98 -38.81
C LEU A 210 -17.11 8.82 -39.92
N VAL A 211 -17.80 7.69 -39.91
CA VAL A 211 -18.83 7.36 -40.88
C VAL A 211 -20.12 7.10 -40.11
N PRO A 212 -21.24 7.71 -40.49
CA PRO A 212 -22.50 7.45 -39.77
C PRO A 212 -22.92 6.00 -39.91
N LYS A 213 -23.56 5.49 -38.86
CA LYS A 213 -24.07 4.13 -38.81
C LYS A 213 -25.59 4.20 -38.81
N ILE A 214 -26.21 3.88 -39.94
CA ILE A 214 -27.65 3.98 -40.11
C ILE A 214 -28.27 2.62 -39.79
N ALA A 215 -29.03 2.55 -38.70
CA ALA A 215 -29.58 1.26 -38.28
C ALA A 215 -30.74 1.50 -37.33
N THR A 216 -31.52 0.44 -37.13
CA THR A 216 -32.63 0.49 -36.19
C THR A 216 -32.10 0.44 -34.77
N ARG A 217 -32.51 1.41 -33.95
CA ARG A 217 -32.08 1.52 -32.57
C ARG A 217 -33.28 1.78 -31.67
N SER A 218 -33.13 1.42 -30.40
CA SER A 218 -34.17 1.70 -29.42
C SER A 218 -34.21 3.20 -29.11
N GLN A 219 -35.39 3.68 -28.74
CA GLN A 219 -35.59 5.09 -28.51
C GLN A 219 -35.07 5.49 -27.13
N VAL A 220 -34.33 6.59 -27.07
CA VAL A 220 -33.90 7.21 -25.82
C VAL A 220 -34.29 8.68 -25.90
N ASN A 221 -35.04 9.15 -24.90
CA ASN A 221 -35.63 10.50 -24.93
C ASN A 221 -36.49 10.71 -26.18
N GLY A 222 -37.05 9.61 -26.70
CA GLY A 222 -37.92 9.66 -27.85
C GLY A 222 -37.24 9.51 -29.19
N GLN A 223 -35.93 9.72 -29.26
CA GLN A 223 -35.20 9.74 -30.53
C GLN A 223 -34.45 8.43 -30.69
N GLN A 224 -34.73 7.71 -31.78
CA GLN A 224 -33.91 6.55 -32.12
C GLN A 224 -32.54 6.95 -32.64
N GLY A 225 -32.38 8.19 -33.07
CA GLY A 225 -31.10 8.66 -33.54
C GLY A 225 -30.10 8.84 -32.41
N ARG A 226 -28.83 8.93 -32.78
CA ARG A 226 -27.76 9.08 -31.82
C ARG A 226 -26.80 10.16 -32.31
N MET A 227 -26.09 10.78 -31.37
CA MET A 227 -25.10 11.80 -31.69
C MET A 227 -23.87 11.56 -30.84
N ASP A 228 -22.79 11.08 -31.47
CA ASP A 228 -21.54 10.80 -30.79
C ASP A 228 -20.62 12.01 -30.93
N PHE A 229 -20.20 12.56 -29.79
CA PHE A 229 -19.37 13.75 -29.76
C PHE A 229 -17.90 13.38 -29.51
N PHE A 230 -17.02 14.28 -29.95
CA PHE A 230 -15.58 14.10 -29.81
C PHE A 230 -14.96 15.43 -29.41
N TRP A 231 -13.72 15.35 -28.89
CA TRP A 231 -13.05 16.55 -28.41
C TRP A 231 -11.55 16.43 -28.66
N THR A 232 -10.87 17.57 -28.61
CA THR A 232 -9.43 17.63 -28.72
C THR A 232 -8.95 18.94 -28.10
N ILE A 233 -7.64 19.01 -27.85
CA ILE A 233 -7.02 20.20 -27.30
C ILE A 233 -6.18 20.84 -28.40
N LEU A 234 -6.65 21.97 -28.92
CA LEU A 234 -5.98 22.67 -30.00
C LEU A 234 -4.87 23.54 -29.40
N LYS A 235 -3.62 23.18 -29.68
CA LYS A 235 -2.50 23.93 -29.16
C LYS A 235 -2.42 25.31 -29.81
N PRO A 236 -1.78 26.28 -29.15
CA PRO A 236 -1.67 27.62 -29.73
C PRO A 236 -0.96 27.59 -31.08
N ASN A 237 -1.44 28.42 -32.00
CA ASN A 237 -0.94 28.52 -33.37
C ASN A 237 -1.12 27.22 -34.16
N ASP A 238 -2.09 26.41 -33.77
CA ASP A 238 -2.43 25.18 -34.49
C ASP A 238 -3.85 25.31 -35.03
N ALA A 239 -4.06 24.78 -36.23
CA ALA A 239 -5.35 24.88 -36.91
C ALA A 239 -6.01 23.51 -37.00
N ILE A 240 -7.33 23.48 -36.85
CA ILE A 240 -8.13 22.28 -36.96
C ILE A 240 -8.90 22.34 -38.27
N HIS A 241 -8.84 21.25 -39.05
CA HIS A 241 -9.42 21.21 -40.39
C HIS A 241 -10.62 20.28 -40.39
N PHE A 242 -11.81 20.85 -40.53
CA PHE A 242 -13.03 20.08 -40.65
C PHE A 242 -13.36 19.84 -42.12
N GLU A 243 -13.86 18.65 -42.42
CA GLU A 243 -14.22 18.29 -43.80
C GLU A 243 -15.34 17.27 -43.74
N SER A 244 -16.55 17.69 -44.10
CA SER A 244 -17.71 16.82 -44.01
C SER A 244 -18.70 17.19 -45.11
N ASN A 245 -19.58 16.23 -45.42
CA ASN A 245 -20.65 16.45 -46.38
C ASN A 245 -22.00 16.01 -45.82
N GLY A 246 -22.15 15.98 -44.52
CA GLY A 246 -23.40 15.63 -43.89
C GLY A 246 -23.18 14.99 -42.53
N ASN A 247 -24.25 14.95 -41.74
CA ASN A 247 -24.26 14.37 -40.39
C ASN A 247 -23.25 15.03 -39.46
N PHE A 248 -22.84 16.25 -39.76
CA PHE A 248 -21.83 16.96 -38.98
C PHE A 248 -22.49 17.93 -38.02
N ILE A 249 -22.15 17.83 -36.74
CA ILE A 249 -22.62 18.77 -35.72
C ILE A 249 -21.43 19.68 -35.44
N ALA A 250 -21.39 20.82 -36.12
CA ALA A 250 -20.21 21.68 -36.17
C ALA A 250 -20.05 22.46 -34.86
N PRO A 251 -18.82 22.60 -34.37
CA PRO A 251 -18.59 23.45 -33.19
C PRO A 251 -18.98 24.90 -33.46
N GLU A 252 -19.52 25.54 -32.44
CA GLU A 252 -19.81 26.97 -32.47
C GLU A 252 -19.06 27.74 -31.40
N TYR A 253 -18.99 27.20 -30.18
CA TYR A 253 -18.15 27.73 -29.12
C TYR A 253 -17.03 26.75 -28.81
N ALA A 254 -15.99 27.28 -28.14
CA ALA A 254 -14.89 26.46 -27.66
C ALA A 254 -14.52 26.98 -26.27
N TYR A 255 -13.40 26.51 -25.74
CA TYR A 255 -13.02 26.83 -24.36
C TYR A 255 -11.53 27.07 -24.26
N LYS A 256 -11.15 28.25 -23.77
CA LYS A 256 -9.77 28.53 -23.42
C LYS A 256 -9.45 27.84 -22.10
N ILE A 257 -8.44 26.95 -22.12
CA ILE A 257 -8.13 26.11 -20.98
C ILE A 257 -6.66 26.26 -20.63
N VAL A 258 -6.38 26.52 -19.36
CA VAL A 258 -5.02 26.51 -18.82
C VAL A 258 -5.02 25.57 -17.62
N LYS A 259 -4.17 24.55 -17.66
CA LYS A 259 -4.12 23.52 -16.64
C LYS A 259 -2.72 23.46 -16.03
N LYS A 260 -2.66 23.51 -14.69
CA LYS A 260 -1.40 23.33 -13.99
C LYS A 260 -1.54 22.45 -12.75
N GLY A 261 -2.73 21.91 -12.47
CA GLY A 261 -2.93 21.02 -11.35
C GLY A 261 -3.94 19.95 -11.69
N ASP A 262 -4.06 18.97 -10.80
CA ASP A 262 -4.95 17.84 -11.02
C ASP A 262 -5.82 17.61 -9.79
N SER A 263 -6.99 17.03 -10.01
CA SER A 263 -7.95 16.74 -8.96
C SER A 263 -8.86 15.62 -9.47
N THR A 264 -9.99 15.42 -8.80
CA THR A 264 -10.97 14.42 -9.19
C THR A 264 -12.36 15.05 -9.19
N ILE A 265 -13.35 14.24 -9.54
CA ILE A 265 -14.76 14.64 -9.51
C ILE A 265 -15.37 14.11 -8.21
N MET A 266 -15.95 15.01 -7.42
CA MET A 266 -16.56 14.66 -6.15
C MET A 266 -18.07 14.54 -6.30
N LYS A 267 -18.61 13.40 -5.90
CA LYS A 267 -20.06 13.14 -5.97
C LYS A 267 -20.65 13.45 -4.60
N SER A 268 -21.16 14.67 -4.45
CA SER A 268 -21.76 15.13 -3.21
C SER A 268 -23.09 15.78 -3.48
N GLU A 269 -24.05 15.58 -2.58
CA GLU A 269 -25.38 16.16 -2.68
C GLU A 269 -25.53 17.44 -1.86
N MET A 270 -24.45 17.93 -1.27
CA MET A 270 -24.49 19.11 -0.42
C MET A 270 -24.48 20.37 -1.28
N GLU A 271 -24.33 21.53 -0.65
CA GLU A 271 -24.28 22.81 -1.35
C GLU A 271 -23.14 23.65 -0.78
N TYR A 272 -22.84 24.74 -1.48
CA TYR A 272 -21.70 25.58 -1.14
C TYR A 272 -21.86 26.19 0.25
N GLY A 273 -20.74 26.32 0.96
CA GLY A 273 -20.78 26.78 2.34
C GLY A 273 -20.07 28.08 2.62
N HIS A 274 -19.47 28.70 1.60
CA HIS A 274 -18.74 29.96 1.74
C HIS A 274 -17.65 29.85 2.81
N CYS A 275 -16.85 28.79 2.69
CA CYS A 275 -15.84 28.45 3.67
C CYS A 275 -14.56 28.04 2.94
N ASN A 276 -13.50 27.80 3.72
CA ASN A 276 -12.21 27.39 3.18
C ASN A 276 -11.67 26.23 4.00
N THR A 277 -10.96 25.33 3.33
CA THR A 277 -10.41 24.15 4.00
C THR A 277 -9.26 23.58 3.19
N LYS A 278 -8.45 22.76 3.85
CA LYS A 278 -7.41 21.98 3.20
C LYS A 278 -7.83 20.53 2.96
N CYS A 279 -9.02 20.15 3.40
CA CYS A 279 -9.48 18.77 3.30
C CYS A 279 -10.98 18.77 3.09
N GLN A 280 -11.44 18.12 2.02
CA GLN A 280 -12.85 18.11 1.66
C GLN A 280 -13.34 16.68 1.49
N THR A 281 -14.52 16.39 2.03
CA THR A 281 -15.19 15.11 1.91
C THR A 281 -16.59 15.36 1.37
N PRO A 282 -17.22 14.33 0.78
CA PRO A 282 -18.58 14.53 0.22
C PRO A 282 -19.63 14.90 1.25
N ILE A 283 -19.34 14.79 2.55
CA ILE A 283 -20.30 15.12 3.59
C ILE A 283 -19.81 16.24 4.50
N GLY A 284 -18.67 16.85 4.19
CA GLY A 284 -18.19 17.96 4.97
C GLY A 284 -16.70 18.14 4.83
N ALA A 285 -16.22 19.24 5.43
CA ALA A 285 -14.81 19.61 5.40
C ALA A 285 -14.20 19.41 6.79
N ILE A 286 -12.88 19.19 6.81
CA ILE A 286 -12.15 18.87 8.02
C ILE A 286 -11.04 19.89 8.22
N ASN A 287 -10.95 20.44 9.43
CA ASN A 287 -9.73 21.06 9.93
C ASN A 287 -9.21 20.20 11.07
N SER A 288 -7.93 19.84 11.00
CA SER A 288 -7.34 18.93 11.97
C SER A 288 -5.86 18.80 11.70
N SER A 289 -5.11 18.59 12.80
CA SER A 289 -3.74 18.10 12.73
C SER A 289 -3.65 16.65 13.17
N MET A 290 -4.77 16.03 13.52
CA MET A 290 -4.76 14.64 13.97
C MET A 290 -4.36 13.72 12.81
N PRO A 291 -3.53 12.71 13.07
CA PRO A 291 -3.04 11.86 11.98
C PRO A 291 -4.11 10.95 11.37
N PHE A 292 -5.26 10.76 12.02
CA PHE A 292 -6.25 9.80 11.54
C PHE A 292 -7.65 10.40 11.62
N HIS A 293 -8.53 9.88 10.77
CA HIS A 293 -9.93 10.28 10.75
C HIS A 293 -10.77 9.10 10.25
N ASN A 294 -12.07 9.16 10.53
CA ASN A 294 -13.00 8.09 10.16
C ASN A 294 -14.25 8.64 9.50
N ILE A 295 -14.13 9.75 8.78
CA ILE A 295 -15.31 10.47 8.29
C ILE A 295 -15.75 9.93 6.93
N HIS A 296 -14.87 10.01 5.93
CA HIS A 296 -15.21 9.56 4.59
C HIS A 296 -13.93 9.19 3.85
N PRO A 297 -13.98 8.18 2.97
CA PRO A 297 -12.77 7.79 2.25
C PRO A 297 -12.47 8.64 1.01
N LEU A 298 -13.51 9.18 0.38
CA LEU A 298 -13.37 9.90 -0.88
C LEU A 298 -13.08 11.38 -0.60
N THR A 299 -11.85 11.66 -0.19
CA THR A 299 -11.42 12.99 0.18
C THR A 299 -10.53 13.60 -0.89
N ILE A 300 -10.46 14.93 -0.90
CA ILE A 300 -9.57 15.69 -1.76
C ILE A 300 -8.79 16.67 -0.89
N GLY A 301 -7.46 16.66 -1.03
CA GLY A 301 -6.62 17.58 -0.29
C GLY A 301 -5.64 16.90 0.65
N GLU A 302 -5.06 17.66 1.57
CA GLU A 302 -4.16 17.12 2.59
C GLU A 302 -5.02 16.71 3.79
N CYS A 303 -5.21 15.42 3.98
CA CYS A 303 -6.16 14.89 4.93
C CYS A 303 -5.49 13.87 5.84
N PRO A 304 -6.05 13.64 7.03
CA PRO A 304 -5.56 12.53 7.86
C PRO A 304 -5.83 11.20 7.18
N LYS A 305 -5.04 10.20 7.56
CA LYS A 305 -5.20 8.86 7.00
C LYS A 305 -6.52 8.25 7.45
N TYR A 306 -7.23 7.62 6.52
CA TYR A 306 -8.53 7.04 6.80
C TYR A 306 -8.37 5.67 7.44
N VAL A 307 -9.04 5.46 8.58
CA VAL A 307 -8.99 4.20 9.31
C VAL A 307 -10.41 3.79 9.69
N LYS A 308 -10.57 2.49 9.94
CA LYS A 308 -11.80 1.95 10.51
C LYS A 308 -11.60 1.88 12.01
N SER A 309 -12.15 2.85 12.73
CA SER A 309 -11.99 2.93 14.18
C SER A 309 -12.94 3.99 14.72
N ASN A 310 -13.50 3.73 15.89
CA ASN A 310 -14.40 4.70 16.53
C ASN A 310 -13.67 5.62 17.50
N LYS A 311 -12.52 5.22 18.02
CA LYS A 311 -11.75 6.07 18.92
C LYS A 311 -10.31 5.61 18.94
N LEU A 312 -9.39 6.56 19.05
CA LEU A 312 -7.96 6.31 19.23
C LEU A 312 -7.51 7.23 20.37
N VAL A 313 -7.61 6.73 21.60
CA VAL A 313 -7.42 7.54 22.79
C VAL A 313 -6.06 7.22 23.39
N LEU A 314 -5.25 8.27 23.59
CA LEU A 314 -3.93 8.14 24.19
C LEU A 314 -3.98 8.62 25.63
N ALA A 315 -3.50 7.78 26.55
CA ALA A 315 -3.45 8.16 27.96
C ALA A 315 -2.34 9.17 28.17
N THR A 316 -2.70 10.35 28.70
CA THR A 316 -1.73 11.38 29.03
C THR A 316 -1.47 11.51 30.53
N GLY A 317 -2.45 11.16 31.36
CA GLY A 317 -2.31 11.23 32.79
C GLY A 317 -1.92 9.89 33.41
N LEU A 318 -2.19 9.77 34.70
CA LEU A 318 -1.80 8.60 35.48
C LEU A 318 -2.95 7.60 35.54
N ARG A 319 -2.64 6.39 36.01
CA ARG A 319 -3.65 5.38 36.27
C ARG A 319 -4.52 5.85 37.44
N ASN A 320 -5.78 6.15 37.17
CA ASN A 320 -6.65 6.72 38.18
C ASN A 320 -7.14 5.64 39.15
N SER A 321 -7.62 6.10 40.30
CA SER A 321 -8.14 5.20 41.33
C SER A 321 -9.31 5.85 42.08
N GLY B 1 1.81 -2.06 37.03
CA GLY B 1 2.89 -1.55 36.21
C GLY B 1 4.18 -2.32 36.38
N LEU B 2 5.17 -2.02 35.51
CA LEU B 2 6.45 -2.71 35.60
C LEU B 2 7.12 -2.45 36.95
N PHE B 3 7.15 -1.19 37.38
CA PHE B 3 7.70 -0.85 38.67
C PHE B 3 6.62 -0.99 39.74
N GLY B 4 7.06 -1.06 41.00
CA GLY B 4 6.16 -1.45 42.05
C GLY B 4 5.27 -0.37 42.64
N ALA B 5 5.40 0.89 42.20
CA ALA B 5 4.80 1.99 42.95
C ALA B 5 3.31 2.12 42.68
N ILE B 6 2.93 2.46 41.45
CA ILE B 6 1.54 2.79 41.15
C ILE B 6 0.72 1.51 41.08
N ALA B 7 -0.39 1.49 41.82
CA ALA B 7 -1.25 0.31 41.98
C ALA B 7 -0.50 -0.88 42.54
N GLY B 8 0.67 -0.65 43.14
CA GLY B 8 1.46 -1.69 43.74
C GLY B 8 1.60 -1.52 45.24
N PHE B 9 2.79 -1.14 45.71
CA PHE B 9 2.95 -0.88 47.13
C PHE B 9 2.44 0.50 47.53
N ILE B 10 2.26 1.40 46.57
CA ILE B 10 1.52 2.65 46.79
C ILE B 10 0.14 2.40 46.20
N GLU B 11 -0.78 1.94 47.05
CA GLU B 11 -2.09 1.47 46.62
C GLU B 11 -3.00 2.66 46.39
N GLY B 12 -3.06 3.12 45.14
CA GLY B 12 -3.97 4.16 44.75
C GLY B 12 -3.36 5.55 44.82
N GLY B 13 -3.94 6.46 44.04
CA GLY B 13 -3.52 7.84 44.03
C GLY B 13 -4.18 8.65 45.13
N TRP B 14 -3.82 9.94 45.16
CA TRP B 14 -4.29 10.86 46.18
C TRP B 14 -5.30 11.82 45.56
N GLN B 15 -6.55 11.75 46.03
CA GLN B 15 -7.55 12.72 45.58
C GLN B 15 -7.30 14.10 46.18
N GLY B 16 -6.70 14.16 47.37
CA GLY B 16 -6.42 15.43 48.02
C GLY B 16 -5.27 16.20 47.41
N MET B 17 -4.50 15.59 46.53
CA MET B 17 -3.43 16.27 45.82
C MET B 17 -3.97 16.73 44.47
N VAL B 18 -4.15 18.05 44.33
CA VAL B 18 -4.64 18.61 43.08
C VAL B 18 -3.53 19.28 42.27
N ASP B 19 -2.39 19.56 42.89
CA ASP B 19 -1.24 20.15 42.21
C ASP B 19 -0.24 19.05 41.86
N GLY B 20 0.21 19.04 40.61
CA GLY B 20 1.23 18.11 40.19
C GLY B 20 0.78 16.67 40.03
N TRP B 21 1.56 15.88 39.29
CA TRP B 21 1.25 14.47 39.12
C TRP B 21 1.81 13.63 40.26
N TYR B 22 2.99 14.01 40.78
CA TYR B 22 3.64 13.29 41.87
C TYR B 22 3.97 14.27 42.99
N GLY B 23 4.00 13.77 44.20
CA GLY B 23 4.31 14.62 45.33
C GLY B 23 4.37 13.84 46.62
N TYR B 24 4.34 14.58 47.74
CA TYR B 24 4.50 14.01 49.06
C TYR B 24 3.32 14.40 49.95
N HIS B 25 3.08 13.57 50.95
CA HIS B 25 2.18 13.89 52.05
C HIS B 25 2.93 13.71 53.36
N HIS B 26 2.87 14.72 54.22
CA HIS B 26 3.59 14.71 55.49
C HIS B 26 2.60 14.73 56.64
N SER B 27 3.00 14.11 57.76
CA SER B 27 2.20 14.08 58.97
C SER B 27 3.15 14.16 60.16
N ASN B 28 3.02 15.22 60.94
CA ASN B 28 3.90 15.44 62.08
C ASN B 28 3.12 16.17 63.17
N GLU B 29 3.84 16.73 64.14
CA GLU B 29 3.20 17.41 65.26
C GLU B 29 2.44 18.64 64.80
N GLN B 30 3.02 19.42 63.88
CA GLN B 30 2.41 20.68 63.48
C GLN B 30 1.12 20.46 62.69
N GLY B 31 1.09 19.45 61.84
CA GLY B 31 -0.10 19.18 61.04
C GLY B 31 0.18 18.17 59.96
N SER B 32 -0.66 18.20 58.93
CA SER B 32 -0.53 17.29 57.80
C SER B 32 -1.00 17.98 56.54
N GLY B 33 -0.34 17.66 55.42
CA GLY B 33 -0.69 18.28 54.15
C GLY B 33 0.07 17.66 53.01
N TYR B 34 -0.30 18.08 51.80
CA TYR B 34 0.32 17.60 50.57
C TYR B 34 1.26 18.65 50.00
N ALA B 35 2.16 18.19 49.13
CA ALA B 35 3.11 19.07 48.46
C ALA B 35 3.56 18.40 47.17
N ALA B 36 3.43 19.12 46.07
CA ALA B 36 3.79 18.57 44.76
C ALA B 36 5.27 18.71 44.50
N ASP B 37 5.86 17.71 43.84
CA ASP B 37 7.24 17.76 43.41
C ASP B 37 7.26 18.35 42.01
N ARG B 38 7.59 19.64 41.92
CA ARG B 38 7.48 20.34 40.64
C ARG B 38 8.52 19.87 39.64
N GLU B 39 9.66 19.37 40.10
CA GLU B 39 10.68 18.89 39.17
C GLU B 39 10.22 17.62 38.46
N SER B 40 9.71 16.65 39.22
CA SER B 40 9.24 15.40 38.62
C SER B 40 8.01 15.64 37.76
N THR B 41 7.06 16.45 38.24
CA THR B 41 5.81 16.64 37.51
C THR B 41 6.05 17.34 36.18
N GLN B 42 6.81 18.44 36.18
CA GLN B 42 7.06 19.17 34.95
C GLN B 42 7.86 18.35 33.96
N LYS B 43 8.82 17.56 34.46
CA LYS B 43 9.55 16.65 33.57
C LYS B 43 8.63 15.64 32.93
N ALA B 44 7.71 15.06 33.71
CA ALA B 44 6.78 14.08 33.16
C ALA B 44 5.81 14.74 32.18
N ILE B 45 5.31 15.93 32.51
CA ILE B 45 4.37 16.61 31.63
C ILE B 45 5.04 16.92 30.29
N ASP B 46 6.29 17.37 30.33
CA ASP B 46 7.03 17.62 29.09
C ASP B 46 7.22 16.33 28.29
N GLY B 47 7.51 15.23 28.98
CA GLY B 47 7.73 13.98 28.28
C GLY B 47 6.50 13.46 27.56
N VAL B 48 5.35 13.48 28.24
CA VAL B 48 4.12 12.99 27.63
C VAL B 48 3.67 13.89 26.50
N THR B 49 3.84 15.20 26.67
CA THR B 49 3.47 16.14 25.61
C THR B 49 4.33 15.91 24.37
N ASN B 50 5.63 15.67 24.55
CA ASN B 50 6.48 15.34 23.42
C ASN B 50 6.02 14.07 22.72
N LYS B 51 5.56 13.09 23.51
CA LYS B 51 5.11 11.82 22.93
C LYS B 51 3.89 12.03 22.04
N VAL B 52 2.90 12.77 22.53
CA VAL B 52 1.70 13.02 21.74
C VAL B 52 2.02 13.82 20.49
N ASN B 53 2.86 14.84 20.63
CA ASN B 53 3.24 15.66 19.49
C ASN B 53 4.03 14.85 18.47
N SER B 54 4.93 13.98 18.94
CA SER B 54 5.71 13.16 18.01
C SER B 54 4.79 12.24 17.21
N ILE B 55 3.81 11.64 17.86
CA ILE B 55 2.85 10.79 17.15
C ILE B 55 2.07 11.60 16.12
N ILE B 56 1.71 12.84 16.48
CA ILE B 56 0.90 13.66 15.59
C ILE B 56 1.76 14.28 14.50
N ASP B 57 2.91 14.86 14.86
CA ASP B 57 3.70 15.62 13.90
C ASP B 57 4.46 14.74 12.91
N LYS B 58 4.69 13.46 13.24
CA LYS B 58 5.42 12.59 12.32
C LYS B 58 4.60 12.20 11.10
N MET B 59 3.28 12.43 11.12
CA MET B 59 2.45 12.08 9.97
C MET B 59 2.76 13.02 8.81
N ASN B 60 3.09 12.44 7.66
CA ASN B 60 3.28 13.18 6.42
C ASN B 60 1.99 13.05 5.61
N THR B 61 1.23 14.14 5.53
CA THR B 61 -0.03 14.17 4.80
C THR B 61 0.19 14.84 3.45
N GLN B 62 -0.29 14.21 2.39
CA GLN B 62 -0.11 14.67 1.02
C GLN B 62 -1.45 15.01 0.39
N PHE B 63 -1.40 15.89 -0.61
CA PHE B 63 -2.60 16.24 -1.37
C PHE B 63 -2.99 15.06 -2.26
N GLU B 64 -4.15 14.47 -1.98
CA GLU B 64 -4.66 13.35 -2.77
C GLU B 64 -6.01 13.71 -3.35
N ALA B 65 -6.36 13.08 -4.47
CA ALA B 65 -7.67 13.25 -5.12
C ALA B 65 -8.30 11.87 -5.23
N VAL B 66 -9.18 11.54 -4.30
CA VAL B 66 -9.79 10.22 -4.22
C VAL B 66 -11.19 10.30 -4.79
N GLY B 67 -11.43 9.55 -5.88
CA GLY B 67 -12.73 9.54 -6.51
C GLY B 67 -12.92 8.24 -7.27
N ARG B 68 -14.06 8.16 -7.97
CA ARG B 68 -14.41 7.00 -8.78
C ARG B 68 -14.47 7.45 -10.24
N GLU B 69 -13.39 7.24 -10.98
CA GLU B 69 -13.25 7.76 -12.34
C GLU B 69 -13.29 6.66 -13.39
N PHE B 70 -13.85 5.50 -13.08
CA PHE B 70 -13.87 4.37 -13.99
C PHE B 70 -15.29 3.91 -14.25
N ASN B 71 -15.59 3.62 -15.52
CA ASN B 71 -16.95 3.35 -15.96
C ASN B 71 -17.26 1.85 -15.90
N ASN B 72 -18.37 1.46 -16.54
CA ASN B 72 -18.85 0.08 -16.44
C ASN B 72 -17.85 -0.91 -17.02
N LEU B 73 -17.22 -0.57 -18.14
CA LEU B 73 -16.31 -1.48 -18.83
C LEU B 73 -14.87 -1.36 -18.31
N GLU B 74 -14.69 -0.83 -17.11
CA GLU B 74 -13.38 -0.72 -16.46
C GLU B 74 -13.46 -1.21 -15.02
N ARG B 75 -14.26 -2.25 -14.79
CA ARG B 75 -14.42 -2.76 -13.43
C ARG B 75 -13.14 -3.37 -12.89
N ARG B 76 -12.33 -3.99 -13.75
CA ARG B 76 -11.08 -4.58 -13.31
C ARG B 76 -10.14 -3.53 -12.73
N ILE B 77 -10.05 -2.38 -13.40
CA ILE B 77 -9.22 -1.29 -12.88
C ILE B 77 -9.83 -0.71 -11.61
N GLU B 78 -11.16 -0.59 -11.57
CA GLU B 78 -11.82 -0.14 -10.35
C GLU B 78 -11.59 -1.12 -9.21
N ASN B 79 -11.57 -2.42 -9.52
CA ASN B 79 -11.25 -3.42 -8.50
C ASN B 79 -9.81 -3.26 -8.03
N LEU B 80 -8.90 -2.88 -8.93
CA LEU B 80 -7.53 -2.61 -8.53
C LEU B 80 -7.46 -1.43 -7.57
N ASN B 81 -8.25 -0.38 -7.83
CA ASN B 81 -8.31 0.75 -6.90
C ASN B 81 -8.89 0.33 -5.56
N LYS B 82 -9.92 -0.53 -5.59
CA LYS B 82 -10.53 -0.98 -4.34
C LYS B 82 -9.54 -1.76 -3.48
N LYS B 83 -8.77 -2.64 -4.10
CA LYS B 83 -7.76 -3.40 -3.36
C LYS B 83 -6.71 -2.48 -2.76
N MET B 84 -6.31 -1.45 -3.50
CA MET B 84 -5.32 -0.51 -3.00
C MET B 84 -5.87 0.28 -1.80
N GLU B 85 -7.10 0.80 -1.93
CA GLU B 85 -7.68 1.57 -0.84
C GLU B 85 -7.92 0.72 0.40
N ASP B 86 -8.44 -0.50 0.22
CA ASP B 86 -8.72 -1.38 1.35
C ASP B 86 -7.43 -1.81 2.04
N GLY B 87 -6.37 -2.07 1.26
CA GLY B 87 -5.10 -2.44 1.86
C GLY B 87 -4.51 -1.35 2.73
N PHE B 88 -4.62 -0.10 2.27
CA PHE B 88 -4.11 1.02 3.06
C PHE B 88 -4.91 1.22 4.33
N LEU B 89 -6.24 1.05 4.25
CA LEU B 89 -7.06 1.15 5.46
C LEU B 89 -6.71 0.06 6.47
N ASP B 90 -6.48 -1.16 5.98
CA ASP B 90 -6.11 -2.26 6.87
C ASP B 90 -4.75 -2.00 7.52
N VAL B 91 -3.81 -1.43 6.77
CA VAL B 91 -2.50 -1.10 7.33
C VAL B 91 -2.63 0.01 8.37
N TRP B 92 -3.36 1.07 8.03
CA TRP B 92 -3.43 2.23 8.93
C TRP B 92 -4.27 1.92 10.16
N THR B 93 -5.36 1.17 10.00
CA THR B 93 -6.18 0.81 11.16
C THR B 93 -5.38 -0.05 12.14
N TYR B 94 -4.70 -1.07 11.63
CA TYR B 94 -3.88 -1.92 12.49
C TYR B 94 -2.74 -1.13 13.13
N ASN B 95 -2.09 -0.26 12.35
CA ASN B 95 -0.97 0.51 12.87
C ASN B 95 -1.41 1.48 13.95
N ALA B 96 -2.50 2.23 13.70
CA ALA B 96 -2.95 3.21 14.68
C ALA B 96 -3.45 2.53 15.96
N GLU B 97 -4.18 1.42 15.81
CA GLU B 97 -4.76 0.78 16.99
C GLU B 97 -3.66 0.24 17.91
N LEU B 98 -2.66 -0.44 17.35
CA LEU B 98 -1.62 -1.03 18.18
C LEU B 98 -0.60 0.01 18.66
N LEU B 99 -0.40 1.09 17.90
CA LEU B 99 0.45 2.18 18.40
C LEU B 99 -0.15 2.80 19.65
N VAL B 100 -1.48 2.97 19.67
CA VAL B 100 -2.15 3.46 20.87
C VAL B 100 -2.00 2.46 22.01
N LEU B 101 -2.20 1.17 21.72
CA LEU B 101 -2.10 0.16 22.76
C LEU B 101 -0.68 0.08 23.35
N MET B 102 0.33 0.13 22.48
CA MET B 102 1.71 0.01 22.96
C MET B 102 2.14 1.24 23.72
N GLU B 103 1.75 2.43 23.27
CA GLU B 103 2.18 3.65 23.93
C GLU B 103 1.44 3.89 25.24
N ASN B 104 0.19 3.45 25.35
CA ASN B 104 -0.55 3.62 26.60
C ASN B 104 0.09 2.82 27.72
N GLU B 105 0.50 1.58 27.44
CA GLU B 105 1.17 0.78 28.45
C GLU B 105 2.50 1.41 28.85
N ARG B 106 3.23 1.96 27.89
CA ARG B 106 4.49 2.62 28.20
C ARG B 106 4.27 3.91 28.98
N THR B 107 3.18 4.62 28.70
CA THR B 107 2.89 5.84 29.44
C THR B 107 2.56 5.55 30.90
N LEU B 108 1.72 4.53 31.14
CA LEU B 108 1.39 4.17 32.51
C LEU B 108 2.60 3.66 33.27
N ASP B 109 3.48 2.92 32.59
CA ASP B 109 4.72 2.49 33.20
C ASP B 109 5.75 3.59 33.29
N PHE B 110 5.58 4.67 32.52
CA PHE B 110 6.42 5.86 32.69
C PHE B 110 6.10 6.57 34.00
N HIS B 111 4.81 6.72 34.30
CA HIS B 111 4.41 7.31 35.58
C HIS B 111 4.84 6.44 36.75
N ASP B 112 4.77 5.11 36.57
CA ASP B 112 5.20 4.19 37.61
C ASP B 112 6.69 4.36 37.92
N SER B 113 7.51 4.53 36.87
CA SER B 113 8.93 4.72 37.08
C SER B 113 9.22 6.04 37.81
N ASN B 114 8.49 7.10 37.45
CA ASN B 114 8.73 8.39 38.08
C ASN B 114 8.41 8.37 39.57
N VAL B 115 7.30 7.72 39.94
CA VAL B 115 6.94 7.63 41.36
C VAL B 115 7.98 6.84 42.13
N LYS B 116 8.42 5.71 41.57
CA LYS B 116 9.40 4.87 42.27
C LYS B 116 10.73 5.60 42.44
N ASN B 117 11.16 6.35 41.41
CA ASN B 117 12.41 7.09 41.51
C ASN B 117 12.31 8.18 42.58
N LEU B 118 11.16 8.84 42.67
CA LEU B 118 10.95 9.84 43.72
C LEU B 118 10.98 9.20 45.10
N TYR B 119 10.39 8.01 45.22
CA TYR B 119 10.46 7.25 46.47
C TYR B 119 11.90 6.91 46.81
N ASP B 120 12.67 6.47 45.82
CA ASP B 120 14.08 6.15 46.06
C ASP B 120 14.88 7.39 46.43
N LYS B 121 14.55 8.53 45.82
CA LYS B 121 15.27 9.78 46.14
C LYS B 121 15.08 10.15 47.60
N VAL B 122 13.86 10.02 48.12
CA VAL B 122 13.62 10.29 49.53
C VAL B 122 14.32 9.25 50.40
N ARG B 123 14.25 7.98 50.00
CA ARG B 123 14.85 6.91 50.79
C ARG B 123 16.37 7.08 50.92
N LEU B 124 17.01 7.60 49.88
CA LEU B 124 18.46 7.80 49.94
C LEU B 124 18.84 8.83 50.99
N GLN B 125 18.07 9.92 51.10
CA GLN B 125 18.37 10.94 52.10
C GLN B 125 18.20 10.42 53.51
N LEU B 126 17.08 9.72 53.77
CA LEU B 126 16.71 9.38 55.14
C LEU B 126 17.65 8.34 55.74
N ARG B 127 18.02 7.33 54.95
CA ARG B 127 18.90 6.23 55.39
C ARG B 127 18.26 5.59 56.62
N ASP B 128 19.00 5.36 57.71
CA ASP B 128 18.45 4.69 58.89
C ASP B 128 17.71 5.64 59.82
N ASN B 129 17.70 6.94 59.53
CA ASN B 129 16.98 7.90 60.37
C ASN B 129 15.46 7.74 60.27
N ALA B 130 14.96 6.97 59.31
CA ALA B 130 13.54 6.69 59.19
C ALA B 130 13.35 5.23 58.81
N LYS B 131 12.14 4.74 59.04
CA LYS B 131 11.79 3.34 58.84
C LYS B 131 10.79 3.23 57.69
N GLU B 132 11.12 2.41 56.69
CA GLU B 132 10.21 2.18 55.58
C GLU B 132 9.00 1.36 56.04
N LEU B 133 7.81 1.86 55.73
CA LEU B 133 6.59 1.14 56.06
C LEU B 133 6.15 0.17 54.97
N GLY B 134 6.81 0.19 53.80
CA GLY B 134 6.49 -0.70 52.72
C GLY B 134 5.31 -0.29 51.87
N ASN B 135 4.63 0.81 52.20
CA ASN B 135 3.47 1.28 51.46
C ASN B 135 3.71 2.65 50.84
N GLY B 136 4.96 3.03 50.63
CA GLY B 136 5.29 4.34 50.12
C GLY B 136 5.50 5.41 51.18
N CYS B 137 5.51 5.03 52.46
CA CYS B 137 5.65 5.98 53.56
C CYS B 137 6.91 5.69 54.35
N PHE B 138 7.43 6.72 55.00
CA PHE B 138 8.59 6.61 55.87
C PHE B 138 8.20 7.12 57.26
N GLU B 139 8.38 6.27 58.27
CA GLU B 139 8.13 6.67 59.64
C GLU B 139 9.42 7.21 60.25
N PHE B 140 9.41 8.49 60.60
CA PHE B 140 10.60 9.14 61.11
C PHE B 140 10.91 8.67 62.53
N TYR B 141 12.21 8.65 62.85
CA TYR B 141 12.68 8.33 64.19
C TYR B 141 13.05 9.55 65.01
N HIS B 142 13.03 10.75 64.41
CA HIS B 142 13.70 11.90 65.01
C HIS B 142 12.86 13.16 65.03
N LYS B 143 11.52 13.04 65.02
CA LYS B 143 10.61 14.18 65.22
C LYS B 143 10.87 15.28 64.19
N CYS B 144 10.57 14.94 62.93
CA CYS B 144 10.79 15.83 61.81
C CYS B 144 9.66 16.87 61.76
N ASP B 145 10.02 18.15 61.85
CA ASP B 145 9.06 19.24 61.85
C ASP B 145 8.92 19.83 60.45
N ASN B 146 8.20 20.95 60.34
CA ASN B 146 7.86 21.51 59.03
C ASN B 146 9.10 21.92 58.25
N GLU B 147 10.05 22.60 58.91
CA GLU B 147 11.30 22.95 58.23
C GLU B 147 12.08 21.70 57.85
N CYS B 148 12.06 20.69 58.72
CA CYS B 148 12.66 19.41 58.40
C CYS B 148 11.98 18.74 57.22
N MET B 149 10.65 18.81 57.15
CA MET B 149 9.92 18.16 56.06
C MET B 149 10.29 18.75 54.71
N GLU B 150 10.45 20.08 54.65
CA GLU B 150 10.81 20.73 53.39
C GLU B 150 12.19 20.27 52.90
N SER B 151 13.11 20.03 53.82
CA SER B 151 14.46 19.62 53.43
C SER B 151 14.46 18.27 52.73
N VAL B 152 13.51 17.40 53.06
CA VAL B 152 13.39 16.12 52.35
C VAL B 152 12.92 16.34 50.93
N ARG B 153 11.90 17.19 50.74
CA ARG B 153 11.43 17.51 49.40
C ARG B 153 12.43 18.37 48.64
N ASN B 154 13.15 19.25 49.34
CA ASN B 154 14.20 20.03 48.71
C ASN B 154 15.34 19.15 48.22
N GLY B 155 15.67 18.11 48.98
CA GLY B 155 16.91 17.39 48.80
C GLY B 155 18.04 17.86 49.68
N THR B 156 17.73 18.57 50.78
CA THR B 156 18.72 19.15 51.67
C THR B 156 18.54 18.61 53.09
N TYR B 157 18.31 17.31 53.21
CA TYR B 157 18.09 16.70 54.52
C TYR B 157 19.43 16.55 55.25
N ASP B 158 19.54 17.19 56.40
CA ASP B 158 20.77 17.15 57.21
C ASP B 158 20.77 15.86 58.02
N TYR B 159 21.31 14.80 57.43
CA TYR B 159 21.37 13.51 58.12
C TYR B 159 22.17 13.56 59.42
N PRO B 160 23.39 14.10 59.47
CA PRO B 160 24.13 14.07 60.74
C PRO B 160 23.46 14.87 61.85
N GLN B 161 22.60 15.83 61.52
CA GLN B 161 21.91 16.60 62.55
C GLN B 161 20.95 15.74 63.35
N TYR B 162 20.40 14.69 62.76
CA TYR B 162 19.39 13.86 63.41
C TYR B 162 19.86 12.43 63.67
N SER B 163 21.14 12.14 63.43
CA SER B 163 21.61 10.76 63.60
C SER B 163 21.51 10.32 65.06
N GLU B 164 21.86 11.19 66.00
CA GLU B 164 21.88 10.80 67.40
C GLU B 164 20.47 10.53 67.93
N GLU B 165 19.52 11.40 67.61
CA GLU B 165 18.15 11.21 68.10
C GLU B 165 17.52 9.96 67.51
N ALA B 166 17.75 9.71 66.22
CA ALA B 166 17.20 8.50 65.60
C ALA B 166 17.81 7.25 66.19
N ARG B 167 19.11 7.26 66.48
CA ARG B 167 19.76 6.10 67.07
C ARG B 167 19.18 5.78 68.44
N LEU B 168 18.98 6.81 69.28
CA LEU B 168 18.40 6.58 70.60
C LEU B 168 16.96 6.12 70.52
N LYS B 169 16.22 6.58 69.51
CA LYS B 169 14.85 6.10 69.30
C LYS B 169 14.83 4.68 68.76
N ARG B 170 15.80 4.33 67.91
CA ARG B 170 15.83 2.98 67.35
C ARG B 170 16.08 1.95 68.42
N GLU B 171 16.94 2.26 69.41
CA GLU B 171 17.19 1.33 70.50
C GLU B 171 16.01 1.22 71.46
N GLU B 172 15.17 2.25 71.54
CA GLU B 172 14.02 2.21 72.45
C GLU B 172 13.05 1.11 72.07
N ILE B 173 12.76 0.97 70.77
CA ILE B 173 11.84 -0.07 70.33
C ILE B 173 12.47 -1.45 70.52
N SER B 174 13.76 -1.57 70.23
CA SER B 174 14.48 -2.84 70.42
C SER B 174 14.94 -2.98 71.87
N GLY C 2 38.66 5.98 54.37
CA GLY C 2 37.91 4.80 53.97
C GLY C 2 37.95 4.52 52.48
N ASP C 3 38.20 3.27 52.13
CA ASP C 3 38.26 2.88 50.72
C ASP C 3 36.88 2.97 50.09
N GLN C 4 36.87 3.28 48.80
CA GLN C 4 35.62 3.49 48.07
C GLN C 4 35.66 2.79 46.72
N ILE C 5 34.51 2.27 46.31
CA ILE C 5 34.30 1.76 44.96
C ILE C 5 33.02 2.38 44.42
N CYS C 6 33.03 2.73 43.13
CA CYS C 6 31.94 3.49 42.53
C CYS C 6 31.46 2.80 41.26
N ILE C 7 30.17 2.98 40.96
CA ILE C 7 29.56 2.49 39.73
C ILE C 7 29.40 3.67 38.78
N GLY C 8 29.62 3.42 37.49
CA GLY C 8 29.51 4.48 36.51
C GLY C 8 29.47 3.93 35.11
N TYR C 9 29.31 4.84 34.16
CA TYR C 9 29.15 4.47 32.75
C TYR C 9 30.07 5.32 31.89
N HIS C 10 30.15 4.94 30.62
CA HIS C 10 31.08 5.56 29.67
C HIS C 10 30.58 6.92 29.20
N ALA C 11 31.53 7.81 28.91
CA ALA C 11 31.25 9.09 28.29
C ALA C 11 32.42 9.46 27.39
N ASN C 12 32.12 10.15 26.29
CA ASN C 12 33.14 10.49 25.31
C ASN C 12 32.85 11.90 24.78
N ASN C 13 33.60 12.27 23.73
CA ASN C 13 33.53 13.60 23.15
C ASN C 13 32.57 13.68 21.96
N SER C 14 31.71 12.68 21.78
CA SER C 14 30.81 12.66 20.64
C SER C 14 29.70 13.68 20.80
N THR C 15 29.35 14.34 19.69
CA THR C 15 28.24 15.29 19.65
C THR C 15 27.06 14.77 18.84
N GLU C 16 27.03 13.47 18.54
CA GLU C 16 25.93 12.89 17.80
C GLU C 16 24.64 12.99 18.61
N GLN C 17 23.56 13.39 17.94
CA GLN C 17 22.28 13.63 18.59
C GLN C 17 21.23 12.67 18.02
N VAL C 18 20.45 12.05 18.91
CA VAL C 18 19.32 11.23 18.52
C VAL C 18 18.06 11.78 19.18
N ASP C 19 16.92 11.29 18.73
CA ASP C 19 15.62 11.71 19.24
C ASP C 19 14.85 10.49 19.74
N THR C 20 14.20 10.65 20.89
CA THR C 20 13.32 9.63 21.43
C THR C 20 11.88 10.14 21.38
N ILE C 21 10.95 9.25 21.72
CA ILE C 21 9.55 9.63 21.72
C ILE C 21 9.23 10.68 22.78
N MET C 22 10.04 10.76 23.84
CA MET C 22 9.80 11.70 24.93
C MET C 22 10.77 12.86 24.97
N GLU C 23 11.93 12.75 24.32
CA GLU C 23 12.96 13.78 24.39
C GLU C 23 13.49 14.09 22.99
N LYS C 24 13.98 15.31 22.82
CA LYS C 24 14.51 15.77 21.55
C LYS C 24 15.94 16.26 21.74
N ASN C 25 16.78 16.00 20.74
CA ASN C 25 18.18 16.43 20.72
C ASN C 25 18.94 15.90 21.95
N VAL C 26 19.02 14.58 22.02
CA VAL C 26 19.70 13.89 23.13
C VAL C 26 21.07 13.43 22.64
N THR C 27 22.11 13.97 23.26
CA THR C 27 23.48 13.60 22.89
C THR C 27 23.78 12.18 23.36
N VAL C 28 24.36 11.37 22.48
CA VAL C 28 24.74 10.01 22.79
C VAL C 28 26.21 9.82 22.45
N THR C 29 26.73 8.65 22.85
CA THR C 29 28.14 8.36 22.63
C THR C 29 28.39 7.66 21.29
N HIS C 30 27.48 6.80 20.86
CA HIS C 30 27.57 6.13 19.57
C HIS C 30 26.19 6.09 18.93
N ALA C 31 26.16 6.14 17.60
CA ALA C 31 24.90 6.15 16.87
C ALA C 31 25.10 5.60 15.48
N GLN C 32 24.00 5.16 14.88
CA GLN C 32 23.99 4.57 13.54
C GLN C 32 22.87 5.19 12.72
N ASP C 33 23.19 5.54 11.47
CA ASP C 33 22.20 6.07 10.54
C ASP C 33 21.75 4.96 9.62
N ILE C 34 20.46 4.65 9.65
CA ILE C 34 19.89 3.56 8.85
C ILE C 34 19.23 4.07 7.58
N LEU C 35 19.43 5.34 7.24
CA LEU C 35 18.88 5.94 6.03
C LEU C 35 20.00 6.16 5.03
N GLU C 36 19.79 5.70 3.80
CA GLU C 36 20.79 5.83 2.74
C GLU C 36 20.53 7.11 1.94
N LYS C 37 21.57 7.94 1.81
CA LYS C 37 21.44 9.25 1.18
C LYS C 37 22.52 9.54 0.14
N THR C 38 23.37 8.57 -0.18
CA THR C 38 24.49 8.79 -1.10
C THR C 38 24.30 7.97 -2.36
N HIS C 39 24.53 8.61 -3.52
CA HIS C 39 24.51 7.94 -4.81
C HIS C 39 25.72 8.39 -5.62
N ASN C 40 26.19 7.50 -6.50
CA ASN C 40 27.40 7.78 -7.27
C ASN C 40 27.19 8.75 -8.42
N GLY C 41 25.94 9.07 -8.75
CA GLY C 41 25.66 10.02 -9.82
C GLY C 41 26.06 9.55 -11.21
N ARG C 42 25.81 8.29 -11.53
CA ARG C 42 26.08 7.78 -12.86
C ARG C 42 25.17 6.58 -13.13
N LEU C 43 24.99 6.28 -14.42
CA LEU C 43 24.14 5.17 -14.84
C LEU C 43 24.99 3.91 -14.94
N CYS C 44 24.59 2.87 -14.20
CA CYS C 44 25.35 1.64 -14.08
C CYS C 44 24.62 0.50 -14.80
N ASP C 45 25.28 -0.65 -14.83
CA ASP C 45 24.62 -1.88 -15.22
C ASP C 45 23.77 -2.39 -14.06
N LEU C 46 22.72 -3.14 -14.40
CA LEU C 46 21.84 -3.75 -13.41
C LEU C 46 22.09 -5.25 -13.40
N ASN C 47 22.70 -5.73 -12.31
CA ASN C 47 23.06 -7.14 -12.16
C ASN C 47 23.95 -7.62 -13.31
N GLY C 48 24.87 -6.75 -13.73
CA GLY C 48 25.85 -7.09 -14.74
C GLY C 48 25.40 -6.94 -16.17
N VAL C 49 24.20 -6.43 -16.42
CA VAL C 49 23.65 -6.28 -17.77
C VAL C 49 23.62 -4.80 -18.11
N LYS C 50 24.24 -4.43 -19.23
CA LYS C 50 24.29 -3.03 -19.64
C LYS C 50 22.90 -2.58 -20.11
N PRO C 51 22.52 -1.34 -19.85
CA PRO C 51 21.23 -0.84 -20.34
C PRO C 51 21.32 -0.34 -21.79
N LEU C 52 20.14 -0.17 -22.38
CA LEU C 52 20.01 0.49 -23.67
C LEU C 52 19.94 1.99 -23.47
N ILE C 53 20.87 2.72 -24.07
CA ILE C 53 20.95 4.17 -23.94
C ILE C 53 20.72 4.78 -25.32
N LEU C 54 19.71 5.63 -25.43
CA LEU C 54 19.39 6.35 -26.66
C LEU C 54 19.58 7.84 -26.38
N LYS C 55 20.70 8.38 -26.84
CA LYS C 55 21.08 9.75 -26.47
C LYS C 55 20.11 10.76 -27.09
N ASP C 56 20.06 10.81 -28.42
CA ASP C 56 19.21 11.76 -29.13
C ASP C 56 17.97 11.11 -29.72
N CYS C 57 17.79 9.80 -29.54
CA CYS C 57 16.77 9.05 -30.23
C CYS C 57 15.74 8.52 -29.25
N SER C 58 14.55 8.24 -29.77
CA SER C 58 13.47 7.64 -28.98
C SER C 58 13.29 6.19 -29.38
N VAL C 59 12.42 5.49 -28.64
CA VAL C 59 12.18 4.07 -28.89
C VAL C 59 11.58 3.87 -30.28
N ALA C 60 10.62 4.73 -30.66
CA ALA C 60 10.00 4.61 -31.97
C ALA C 60 11.01 4.84 -33.09
N GLY C 61 11.84 5.88 -32.95
CA GLY C 61 12.83 6.17 -33.97
C GLY C 61 13.88 5.09 -34.11
N TRP C 62 14.37 4.56 -32.99
CA TRP C 62 15.37 3.51 -33.04
C TRP C 62 14.82 2.24 -33.66
N LEU C 63 13.58 1.86 -33.31
CA LEU C 63 12.99 0.64 -33.85
C LEU C 63 12.72 0.79 -35.35
N LEU C 64 12.06 1.88 -35.74
CA LEU C 64 11.65 2.03 -37.14
C LEU C 64 12.84 2.28 -38.05
N GLY C 65 13.91 2.89 -37.54
CA GLY C 65 15.06 3.18 -38.37
C GLY C 65 15.14 4.63 -38.79
N ASN C 66 14.91 5.54 -37.86
CA ASN C 66 15.08 6.96 -38.13
C ASN C 66 16.52 7.20 -38.58
N PRO C 67 16.74 7.82 -39.75
CA PRO C 67 18.11 7.95 -40.27
C PRO C 67 19.06 8.66 -39.32
N MET C 68 18.58 9.64 -38.56
CA MET C 68 19.44 10.36 -37.62
C MET C 68 19.72 9.56 -36.36
N CYS C 69 19.08 8.42 -36.17
CA CYS C 69 19.38 7.53 -35.06
C CYS C 69 20.47 6.54 -35.47
N ASP C 70 21.14 5.97 -34.47
CA ASP C 70 22.20 5.02 -34.73
C ASP C 70 21.68 3.82 -35.51
N GLU C 71 22.42 3.43 -36.56
CA GLU C 71 21.96 2.33 -37.41
C GLU C 71 21.83 1.04 -36.62
N PHE C 72 22.90 0.64 -35.93
CA PHE C 72 22.84 -0.44 -34.95
C PHE C 72 24.12 -0.49 -34.14
N ILE C 73 23.99 -0.50 -32.81
CA ILE C 73 25.11 -0.71 -31.91
C ILE C 73 24.86 -2.01 -31.16
N ARG C 74 25.91 -2.52 -30.53
CA ARG C 74 26.01 -3.95 -30.26
C ARG C 74 24.89 -4.46 -29.37
N VAL C 75 24.96 -4.18 -28.07
CA VAL C 75 23.90 -4.40 -27.06
C VAL C 75 22.96 -5.54 -27.43
N PRO C 76 23.42 -6.78 -27.54
CA PRO C 76 22.51 -7.88 -27.89
C PRO C 76 21.43 -8.12 -26.85
N GLU C 77 21.62 -7.63 -25.63
CA GLU C 77 20.64 -7.74 -24.57
C GLU C 77 20.83 -6.58 -23.62
N TRP C 78 19.77 -6.26 -22.86
CA TRP C 78 19.85 -5.15 -21.92
C TRP C 78 18.88 -5.39 -20.77
N SER C 79 19.17 -4.73 -19.64
CA SER C 79 18.36 -4.83 -18.44
C SER C 79 17.27 -3.77 -18.39
N TYR C 80 17.55 -2.57 -18.87
CA TYR C 80 16.54 -1.51 -18.95
C TYR C 80 16.95 -0.55 -20.07
N ILE C 81 16.08 0.41 -20.34
CA ILE C 81 16.25 1.33 -21.45
C ILE C 81 16.30 2.76 -20.91
N VAL C 82 17.28 3.53 -21.35
CA VAL C 82 17.43 4.93 -20.97
C VAL C 82 16.95 5.79 -22.13
N GLU C 83 15.92 6.61 -21.86
CA GLU C 83 15.39 7.55 -22.83
C GLU C 83 15.55 8.96 -22.27
N ARG C 84 15.78 9.92 -23.17
CA ARG C 84 15.81 11.31 -22.76
C ARG C 84 14.40 11.81 -22.48
N THR C 85 14.32 12.86 -21.65
CA THR C 85 13.01 13.42 -21.31
C THR C 85 12.29 13.93 -22.56
N ASN C 86 13.01 14.62 -23.43
CA ASN C 86 12.48 15.10 -24.70
C ASN C 86 13.42 14.64 -25.80
N PRO C 87 13.24 13.42 -26.31
CA PRO C 87 14.13 12.91 -27.37
C PRO C 87 14.06 13.80 -28.60
N ALA C 88 15.22 13.99 -29.23
CA ALA C 88 15.32 14.95 -30.34
C ALA C 88 14.72 14.40 -31.63
N ASN C 89 14.90 13.11 -31.90
CA ASN C 89 14.45 12.50 -33.16
C ASN C 89 13.54 11.32 -32.83
N ASP C 90 12.23 11.58 -32.73
CA ASP C 90 11.25 10.52 -32.47
C ASP C 90 10.64 9.99 -33.76
N LEU C 91 9.96 10.85 -34.51
CA LEU C 91 9.28 10.43 -35.75
C LEU C 91 9.49 11.53 -36.78
N CYS C 92 10.47 11.32 -37.67
CA CYS C 92 10.76 12.31 -38.71
C CYS C 92 9.55 12.52 -39.61
N TYR C 93 8.94 11.44 -40.09
CA TYR C 93 7.69 11.54 -40.81
C TYR C 93 6.54 11.52 -39.81
N PRO C 94 5.66 12.52 -39.79
CA PRO C 94 4.62 12.58 -38.76
C PRO C 94 3.69 11.38 -38.83
N GLY C 95 3.26 10.92 -37.66
CA GLY C 95 2.40 9.76 -37.57
C GLY C 95 2.34 9.24 -36.15
N ASN C 96 1.89 8.00 -36.01
CA ASN C 96 1.75 7.36 -34.71
C ASN C 96 2.31 5.94 -34.77
N LEU C 97 2.59 5.40 -33.59
CA LEU C 97 2.90 3.99 -33.43
C LEU C 97 1.87 3.39 -32.48
N ASN C 98 1.14 2.38 -32.95
CA ASN C 98 0.06 1.81 -32.15
C ASN C 98 0.62 1.07 -30.95
N ASP C 99 -0.03 1.27 -29.79
CA ASP C 99 0.38 0.66 -28.53
C ASP C 99 1.86 0.91 -28.25
N TYR C 100 2.26 2.18 -28.38
CA TYR C 100 3.66 2.55 -28.21
C TYR C 100 4.14 2.22 -26.80
N GLU C 101 3.33 2.53 -25.80
CA GLU C 101 3.72 2.28 -24.41
C GLU C 101 3.82 0.78 -24.13
N GLU C 102 2.85 -0.01 -24.61
CA GLU C 102 2.90 -1.45 -24.40
C GLU C 102 4.09 -2.07 -25.13
N LEU C 103 4.52 -1.47 -26.24
CA LEU C 103 5.73 -1.93 -26.90
C LEU C 103 6.98 -1.52 -26.12
N LYS C 104 6.97 -0.32 -25.55
CA LYS C 104 8.10 0.12 -24.74
C LYS C 104 8.28 -0.77 -23.52
N HIS C 105 7.16 -1.18 -22.91
CA HIS C 105 7.22 -2.08 -21.76
C HIS C 105 7.82 -3.43 -22.14
N LEU C 106 7.45 -3.94 -23.33
CA LEU C 106 7.98 -5.23 -23.77
C LEU C 106 9.49 -5.18 -23.96
N LEU C 107 10.00 -4.10 -24.53
CA LEU C 107 11.42 -3.97 -24.83
C LEU C 107 12.23 -3.45 -23.65
N SER C 108 11.61 -3.26 -22.49
CA SER C 108 12.32 -2.74 -21.34
C SER C 108 13.46 -3.68 -20.92
N ARG C 109 13.19 -4.98 -20.86
CA ARG C 109 14.21 -5.98 -20.53
C ARG C 109 14.13 -7.08 -21.58
N ILE C 110 15.17 -7.20 -22.39
CA ILE C 110 15.22 -8.14 -23.50
C ILE C 110 16.42 -9.06 -23.32
N ASN C 111 16.17 -10.37 -23.37
CA ASN C 111 17.24 -11.34 -23.22
C ASN C 111 18.10 -11.49 -24.47
N HIS C 112 17.53 -11.28 -25.65
CA HIS C 112 18.28 -11.37 -26.90
C HIS C 112 17.59 -10.53 -27.96
N PHE C 113 18.38 -9.71 -28.66
CA PHE C 113 17.86 -8.81 -29.69
C PHE C 113 18.78 -8.87 -30.90
N GLU C 114 18.23 -9.29 -32.04
CA GLU C 114 18.99 -9.37 -33.27
C GLU C 114 18.15 -8.85 -34.42
N LYS C 115 18.72 -7.94 -35.21
CA LYS C 115 18.04 -7.42 -36.38
C LYS C 115 18.16 -8.41 -37.53
N THR C 116 17.07 -8.62 -38.25
CA THR C 116 16.99 -9.61 -39.31
C THR C 116 16.35 -9.01 -40.56
N LEU C 117 16.88 -9.38 -41.72
CA LEU C 117 16.28 -9.03 -42.99
C LEU C 117 15.29 -10.13 -43.36
N ILE C 118 14.01 -9.76 -43.53
CA ILE C 118 12.97 -10.76 -43.78
C ILE C 118 12.31 -10.53 -45.12
N ILE C 119 12.29 -9.27 -45.57
CA ILE C 119 11.73 -8.92 -46.88
C ILE C 119 12.67 -7.95 -47.56
N PRO C 120 13.58 -8.41 -48.42
CA PRO C 120 14.51 -7.50 -49.08
C PRO C 120 13.82 -6.66 -50.16
N LYS C 121 14.49 -5.58 -50.54
CA LYS C 121 13.94 -4.68 -51.55
C LYS C 121 13.82 -5.35 -52.92
N SER C 122 14.55 -6.44 -53.16
CA SER C 122 14.46 -7.16 -54.43
C SER C 122 13.16 -7.94 -54.57
N SER C 123 12.37 -8.06 -53.51
CA SER C 123 11.12 -8.79 -53.54
C SER C 123 9.94 -7.92 -53.96
N TRP C 124 10.19 -6.70 -54.42
CA TRP C 124 9.16 -5.82 -54.96
C TRP C 124 9.48 -5.55 -56.43
N PRO C 125 9.27 -6.54 -57.30
CA PRO C 125 9.67 -6.37 -58.70
C PRO C 125 8.75 -5.46 -59.51
N ASN C 126 7.49 -5.31 -59.10
CA ASN C 126 6.53 -4.50 -59.84
C ASN C 126 6.13 -3.24 -59.09
N HIS C 127 6.88 -2.86 -58.05
CA HIS C 127 6.60 -1.66 -57.28
C HIS C 127 7.87 -0.86 -57.09
N GLU C 128 7.75 0.46 -57.17
CA GLU C 128 8.89 1.33 -56.93
C GLU C 128 9.14 1.45 -55.43
N THR C 129 10.39 1.23 -55.02
CA THR C 129 10.77 1.21 -53.61
C THR C 129 11.71 2.35 -53.23
N SER C 130 11.73 3.43 -54.03
CA SER C 130 12.68 4.51 -53.85
C SER C 130 12.09 5.70 -53.11
N GLY C 131 10.93 5.54 -52.48
CA GLY C 131 10.27 6.64 -51.79
C GLY C 131 11.07 7.25 -50.66
N VAL C 132 11.18 8.59 -50.66
CA VAL C 132 11.84 9.34 -49.61
C VAL C 132 11.00 10.55 -49.27
N SER C 133 11.42 11.28 -48.24
CA SER C 133 10.68 12.46 -47.81
C SER C 133 11.67 13.51 -47.31
N ALA C 134 11.27 14.78 -47.40
CA ALA C 134 12.10 15.88 -46.91
C ALA C 134 12.05 16.00 -45.39
N ALA C 135 11.05 15.41 -44.74
CA ALA C 135 10.98 15.39 -43.29
C ALA C 135 11.95 14.39 -42.67
N CYS C 136 12.62 13.57 -43.47
CA CYS C 136 13.50 12.50 -43.01
C CYS C 136 14.86 12.66 -43.66
N PRO C 137 15.64 13.67 -43.27
CA PRO C 137 16.90 13.95 -43.96
C PRO C 137 18.10 13.22 -43.37
N TYR C 138 18.91 12.67 -44.28
CA TYR C 138 20.22 12.12 -43.96
C TYR C 138 21.25 12.94 -44.72
N GLN C 139 22.25 13.45 -43.99
CA GLN C 139 23.38 14.23 -44.53
C GLN C 139 22.90 15.40 -45.41
N GLY C 140 21.68 15.88 -45.19
CA GLY C 140 21.17 17.01 -45.93
C GLY C 140 20.36 16.69 -47.16
N VAL C 141 20.09 15.42 -47.44
CA VAL C 141 19.30 15.02 -48.60
C VAL C 141 18.12 14.19 -48.10
N PRO C 142 17.01 14.14 -48.84
CA PRO C 142 15.86 13.35 -48.38
C PRO C 142 16.20 11.87 -48.25
N SER C 143 15.61 11.24 -47.24
CA SER C 143 15.79 9.81 -46.99
C SER C 143 14.52 9.28 -46.34
N PHE C 144 14.57 8.04 -45.87
CA PHE C 144 13.41 7.36 -45.31
C PHE C 144 13.86 6.47 -44.15
N PHE C 145 12.90 5.87 -43.47
CA PHE C 145 13.21 4.87 -42.45
C PHE C 145 13.95 3.70 -43.09
N ARG C 146 14.93 3.16 -42.37
CA ARG C 146 15.81 2.14 -42.92
C ARG C 146 15.25 0.72 -42.78
N ASN C 147 14.28 0.50 -41.90
CA ASN C 147 13.75 -0.84 -41.69
C ASN C 147 12.41 -1.06 -42.39
N VAL C 148 11.83 -0.04 -43.02
CA VAL C 148 10.61 -0.17 -43.78
C VAL C 148 10.78 0.54 -45.12
N VAL C 149 9.96 0.15 -46.08
CA VAL C 149 10.10 0.56 -47.47
C VAL C 149 8.82 1.25 -47.92
N TRP C 150 8.96 2.44 -48.51
CA TRP C 150 7.83 3.20 -49.04
C TRP C 150 7.53 2.70 -50.44
N LEU C 151 6.56 1.79 -50.56
CA LEU C 151 6.20 1.22 -51.86
C LEU C 151 5.31 2.20 -52.62
N THR C 152 5.75 2.59 -53.81
CA THR C 152 4.97 3.43 -54.71
C THR C 152 4.73 2.68 -56.02
N LYS C 153 4.05 3.33 -56.95
CA LYS C 153 3.67 2.69 -58.20
C LYS C 153 4.84 2.67 -59.18
N LYS C 154 4.88 1.62 -59.99
CA LYS C 154 5.91 1.42 -61.00
C LYS C 154 5.23 1.33 -62.37
N ASN C 155 5.73 2.13 -63.32
CA ASN C 155 5.17 2.19 -64.67
C ASN C 155 3.68 2.51 -64.64
N ASP C 156 3.29 3.43 -63.76
CA ASP C 156 1.89 3.81 -63.55
C ASP C 156 1.04 2.59 -63.22
N ALA C 157 1.55 1.73 -62.34
CA ALA C 157 0.86 0.51 -61.96
C ALA C 157 1.20 0.14 -60.53
N TYR C 158 0.18 -0.25 -59.77
CA TYR C 158 0.34 -0.77 -58.42
C TYR C 158 -0.42 -2.09 -58.35
N PRO C 159 0.23 -3.19 -58.75
CA PRO C 159 -0.41 -4.51 -58.60
C PRO C 159 -0.71 -4.81 -57.15
N THR C 160 -1.83 -5.48 -56.91
CA THR C 160 -2.22 -5.84 -55.55
C THR C 160 -1.22 -6.85 -54.99
N ILE C 161 -0.65 -6.53 -53.83
CA ILE C 161 0.39 -7.36 -53.24
C ILE C 161 -0.24 -8.48 -52.44
N LYS C 162 0.30 -9.69 -52.60
CA LYS C 162 -0.10 -10.85 -51.80
C LYS C 162 1.18 -11.59 -51.44
N MET C 163 1.79 -11.20 -50.31
CA MET C 163 3.06 -11.73 -49.88
C MET C 163 2.98 -12.18 -48.43
N SER C 164 3.52 -13.36 -48.15
CA SER C 164 3.51 -13.94 -46.82
C SER C 164 4.93 -14.33 -46.42
N TYR C 165 5.24 -14.14 -45.13
CA TYR C 165 6.55 -14.51 -44.58
C TYR C 165 6.32 -15.44 -43.40
N ASN C 166 6.92 -16.63 -43.48
CA ASN C 166 6.84 -17.63 -42.43
C ASN C 166 8.10 -17.56 -41.57
N ASN C 167 7.90 -17.48 -40.25
CA ASN C 167 9.00 -17.28 -39.30
C ASN C 167 9.75 -18.60 -39.12
N THR C 168 10.82 -18.77 -39.90
CA THR C 168 11.65 -19.96 -39.81
C THR C 168 12.68 -19.90 -38.69
N ASN C 169 12.81 -18.76 -38.03
CA ASN C 169 13.76 -18.64 -36.92
C ASN C 169 13.21 -19.36 -35.69
N GLY C 170 14.12 -19.75 -34.81
CA GLY C 170 13.75 -20.39 -33.56
C GLY C 170 13.36 -19.44 -32.45
N GLU C 171 13.35 -18.14 -32.72
CA GLU C 171 13.04 -17.13 -31.72
C GLU C 171 11.92 -16.22 -32.24
N ASP C 172 11.30 -15.49 -31.33
CA ASP C 172 10.20 -14.61 -31.69
C ASP C 172 10.69 -13.50 -32.61
N LEU C 173 9.83 -13.12 -33.57
CA LEU C 173 10.12 -12.06 -34.52
C LEU C 173 9.18 -10.89 -34.27
N LEU C 174 9.75 -9.70 -34.15
CA LEU C 174 8.97 -8.46 -34.04
C LEU C 174 9.02 -7.75 -35.39
N ILE C 175 7.85 -7.53 -35.98
CA ILE C 175 7.73 -6.97 -37.32
C ILE C 175 6.88 -5.70 -37.24
N LEU C 176 7.35 -4.63 -37.89
CA LEU C 176 6.65 -3.36 -37.93
C LEU C 176 6.29 -3.02 -39.36
N TRP C 177 5.03 -2.64 -39.59
CA TRP C 177 4.55 -2.17 -40.87
C TRP C 177 3.73 -0.90 -40.65
N GLY C 178 3.28 -0.30 -41.75
CA GLY C 178 2.55 0.95 -41.62
C GLY C 178 1.66 1.21 -42.82
N ILE C 179 0.88 2.27 -42.70
CA ILE C 179 -0.01 2.74 -43.76
C ILE C 179 0.20 4.24 -43.92
N HIS C 180 0.18 4.70 -45.17
CA HIS C 180 0.39 6.10 -45.47
C HIS C 180 -0.94 6.78 -45.80
N HIS C 181 -1.15 7.96 -45.24
CA HIS C 181 -2.37 8.73 -45.45
C HIS C 181 -2.08 9.86 -46.43
N SER C 182 -2.87 9.94 -47.50
CA SER C 182 -2.67 10.92 -48.55
C SER C 182 -3.36 12.24 -48.21
N ASN C 183 -2.80 13.33 -48.73
CA ASN C 183 -3.35 14.66 -48.47
C ASN C 183 -4.61 14.93 -49.29
N ASN C 184 -4.67 14.42 -50.52
CA ASN C 184 -5.81 14.66 -51.39
C ASN C 184 -5.95 13.47 -52.34
N ALA C 185 -7.07 13.45 -53.05
CA ALA C 185 -7.31 12.38 -54.03
C ALA C 185 -6.28 12.42 -55.15
N ALA C 186 -5.85 13.62 -55.55
CA ALA C 186 -4.85 13.74 -56.60
C ALA C 186 -3.52 13.13 -56.16
N GLU C 187 -3.10 13.39 -54.92
CA GLU C 187 -1.87 12.80 -54.41
C GLU C 187 -1.97 11.28 -54.32
N GLN C 188 -3.16 10.77 -53.99
CA GLN C 188 -3.36 9.33 -53.94
C GLN C 188 -3.13 8.69 -55.31
N ILE C 189 -3.62 9.33 -56.38
CA ILE C 189 -3.35 8.84 -57.72
C ILE C 189 -1.88 9.02 -58.08
N ASN C 190 -1.29 10.14 -57.64
CA ASN C 190 0.09 10.45 -57.98
C ASN C 190 1.10 9.55 -57.26
N LEU C 191 0.67 8.78 -56.26
CA LEU C 191 1.57 7.91 -55.52
C LEU C 191 1.22 6.43 -55.67
N TYR C 192 -0.06 6.07 -55.52
CA TYR C 192 -0.47 4.68 -55.55
C TYR C 192 -1.50 4.36 -56.63
N LYS C 193 -1.89 5.35 -57.43
CA LYS C 193 -2.75 5.14 -58.60
C LYS C 193 -4.14 4.66 -58.21
N ASN C 194 -4.24 3.47 -57.60
CA ASN C 194 -5.53 2.91 -57.27
C ASN C 194 -6.26 3.82 -56.29
N PRO C 195 -7.50 4.25 -56.59
CA PRO C 195 -8.13 5.28 -55.77
C PRO C 195 -8.58 4.77 -54.40
N THR C 196 -9.22 3.61 -54.34
CA THR C 196 -9.70 3.04 -53.08
C THR C 196 -8.77 1.91 -52.70
N THR C 197 -8.00 2.11 -51.62
CA THR C 197 -6.95 1.20 -51.23
C THR C 197 -7.24 0.61 -49.84
N TYR C 198 -6.48 -0.42 -49.50
CA TYR C 198 -6.63 -1.09 -48.21
C TYR C 198 -5.33 -1.79 -47.86
N VAL C 199 -5.05 -1.88 -46.57
CA VAL C 199 -3.92 -2.65 -46.05
C VAL C 199 -4.49 -3.67 -45.07
N SER C 200 -4.39 -4.95 -45.40
CA SER C 200 -4.90 -6.02 -44.56
C SER C 200 -3.76 -6.96 -44.17
N VAL C 201 -3.62 -7.20 -42.87
CA VAL C 201 -2.57 -8.04 -42.33
C VAL C 201 -3.21 -9.14 -41.49
N GLY C 202 -2.77 -10.38 -41.71
CA GLY C 202 -3.34 -11.51 -40.99
C GLY C 202 -2.32 -12.50 -40.48
N THR C 203 -2.53 -12.99 -39.25
CA THR C 203 -1.70 -14.02 -38.64
C THR C 203 -2.62 -15.03 -37.98
N SER C 204 -2.04 -15.90 -37.14
CA SER C 204 -2.84 -16.83 -36.38
C SER C 204 -3.73 -16.13 -35.35
N THR C 205 -3.24 -15.02 -34.78
CA THR C 205 -4.01 -14.25 -33.82
C THR C 205 -4.40 -12.86 -34.31
N LEU C 206 -3.68 -12.31 -35.27
CA LEU C 206 -3.97 -10.98 -35.80
C LEU C 206 -4.85 -11.08 -37.03
N ASN C 207 -5.85 -10.19 -37.10
CA ASN C 207 -6.75 -10.07 -38.26
C ASN C 207 -7.05 -8.59 -38.43
N GLN C 208 -6.27 -7.92 -39.28
CA GLN C 208 -6.28 -6.48 -39.40
C GLN C 208 -6.64 -6.07 -40.82
N ARG C 209 -7.34 -4.94 -40.93
CA ARG C 209 -7.59 -4.30 -42.22
C ARG C 209 -7.60 -2.80 -42.02
N LEU C 210 -6.68 -2.10 -42.70
CA LEU C 210 -6.55 -0.66 -42.58
C LEU C 210 -6.99 0.00 -43.88
N VAL C 211 -7.64 1.16 -43.76
CA VAL C 211 -8.08 1.95 -44.90
C VAL C 211 -7.46 3.34 -44.76
N PRO C 212 -6.82 3.88 -45.80
CA PRO C 212 -6.28 5.24 -45.70
C PRO C 212 -7.41 6.26 -45.54
N LYS C 213 -7.10 7.34 -44.83
CA LYS C 213 -8.05 8.41 -44.56
C LYS C 213 -7.55 9.69 -45.21
N ILE C 214 -8.20 10.08 -46.30
CA ILE C 214 -7.82 11.27 -47.05
C ILE C 214 -8.51 12.48 -46.44
N ALA C 215 -7.74 13.46 -46.01
CA ALA C 215 -8.28 14.68 -45.42
C ALA C 215 -7.17 15.73 -45.39
N THR C 216 -7.55 16.94 -44.98
CA THR C 216 -6.61 18.04 -44.80
C THR C 216 -6.20 18.11 -43.34
N ARG C 217 -4.89 18.18 -43.10
CA ARG C 217 -4.34 18.21 -41.76
C ARG C 217 -3.35 19.37 -41.65
N SER C 218 -2.75 19.51 -40.47
CA SER C 218 -1.72 20.51 -40.27
C SER C 218 -0.36 19.98 -40.73
N GLN C 219 0.58 20.90 -40.91
CA GLN C 219 1.91 20.55 -41.41
C GLN C 219 2.84 20.27 -40.24
N VAL C 220 3.42 19.07 -40.23
CA VAL C 220 4.40 18.67 -39.23
C VAL C 220 5.68 18.26 -39.95
N ASN C 221 6.80 18.88 -39.57
CA ASN C 221 8.09 18.64 -40.21
C ASN C 221 8.03 18.89 -41.72
N GLY C 222 7.25 19.89 -42.10
CA GLY C 222 7.08 20.24 -43.50
C GLY C 222 6.16 19.35 -44.30
N GLN C 223 5.65 18.27 -43.69
CA GLN C 223 4.77 17.34 -44.37
C GLN C 223 3.37 17.42 -43.76
N GLN C 224 2.37 17.20 -44.62
CA GLN C 224 0.98 17.25 -44.20
C GLN C 224 0.31 15.89 -44.12
N GLY C 225 0.88 14.87 -44.78
CA GLY C 225 0.36 13.52 -44.64
C GLY C 225 0.86 12.85 -43.37
N ARG C 226 0.28 11.69 -43.08
CA ARG C 226 0.60 10.94 -41.87
C ARG C 226 0.98 9.51 -42.22
N MET C 227 1.76 8.90 -41.32
CA MET C 227 2.22 7.52 -41.47
C MET C 227 1.98 6.82 -40.14
N ASP C 228 0.91 6.02 -40.06
CA ASP C 228 0.59 5.29 -38.85
C ASP C 228 1.17 3.88 -38.93
N PHE C 229 1.94 3.51 -37.92
CA PHE C 229 2.68 2.26 -37.91
C PHE C 229 2.09 1.27 -36.91
N PHE C 230 2.22 -0.01 -37.22
CA PHE C 230 1.71 -1.09 -36.39
C PHE C 230 2.81 -2.13 -36.19
N TRP C 231 2.58 -3.04 -35.24
CA TRP C 231 3.56 -4.06 -34.93
C TRP C 231 2.85 -5.29 -34.34
N THR C 232 3.58 -6.39 -34.32
CA THR C 232 3.08 -7.63 -33.72
C THR C 232 4.27 -8.51 -33.38
N ILE C 233 4.02 -9.53 -32.56
CA ILE C 233 5.02 -10.51 -32.19
C ILE C 233 4.68 -11.81 -32.91
N LEU C 234 5.54 -12.21 -33.84
CA LEU C 234 5.30 -13.42 -34.63
C LEU C 234 6.01 -14.59 -33.98
N LYS C 235 5.23 -15.56 -33.52
CA LYS C 235 5.79 -16.76 -32.92
C LYS C 235 6.46 -17.62 -33.99
N PRO C 236 7.40 -18.48 -33.59
CA PRO C 236 8.06 -19.35 -34.56
C PRO C 236 7.06 -20.29 -35.22
N ASN C 237 7.34 -20.63 -36.48
CA ASN C 237 6.56 -21.53 -37.32
C ASN C 237 5.19 -20.98 -37.69
N ASP C 238 4.94 -19.69 -37.46
CA ASP C 238 3.73 -19.02 -37.89
C ASP C 238 4.06 -17.98 -38.94
N ALA C 239 3.15 -17.81 -39.90
CA ALA C 239 3.35 -16.89 -41.01
C ALA C 239 2.51 -15.64 -40.82
N ILE C 240 3.00 -14.54 -41.39
CA ILE C 240 2.26 -13.29 -41.44
C ILE C 240 1.92 -13.00 -42.90
N HIS C 241 0.65 -12.67 -43.16
CA HIS C 241 0.13 -12.53 -44.52
C HIS C 241 -0.18 -11.07 -44.78
N PHE C 242 0.43 -10.52 -45.83
CA PHE C 242 0.25 -9.13 -46.22
C PHE C 242 -0.58 -9.07 -47.49
N GLU C 243 -1.46 -8.06 -47.57
CA GLU C 243 -2.32 -7.89 -48.73
C GLU C 243 -2.68 -6.41 -48.82
N SER C 244 -2.20 -5.73 -49.86
CA SER C 244 -2.48 -4.31 -50.03
C SER C 244 -2.45 -3.97 -51.51
N ASN C 245 -3.16 -2.89 -51.86
CA ASN C 245 -3.17 -2.35 -53.21
C ASN C 245 -2.77 -0.88 -53.23
N GLY C 246 -2.12 -0.41 -52.17
CA GLY C 246 -1.71 0.97 -52.08
C GLY C 246 -1.56 1.41 -50.65
N ASN C 247 -0.78 2.48 -50.46
CA ASN C 247 -0.54 3.09 -49.16
C ASN C 247 0.06 2.09 -48.17
N PHE C 248 0.85 1.15 -48.67
CA PHE C 248 1.44 0.11 -47.84
C PHE C 248 2.90 0.41 -47.56
N ILE C 249 3.28 0.32 -46.29
CA ILE C 249 4.66 0.48 -45.86
C ILE C 249 5.19 -0.94 -45.62
N ALA C 250 5.97 -1.45 -46.56
CA ALA C 250 6.46 -2.81 -46.45
C ALA C 250 7.54 -2.90 -45.38
N PRO C 251 7.55 -3.96 -44.57
CA PRO C 251 8.65 -4.16 -43.62
C PRO C 251 9.86 -4.74 -44.34
N GLU C 252 11.03 -4.16 -44.09
CA GLU C 252 12.28 -4.67 -44.64
C GLU C 252 13.10 -5.43 -43.61
N TYR C 253 13.28 -4.85 -42.42
CA TYR C 253 14.04 -5.48 -41.35
C TYR C 253 13.12 -5.82 -40.18
N ALA C 254 13.30 -7.02 -39.64
CA ALA C 254 12.59 -7.46 -38.45
C ALA C 254 13.57 -7.58 -37.28
N TYR C 255 13.06 -8.08 -36.15
CA TYR C 255 13.85 -8.14 -34.92
C TYR C 255 13.59 -9.48 -34.23
N LYS C 256 14.62 -10.33 -34.16
CA LYS C 256 14.55 -11.52 -33.34
C LYS C 256 14.57 -11.12 -31.87
N ILE C 257 13.63 -11.63 -31.09
CA ILE C 257 13.47 -11.22 -29.70
C ILE C 257 13.26 -12.44 -28.83
N VAL C 258 13.89 -12.43 -27.65
CA VAL C 258 13.65 -13.40 -26.59
C VAL C 258 13.45 -12.63 -25.30
N LYS C 259 12.32 -12.85 -24.63
CA LYS C 259 11.99 -12.13 -23.40
C LYS C 259 11.99 -13.09 -22.23
N LYS C 260 12.74 -12.74 -21.18
CA LYS C 260 12.80 -13.54 -19.97
C LYS C 260 12.41 -12.76 -18.72
N GLY C 261 12.22 -11.45 -18.80
CA GLY C 261 11.87 -10.65 -17.64
C GLY C 261 11.32 -9.31 -18.08
N ASP C 262 11.03 -8.47 -17.10
CA ASP C 262 10.39 -7.19 -17.35
C ASP C 262 11.15 -6.08 -16.62
N SER C 263 11.01 -4.87 -17.15
CA SER C 263 11.65 -3.67 -16.61
C SER C 263 10.74 -2.49 -16.91
N THR C 264 11.29 -1.28 -16.85
CA THR C 264 10.54 -0.08 -17.21
C THR C 264 11.46 0.88 -17.96
N ILE C 265 10.89 2.02 -18.37
CA ILE C 265 11.62 3.05 -19.10
C ILE C 265 12.09 4.10 -18.11
N MET C 266 13.37 4.46 -18.19
CA MET C 266 13.97 5.45 -17.31
C MET C 266 14.25 6.73 -18.10
N LYS C 267 13.68 7.84 -17.63
CA LYS C 267 13.90 9.15 -18.26
C LYS C 267 15.07 9.82 -17.56
N SER C 268 16.24 9.77 -18.19
CA SER C 268 17.45 10.35 -17.63
C SER C 268 18.24 11.06 -18.71
N GLU C 269 18.94 12.11 -18.31
CA GLU C 269 19.77 12.90 -19.22
C GLU C 269 21.24 12.48 -19.20
N MET C 270 21.62 11.55 -18.32
CA MET C 270 23.01 11.19 -18.14
C MET C 270 23.44 10.17 -19.20
N GLU C 271 24.63 9.60 -19.02
CA GLU C 271 25.20 8.67 -19.99
C GLU C 271 25.78 7.47 -19.22
N TYR C 272 26.50 6.62 -19.94
CA TYR C 272 27.07 5.42 -19.35
C TYR C 272 28.18 5.76 -18.35
N GLY C 273 28.26 4.95 -17.29
CA GLY C 273 29.26 5.16 -16.26
C GLY C 273 30.18 3.98 -16.05
N HIS C 274 29.95 2.89 -16.79
CA HIS C 274 30.78 1.68 -16.77
C HIS C 274 30.81 1.02 -15.40
N CYS C 275 29.79 1.26 -14.58
CA CYS C 275 29.69 0.75 -13.23
C CYS C 275 28.60 -0.32 -13.13
N ASN C 276 28.53 -0.95 -11.96
CA ASN C 276 27.55 -1.99 -11.69
C ASN C 276 26.81 -1.67 -10.40
N THR C 277 25.53 -2.03 -10.36
CA THR C 277 24.70 -1.70 -9.22
C THR C 277 23.54 -2.68 -9.11
N LYS C 278 22.91 -2.67 -7.94
CA LYS C 278 21.68 -3.41 -7.69
C LYS C 278 20.45 -2.51 -7.69
N CYS C 279 20.64 -1.20 -7.65
CA CYS C 279 19.53 -0.25 -7.60
C CYS C 279 19.94 1.01 -8.34
N GLN C 280 19.18 1.36 -9.39
CA GLN C 280 19.49 2.49 -10.24
C GLN C 280 18.39 3.53 -10.15
N THR C 281 18.78 4.80 -10.15
CA THR C 281 17.89 5.95 -10.16
C THR C 281 18.32 6.89 -11.27
N PRO C 282 17.43 7.75 -11.75
CA PRO C 282 17.80 8.64 -12.87
C PRO C 282 18.96 9.57 -12.57
N ILE C 283 19.25 9.84 -11.30
CA ILE C 283 20.34 10.73 -10.94
C ILE C 283 21.54 9.99 -10.39
N GLY C 284 21.53 8.67 -10.38
CA GLY C 284 22.67 7.89 -9.93
C GLY C 284 22.24 6.57 -9.35
N ALA C 285 23.22 5.68 -9.20
CA ALA C 285 23.00 4.36 -8.61
C ALA C 285 23.39 4.38 -7.14
N ILE C 286 22.77 3.49 -6.36
CA ILE C 286 23.00 3.42 -4.93
C ILE C 286 23.36 2.00 -4.53
N ASN C 287 24.35 1.87 -3.66
CA ASN C 287 24.83 0.58 -3.17
C ASN C 287 24.80 0.63 -1.64
N SER C 288 23.78 0.02 -1.04
CA SER C 288 23.67 -0.01 0.42
C SER C 288 22.73 -1.13 0.82
N SER C 289 22.89 -1.59 2.06
CA SER C 289 21.98 -2.55 2.66
C SER C 289 20.99 -1.88 3.61
N MET C 290 20.97 -0.55 3.65
CA MET C 290 20.03 0.16 4.51
C MET C 290 18.61 -0.08 4.04
N PRO C 291 17.65 -0.15 4.97
CA PRO C 291 16.25 -0.40 4.56
C PRO C 291 15.53 0.83 4.03
N PHE C 292 16.07 2.03 4.21
CA PHE C 292 15.39 3.26 3.80
C PHE C 292 16.34 4.17 3.06
N HIS C 293 15.80 4.88 2.06
CA HIS C 293 16.55 5.87 1.31
C HIS C 293 15.63 7.03 0.98
N ASN C 294 16.22 8.17 0.60
CA ASN C 294 15.46 9.37 0.29
C ASN C 294 15.99 10.07 -0.97
N ILE C 295 16.51 9.31 -1.92
CA ILE C 295 17.24 9.89 -3.03
C ILE C 295 16.36 10.13 -4.25
N HIS C 296 15.55 9.13 -4.65
CA HIS C 296 14.67 9.30 -5.79
C HIS C 296 13.57 8.26 -5.74
N PRO C 297 12.33 8.62 -6.09
CA PRO C 297 11.24 7.62 -6.07
C PRO C 297 11.29 6.65 -7.24
N LEU C 298 11.69 7.14 -8.41
CA LEU C 298 11.67 6.33 -9.64
C LEU C 298 12.91 5.44 -9.67
N THR C 299 12.79 4.29 -9.01
CA THR C 299 13.88 3.34 -8.87
C THR C 299 13.61 2.08 -9.67
N ILE C 300 14.69 1.41 -10.10
CA ILE C 300 14.60 0.12 -10.78
C ILE C 300 15.56 -0.84 -10.09
N GLY C 301 15.01 -1.92 -9.54
CA GLY C 301 15.80 -2.97 -8.92
C GLY C 301 15.39 -3.20 -7.48
N GLU C 302 16.21 -3.99 -6.78
CA GLU C 302 16.01 -4.25 -5.36
C GLU C 302 16.58 -3.07 -4.59
N CYS C 303 15.70 -2.23 -4.06
CA CYS C 303 16.06 -0.94 -3.51
C CYS C 303 15.53 -0.80 -2.10
N PRO C 304 16.12 0.08 -1.29
CA PRO C 304 15.52 0.40 0.00
C PRO C 304 14.18 1.10 -0.18
N LYS C 305 13.37 1.08 0.87
CA LYS C 305 12.07 1.72 0.82
C LYS C 305 12.25 3.24 0.80
N TYR C 306 11.61 3.89 -0.17
CA TYR C 306 11.72 5.33 -0.33
C TYR C 306 10.89 6.04 0.73
N VAL C 307 11.50 6.99 1.44
CA VAL C 307 10.85 7.71 2.51
C VAL C 307 11.15 9.20 2.37
N LYS C 308 10.28 10.01 2.97
CA LYS C 308 10.47 11.45 3.05
C LYS C 308 11.06 11.75 4.42
N SER C 309 12.39 11.75 4.50
CA SER C 309 13.08 11.97 5.75
C SER C 309 14.54 12.34 5.45
N ASN C 310 15.09 13.20 6.30
CA ASN C 310 16.48 13.62 6.13
C ASN C 310 17.45 12.74 6.91
N LYS C 311 17.02 12.15 8.03
CA LYS C 311 17.90 11.31 8.82
C LYS C 311 17.06 10.34 9.64
N LEU C 312 17.58 9.12 9.80
CA LEU C 312 17.00 8.09 10.67
C LEU C 312 18.15 7.53 11.48
N VAL C 313 18.45 8.16 12.61
CA VAL C 313 19.62 7.85 13.41
C VAL C 313 19.21 7.00 14.60
N LEU C 314 19.80 5.83 14.71
CA LEU C 314 19.53 4.90 15.81
C LEU C 314 20.61 5.06 16.87
N ALA C 315 20.19 5.31 18.11
CA ALA C 315 21.13 5.42 19.22
C ALA C 315 21.67 4.04 19.57
N THR C 316 23.00 3.89 19.52
CA THR C 316 23.65 2.66 19.93
C THR C 316 24.45 2.80 21.21
N GLY C 317 24.87 4.00 21.57
CA GLY C 317 25.60 4.26 22.79
C GLY C 317 24.72 4.74 23.92
N LEU C 318 25.35 5.38 24.89
CA LEU C 318 24.69 5.86 26.10
C LEU C 318 24.47 7.37 26.02
N ARG C 319 23.54 7.85 26.85
CA ARG C 319 23.35 9.29 26.98
C ARG C 319 24.63 9.94 27.49
N ASN C 320 25.03 11.04 26.85
CA ASN C 320 26.34 11.62 27.06
C ASN C 320 26.30 12.80 28.04
N SER C 321 27.45 13.05 28.66
CA SER C 321 27.65 14.07 29.66
C SER C 321 28.46 15.24 29.11
N PRO C 322 28.49 16.39 29.82
CA PRO C 322 29.24 17.55 29.31
C PRO C 322 30.75 17.39 29.42
N LEU C 323 31.48 18.44 29.06
CA LEU C 323 32.90 18.52 29.32
C LEU C 323 33.14 18.88 30.79
N ARG C 324 34.17 18.28 31.38
CA ARG C 324 34.48 18.53 32.78
C ARG C 324 35.96 18.82 33.00
N GLY D 1 10.16 4.67 32.10
CA GLY D 1 11.00 3.48 32.04
C GLY D 1 12.38 3.69 32.63
N LEU D 2 12.66 4.92 33.05
CA LEU D 2 13.95 5.25 33.62
C LEU D 2 14.18 4.43 34.89
N PHE D 3 15.39 3.87 35.03
CA PHE D 3 15.75 3.08 36.19
C PHE D 3 16.56 3.87 37.21
N GLY D 4 16.82 5.14 36.95
CA GLY D 4 17.42 6.03 37.93
C GLY D 4 18.93 6.06 37.95
N ALA D 5 19.61 5.18 37.21
CA ALA D 5 21.07 5.14 37.27
C ALA D 5 21.70 6.21 36.39
N ILE D 6 21.46 6.14 35.08
CA ILE D 6 22.04 7.10 34.16
C ILE D 6 21.27 8.42 34.27
N ALA D 7 22.01 9.52 34.45
CA ALA D 7 21.42 10.85 34.66
C ALA D 7 20.47 10.85 35.85
N GLY D 8 20.80 10.06 36.88
CA GLY D 8 19.98 9.95 38.07
C GLY D 8 20.83 10.06 39.31
N PHE D 9 20.77 9.05 40.20
CA PHE D 9 21.63 9.06 41.37
C PHE D 9 23.11 8.95 41.02
N ILE D 10 23.43 8.41 39.84
CA ILE D 10 24.78 8.48 39.29
C ILE D 10 24.77 9.65 38.30
N GLU D 11 25.42 10.75 38.67
CA GLU D 11 25.39 11.97 37.87
C GLU D 11 26.57 11.97 36.91
N GLY D 12 26.28 11.87 35.62
CA GLY D 12 27.29 11.99 34.59
C GLY D 12 28.14 10.73 34.44
N GLY D 13 28.75 10.60 33.26
CA GLY D 13 29.66 9.52 32.98
C GLY D 13 31.12 9.92 33.17
N TRP D 14 31.99 8.94 32.98
CA TRP D 14 33.43 9.13 33.13
C TRP D 14 34.11 9.07 31.78
N GLN D 15 34.94 10.07 31.49
CA GLN D 15 35.79 10.02 30.31
C GLN D 15 37.02 9.14 30.52
N GLY D 16 37.34 8.81 31.77
CA GLY D 16 38.50 7.97 32.06
C GLY D 16 38.27 6.49 31.90
N MET D 17 37.02 6.06 31.70
CA MET D 17 36.71 4.65 31.47
C MET D 17 36.59 4.43 29.97
N VAL D 18 37.75 4.28 29.32
CA VAL D 18 37.83 4.18 27.87
C VAL D 18 37.80 2.72 27.44
N ASP D 19 37.57 1.81 28.40
CA ASP D 19 37.66 0.39 28.14
C ASP D 19 36.32 -0.28 27.91
N GLY D 20 35.24 0.24 28.47
CA GLY D 20 33.94 -0.38 28.30
C GLY D 20 32.82 0.60 28.53
N TRP D 21 31.59 0.10 28.36
CA TRP D 21 30.41 0.95 28.54
C TRP D 21 30.08 1.13 30.01
N TYR D 22 30.06 0.06 30.78
CA TYR D 22 29.82 0.10 32.21
C TYR D 22 31.03 -0.46 32.95
N GLY D 23 31.31 0.11 34.12
CA GLY D 23 32.46 -0.32 34.87
C GLY D 23 32.50 0.27 36.26
N TYR D 24 33.69 0.21 36.87
CA TYR D 24 33.88 0.62 38.25
C TYR D 24 35.06 1.58 38.33
N HIS D 25 35.04 2.40 39.39
CA HIS D 25 36.19 3.19 39.79
C HIS D 25 36.42 2.99 41.28
N HIS D 26 37.64 2.58 41.63
CA HIS D 26 37.99 2.31 43.02
C HIS D 26 39.01 3.33 43.51
N SER D 27 39.18 3.37 44.82
CA SER D 27 40.16 4.27 45.44
C SER D 27 40.52 3.70 46.80
N ASN D 28 41.79 3.38 47.00
CA ASN D 28 42.25 2.76 48.23
C ASN D 28 43.69 3.22 48.50
N GLU D 29 44.39 2.50 49.37
CA GLU D 29 45.76 2.85 49.70
C GLU D 29 46.67 2.72 48.48
N GLN D 30 46.46 1.67 47.67
CA GLN D 30 47.29 1.46 46.49
C GLN D 30 47.06 2.50 45.41
N GLY D 31 46.00 3.30 45.51
CA GLY D 31 45.72 4.29 44.50
C GLY D 31 44.29 4.24 43.99
N SER D 32 44.10 4.60 42.72
CA SER D 32 42.77 4.64 42.13
C SER D 32 42.87 4.34 40.65
N GLY D 33 41.74 3.99 40.05
CA GLY D 33 41.70 3.71 38.64
C GLY D 33 40.34 3.18 38.23
N TYR D 34 40.15 3.11 36.92
CA TYR D 34 38.92 2.61 36.33
C TYR D 34 39.08 1.15 35.91
N ALA D 35 37.94 0.47 35.78
CA ALA D 35 37.95 -0.94 35.38
C ALA D 35 36.60 -1.26 34.74
N ALA D 36 36.61 -1.57 33.45
CA ALA D 36 35.38 -1.93 32.75
C ALA D 36 34.88 -3.30 33.18
N ASP D 37 33.56 -3.45 33.16
CA ASP D 37 32.91 -4.74 33.44
C ASP D 37 32.58 -5.37 32.10
N ARG D 38 33.37 -6.37 31.70
CA ARG D 38 33.21 -6.97 30.38
C ARG D 38 31.86 -7.64 30.24
N GLU D 39 31.39 -8.31 31.31
CA GLU D 39 30.18 -9.12 31.21
C GLU D 39 28.98 -8.28 30.81
N SER D 40 28.77 -7.15 31.50
CA SER D 40 27.67 -6.27 31.14
C SER D 40 27.93 -5.55 29.83
N THR D 41 29.18 -5.15 29.58
CA THR D 41 29.50 -4.42 28.36
C THR D 41 29.32 -5.29 27.13
N GLN D 42 29.84 -6.51 27.16
CA GLN D 42 29.71 -7.39 26.00
C GLN D 42 28.26 -7.82 25.79
N LYS D 43 27.52 -8.03 26.87
CA LYS D 43 26.10 -8.36 26.75
C LYS D 43 25.33 -7.20 26.12
N ALA D 44 25.63 -5.97 26.54
CA ALA D 44 24.93 -4.81 25.98
C ALA D 44 25.27 -4.60 24.51
N ILE D 45 26.55 -4.79 24.14
CA ILE D 45 26.95 -4.58 22.76
C ILE D 45 26.29 -5.61 21.84
N ASP D 46 26.24 -6.87 22.26
CA ASP D 46 25.60 -7.90 21.45
C ASP D 46 24.12 -7.61 21.27
N GLY D 47 23.44 -7.18 22.35
CA GLY D 47 22.02 -6.89 22.24
C GLY D 47 21.74 -5.68 21.35
N VAL D 48 22.55 -4.63 21.48
CA VAL D 48 22.36 -3.43 20.67
C VAL D 48 22.61 -3.73 19.19
N THR D 49 23.67 -4.49 18.90
CA THR D 49 23.95 -4.86 17.51
C THR D 49 22.84 -5.73 16.93
N ASN D 50 22.26 -6.61 17.76
CA ASN D 50 21.13 -7.40 17.30
C ASN D 50 19.94 -6.51 16.94
N LYS D 51 19.71 -5.46 17.74
CA LYS D 51 18.64 -4.51 17.43
C LYS D 51 18.87 -3.84 16.07
N VAL D 52 20.08 -3.33 15.84
CA VAL D 52 20.38 -2.67 14.58
C VAL D 52 20.24 -3.66 13.42
N ASN D 53 20.78 -4.86 13.59
CA ASN D 53 20.68 -5.87 12.54
C ASN D 53 19.24 -6.31 12.32
N SER D 54 18.47 -6.46 13.40
CA SER D 54 17.08 -6.87 13.26
C SER D 54 16.27 -5.84 12.50
N ILE D 55 16.50 -4.55 12.77
CA ILE D 55 15.79 -3.51 12.05
C ILE D 55 16.21 -3.48 10.58
N ILE D 56 17.47 -3.79 10.29
CA ILE D 56 17.97 -3.72 8.92
C ILE D 56 17.67 -5.02 8.17
N ASP D 57 18.04 -6.16 8.75
CA ASP D 57 17.99 -7.43 8.01
C ASP D 57 16.58 -7.96 7.83
N LYS D 58 15.62 -7.53 8.65
CA LYS D 58 14.25 -8.01 8.51
C LYS D 58 13.50 -7.33 7.38
N MET D 59 14.09 -6.31 6.76
CA MET D 59 13.46 -5.64 5.63
C MET D 59 13.55 -6.51 4.38
N ASN D 60 12.42 -6.69 3.72
CA ASN D 60 12.36 -7.46 2.48
C ASN D 60 12.36 -6.51 1.29
N THR D 61 13.28 -6.73 0.36
CA THR D 61 13.37 -5.94 -0.86
C THR D 61 13.33 -6.87 -2.05
N GLN D 62 12.49 -6.54 -3.03
CA GLN D 62 12.37 -7.33 -4.25
C GLN D 62 12.59 -6.43 -5.46
N PHE D 63 12.85 -7.06 -6.60
CA PHE D 63 13.09 -6.31 -7.83
C PHE D 63 11.82 -5.59 -8.26
N GLU D 64 11.92 -4.29 -8.45
CA GLU D 64 10.79 -3.48 -8.91
C GLU D 64 11.29 -2.48 -9.94
N ALA D 65 10.44 -2.21 -10.93
CA ALA D 65 10.72 -1.22 -11.96
C ALA D 65 9.66 -0.13 -11.87
N VAL D 66 10.06 1.08 -11.47
CA VAL D 66 9.15 2.18 -11.24
C VAL D 66 9.47 3.27 -12.24
N GLY D 67 8.49 3.61 -13.08
CA GLY D 67 8.65 4.63 -14.09
C GLY D 67 7.32 5.25 -14.43
N ARG D 68 7.33 6.14 -15.42
CA ARG D 68 6.13 6.83 -15.89
C ARG D 68 5.82 6.30 -17.29
N GLU D 69 4.97 5.28 -17.36
CA GLU D 69 4.71 4.53 -18.59
C GLU D 69 3.30 4.78 -19.13
N PHE D 70 2.71 5.92 -18.82
CA PHE D 70 1.36 6.23 -19.25
C PHE D 70 1.33 7.56 -19.99
N ASN D 71 0.47 7.64 -21.00
CA ASN D 71 0.36 8.82 -21.85
C ASN D 71 -0.70 9.78 -21.29
N ASN D 72 -0.91 10.89 -22.01
CA ASN D 72 -1.85 11.92 -21.57
C ASN D 72 -3.30 11.47 -21.64
N LEU D 73 -3.60 10.36 -22.31
CA LEU D 73 -4.95 9.83 -22.37
C LEU D 73 -5.18 8.72 -21.35
N GLU D 74 -4.25 8.53 -20.42
CA GLU D 74 -4.40 7.58 -19.33
C GLU D 74 -4.06 8.25 -17.99
N ARG D 75 -4.51 9.50 -17.83
CA ARG D 75 -4.21 10.24 -16.61
C ARG D 75 -4.90 9.63 -15.40
N ARG D 76 -6.08 9.03 -15.59
CA ARG D 76 -6.77 8.37 -14.48
C ARG D 76 -5.96 7.20 -13.95
N ILE D 77 -5.35 6.43 -14.84
CA ILE D 77 -4.51 5.30 -14.41
C ILE D 77 -3.26 5.81 -13.71
N GLU D 78 -2.68 6.91 -14.21
CA GLU D 78 -1.52 7.49 -13.55
C GLU D 78 -1.85 7.93 -12.13
N ASN D 79 -2.99 8.62 -11.96
CA ASN D 79 -3.38 9.06 -10.63
C ASN D 79 -3.57 7.87 -9.68
N LEU D 80 -3.94 6.72 -10.21
CA LEU D 80 -3.98 5.51 -9.39
C LEU D 80 -2.58 5.13 -8.92
N ASN D 81 -1.61 5.13 -9.83
CA ASN D 81 -0.23 4.85 -9.46
C ASN D 81 0.33 5.92 -8.55
N LYS D 82 -0.01 7.19 -8.80
CA LYS D 82 0.40 8.26 -7.92
C LYS D 82 -0.21 8.10 -6.53
N LYS D 83 -1.49 7.72 -6.46
CA LYS D 83 -2.11 7.47 -5.18
C LYS D 83 -1.44 6.32 -4.45
N MET D 84 -1.03 5.29 -5.19
CA MET D 84 -0.37 4.14 -4.57
C MET D 84 1.03 4.50 -4.10
N GLU D 85 1.81 5.18 -4.94
CA GLU D 85 3.18 5.52 -4.57
C GLU D 85 3.21 6.45 -3.37
N ASP D 86 2.34 7.46 -3.35
CA ASP D 86 2.26 8.35 -2.20
C ASP D 86 1.79 7.62 -0.95
N GLY D 87 0.89 6.64 -1.11
CA GLY D 87 0.41 5.90 0.04
C GLY D 87 1.50 5.08 0.71
N PHE D 88 2.33 4.40 -0.09
CA PHE D 88 3.41 3.61 0.49
C PHE D 88 4.49 4.50 1.12
N LEU D 89 4.73 5.67 0.54
CA LEU D 89 5.67 6.60 1.14
C LEU D 89 5.21 7.04 2.53
N ASP D 90 3.93 7.35 2.68
CA ASP D 90 3.41 7.78 3.97
C ASP D 90 3.44 6.67 5.00
N VAL D 91 3.21 5.42 4.58
CA VAL D 91 3.27 4.29 5.50
C VAL D 91 4.70 4.09 5.99
N TRP D 92 5.66 4.05 5.06
CA TRP D 92 7.05 3.78 5.43
C TRP D 92 7.65 4.94 6.22
N THR D 93 7.33 6.18 5.85
CA THR D 93 7.87 7.34 6.55
C THR D 93 7.40 7.37 7.99
N TYR D 94 6.08 7.20 8.21
CA TYR D 94 5.54 7.23 9.57
C TYR D 94 6.11 6.10 10.41
N ASN D 95 6.21 4.90 9.83
CA ASN D 95 6.71 3.75 10.59
C ASN D 95 8.19 3.94 10.95
N ALA D 96 9.01 4.33 9.97
CA ALA D 96 10.44 4.47 10.22
C ALA D 96 10.72 5.53 11.27
N GLU D 97 10.04 6.68 11.19
CA GLU D 97 10.26 7.74 12.17
C GLU D 97 9.80 7.29 13.57
N LEU D 98 8.65 6.62 13.66
CA LEU D 98 8.14 6.22 14.96
C LEU D 98 8.89 5.03 15.53
N LEU D 99 9.29 4.08 14.67
CA LEU D 99 10.08 2.96 15.14
C LEU D 99 11.43 3.42 15.69
N VAL D 100 12.08 4.35 14.99
CA VAL D 100 13.33 4.92 15.49
C VAL D 100 13.09 5.66 16.80
N LEU D 101 12.02 6.46 16.85
CA LEU D 101 11.69 7.18 18.08
C LEU D 101 11.40 6.22 19.22
N MET D 102 10.65 5.15 18.94
CA MET D 102 10.27 4.22 20.00
C MET D 102 11.45 3.38 20.47
N GLU D 103 12.30 2.95 19.53
CA GLU D 103 13.41 2.10 19.92
C GLU D 103 14.57 2.89 20.53
N ASN D 104 14.72 4.16 20.16
CA ASN D 104 15.76 4.98 20.78
C ASN D 104 15.51 5.14 22.27
N GLU D 105 14.25 5.32 22.66
CA GLU D 105 13.91 5.38 24.09
C GLU D 105 14.17 4.03 24.75
N ARG D 106 13.90 2.93 24.05
CA ARG D 106 14.18 1.60 24.60
C ARG D 106 15.67 1.42 24.86
N THR D 107 16.51 1.86 23.93
CA THR D 107 17.96 1.69 24.08
C THR D 107 18.48 2.50 25.26
N LEU D 108 18.00 3.73 25.44
CA LEU D 108 18.47 4.54 26.55
C LEU D 108 18.06 3.93 27.89
N ASP D 109 16.87 3.35 27.96
CA ASP D 109 16.46 2.67 29.18
C ASP D 109 17.22 1.35 29.37
N PHE D 110 17.66 0.73 28.27
CA PHE D 110 18.46 -0.48 28.38
C PHE D 110 19.79 -0.19 29.08
N HIS D 111 20.46 0.91 28.68
CA HIS D 111 21.69 1.29 29.36
C HIS D 111 21.44 1.68 30.80
N ASP D 112 20.33 2.37 31.07
CA ASP D 112 19.98 2.74 32.44
C ASP D 112 19.77 1.49 33.30
N SER D 113 19.09 0.49 32.76
CA SER D 113 18.85 -0.74 33.52
C SER D 113 20.14 -1.47 33.82
N ASN D 114 21.07 -1.53 32.86
CA ASN D 114 22.31 -2.26 33.05
C ASN D 114 23.15 -1.64 34.16
N VAL D 115 23.23 -0.31 34.20
CA VAL D 115 23.99 0.35 35.26
C VAL D 115 23.36 0.09 36.62
N LYS D 116 22.03 0.18 36.70
CA LYS D 116 21.34 -0.08 37.96
C LYS D 116 21.56 -1.52 38.41
N ASN D 117 21.48 -2.47 37.48
CA ASN D 117 21.74 -3.86 37.83
C ASN D 117 23.18 -4.06 38.25
N LEU D 118 24.11 -3.36 37.60
CA LEU D 118 25.51 -3.41 38.04
C LEU D 118 25.68 -2.85 39.44
N TYR D 119 25.00 -1.73 39.73
CA TYR D 119 25.04 -1.18 41.08
C TYR D 119 24.42 -2.14 42.08
N ASP D 120 23.29 -2.76 41.74
CA ASP D 120 22.62 -3.67 42.66
C ASP D 120 23.47 -4.90 42.93
N LYS D 121 24.13 -5.44 41.90
CA LYS D 121 24.95 -6.64 42.08
C LYS D 121 26.08 -6.40 43.07
N VAL D 122 26.69 -5.21 43.01
CA VAL D 122 27.73 -4.86 43.98
C VAL D 122 27.15 -4.77 45.38
N ARG D 123 25.97 -4.17 45.52
CA ARG D 123 25.39 -3.95 46.84
C ARG D 123 25.07 -5.26 47.54
N LEU D 124 24.57 -6.26 46.80
CA LEU D 124 24.22 -7.53 47.40
C LEU D 124 25.43 -8.22 48.04
N GLN D 125 26.62 -8.04 47.46
CA GLN D 125 27.83 -8.63 48.02
C GLN D 125 28.26 -7.91 49.29
N LEU D 126 28.26 -6.58 49.26
CA LEU D 126 28.91 -5.81 50.32
C LEU D 126 28.09 -5.82 51.61
N ARG D 127 26.76 -5.70 51.49
CA ARG D 127 25.84 -5.71 52.64
C ARG D 127 26.27 -4.62 53.61
N ASP D 128 26.44 -4.92 54.90
CA ASP D 128 26.79 -3.92 55.89
C ASP D 128 28.29 -3.69 56.01
N ASN D 129 29.11 -4.45 55.27
CA ASN D 129 30.56 -4.22 55.27
C ASN D 129 30.93 -2.88 54.65
N ALA D 130 30.01 -2.24 53.93
CA ALA D 130 30.23 -0.91 53.38
C ALA D 130 28.90 -0.16 53.43
N LYS D 131 28.99 1.16 53.39
CA LYS D 131 27.82 2.02 53.43
C LYS D 131 27.60 2.67 52.07
N GLU D 132 26.33 2.83 51.69
CA GLU D 132 25.97 3.42 50.41
C GLU D 132 25.92 4.94 50.54
N LEU D 133 26.65 5.63 49.67
CA LEU D 133 26.72 7.08 49.70
C LEU D 133 25.61 7.75 48.91
N GLY D 134 24.90 7.00 48.05
CA GLY D 134 23.80 7.53 47.28
C GLY D 134 24.16 8.04 45.91
N ASN D 135 25.44 8.33 45.66
CA ASN D 135 25.90 8.80 44.36
C ASN D 135 26.44 7.66 43.49
N GLY D 136 26.02 6.43 43.76
CA GLY D 136 26.57 5.29 43.07
C GLY D 136 27.85 4.74 43.66
N CYS D 137 28.25 5.22 44.83
CA CYS D 137 29.51 4.83 45.45
C CYS D 137 29.26 4.16 46.79
N PHE D 138 30.18 3.27 47.16
CA PHE D 138 30.15 2.58 48.44
C PHE D 138 31.41 2.92 49.22
N GLU D 139 31.24 3.34 50.47
CA GLU D 139 32.38 3.59 51.35
C GLU D 139 32.64 2.31 52.17
N PHE D 140 33.79 1.69 51.95
CA PHE D 140 34.12 0.47 52.66
C PHE D 140 34.40 0.77 54.13
N TYR D 141 33.80 -0.02 55.01
CA TYR D 141 34.15 0.05 56.43
C TYR D 141 35.48 -0.62 56.71
N HIS D 142 35.76 -1.72 56.02
CA HIS D 142 37.01 -2.45 56.16
C HIS D 142 38.02 -2.01 55.10
N LYS D 143 39.26 -2.43 55.29
CA LYS D 143 40.35 -2.06 54.38
C LYS D 143 40.33 -2.98 53.17
N CYS D 144 40.08 -2.40 51.99
CA CYS D 144 39.91 -3.16 50.75
C CYS D 144 41.03 -2.79 49.79
N ASP D 145 41.93 -3.73 49.53
CA ASP D 145 43.06 -3.49 48.64
C ASP D 145 42.67 -3.83 47.20
N ASN D 146 43.65 -3.80 46.29
CA ASN D 146 43.38 -4.07 44.88
C ASN D 146 42.88 -5.50 44.69
N GLU D 147 43.46 -6.45 45.42
CA GLU D 147 42.98 -7.82 45.37
C GLU D 147 41.55 -7.91 45.86
N CYS D 148 41.23 -7.18 46.93
CA CYS D 148 39.85 -7.06 47.39
C CYS D 148 38.96 -6.41 46.33
N MET D 149 39.46 -5.36 45.67
CA MET D 149 38.65 -4.66 44.67
C MET D 149 38.31 -5.58 43.50
N GLU D 150 39.28 -6.39 43.05
CA GLU D 150 39.01 -7.30 41.94
C GLU D 150 37.96 -8.34 42.30
N SER D 151 37.88 -8.71 43.58
CA SER D 151 36.88 -9.69 44.01
C SER D 151 35.46 -9.14 43.85
N VAL D 152 35.26 -7.86 44.15
CA VAL D 152 33.94 -7.27 44.02
C VAL D 152 33.53 -7.18 42.55
N ARG D 153 34.48 -6.86 41.68
CA ARG D 153 34.17 -6.66 40.26
C ARG D 153 33.71 -7.95 39.60
N ASN D 154 34.35 -9.08 39.91
CA ASN D 154 34.02 -10.36 39.29
C ASN D 154 33.07 -11.19 40.13
N GLY D 155 32.54 -10.65 41.21
CA GLY D 155 31.53 -11.33 42.00
C GLY D 155 32.05 -12.33 43.01
N THR D 156 33.36 -12.38 43.24
CA THR D 156 33.94 -13.33 44.18
C THR D 156 34.26 -12.69 45.54
N TYR D 157 33.52 -11.65 45.92
CA TYR D 157 33.75 -11.01 47.20
C TYR D 157 33.41 -11.96 48.34
N ASP D 158 34.31 -12.07 49.32
CA ASP D 158 34.11 -12.93 50.48
C ASP D 158 33.68 -12.07 51.65
N TYR D 159 32.39 -12.11 51.96
CA TYR D 159 31.85 -11.35 53.08
C TYR D 159 32.45 -11.71 54.44
N PRO D 160 32.56 -12.98 54.84
CA PRO D 160 32.88 -13.27 56.25
C PRO D 160 34.32 -13.02 56.64
N GLN D 161 35.22 -12.73 55.70
CA GLN D 161 36.59 -12.42 56.09
C GLN D 161 36.68 -11.09 56.85
N TYR D 162 35.85 -10.12 56.48
CA TYR D 162 35.94 -8.77 57.02
C TYR D 162 34.73 -8.35 57.83
N SER D 163 33.88 -9.31 58.25
CA SER D 163 32.69 -8.94 59.02
C SER D 163 33.07 -8.30 60.34
N GLU D 164 33.93 -8.97 61.12
CA GLU D 164 34.35 -8.41 62.41
C GLU D 164 35.15 -7.12 62.21
N GLU D 165 36.02 -7.09 61.21
CA GLU D 165 36.79 -5.88 60.94
C GLU D 165 35.87 -4.72 60.57
N ALA D 166 34.85 -4.99 59.77
CA ALA D 166 33.87 -3.95 59.46
C ALA D 166 32.97 -3.68 60.65
N ARG D 167 32.59 -4.72 61.39
CA ARG D 167 31.76 -4.53 62.58
C ARG D 167 32.48 -3.69 63.62
N LEU D 168 33.76 -3.96 63.87
CA LEU D 168 34.52 -3.17 64.82
C LEU D 168 34.63 -1.73 64.37
N LYS D 169 34.87 -1.52 63.07
CA LYS D 169 34.93 -0.16 62.54
C LYS D 169 33.56 0.51 62.61
N ARG D 170 32.49 -0.23 62.31
CA ARG D 170 31.14 0.34 62.38
C ARG D 170 30.78 0.75 63.80
N GLU D 171 31.12 -0.08 64.78
CA GLU D 171 30.87 0.27 66.18
C GLU D 171 31.74 1.45 66.61
N GLU D 172 32.98 1.50 66.12
CA GLU D 172 33.88 2.59 66.47
C GLU D 172 33.38 3.94 65.98
N ILE D 173 32.55 3.96 64.94
CA ILE D 173 32.02 5.21 64.40
C ILE D 173 31.13 5.84 65.48
N SER D 174 31.60 6.93 66.07
CA SER D 174 30.90 7.56 67.19
C SER D 174 30.24 8.87 66.75
N PRO E 1 22.58 -23.80 60.39
CA PRO E 1 22.25 -23.38 59.03
C PRO E 1 21.36 -22.14 59.00
N GLY E 2 20.04 -22.34 59.07
CA GLY E 2 19.11 -21.24 59.05
C GLY E 2 17.95 -21.43 58.10
N ASP E 3 16.75 -21.05 58.54
CA ASP E 3 15.56 -21.16 57.69
C ASP E 3 15.66 -20.21 56.50
N GLN E 4 15.10 -20.64 55.37
CA GLN E 4 15.22 -19.91 54.13
C GLN E 4 13.88 -19.80 53.42
N ILE E 5 13.68 -18.68 52.73
CA ILE E 5 12.58 -18.49 51.79
C ILE E 5 13.18 -17.89 50.52
N CYS E 6 12.72 -18.37 49.36
CA CYS E 6 13.32 -18.01 48.09
C CYS E 6 12.24 -17.59 47.10
N ILE E 7 12.58 -16.63 46.25
CA ILE E 7 11.70 -16.17 45.18
C ILE E 7 12.19 -16.81 43.88
N GLY E 8 11.27 -17.39 43.11
CA GLY E 8 11.63 -18.06 41.89
C GLY E 8 10.49 -18.04 40.88
N TYR E 9 10.74 -18.67 39.74
CA TYR E 9 9.78 -18.66 38.63
C TYR E 9 9.72 -20.05 38.00
N HIS E 10 8.70 -20.23 37.16
CA HIS E 10 8.37 -21.55 36.62
C HIS E 10 9.38 -21.99 35.55
N ALA E 11 9.49 -23.30 35.39
CA ALA E 11 10.29 -23.90 34.33
C ALA E 11 9.69 -25.25 33.97
N ASN E 12 9.85 -25.64 32.70
CA ASN E 12 9.34 -26.92 32.24
C ASN E 12 10.30 -27.47 31.19
N ASN E 13 9.85 -28.51 30.48
CA ASN E 13 10.67 -29.21 29.49
C ASN E 13 10.56 -28.64 28.09
N SER E 14 9.83 -27.55 27.90
CA SER E 14 9.61 -27.00 26.57
C SER E 14 10.91 -26.52 25.95
N THR E 15 11.10 -26.86 24.67
CA THR E 15 12.23 -26.38 23.89
C THR E 15 11.80 -25.31 22.88
N GLU E 16 10.58 -24.80 23.00
CA GLU E 16 10.12 -23.75 22.10
C GLU E 16 10.99 -22.52 22.20
N GLN E 17 11.28 -21.91 21.06
CA GLN E 17 12.19 -20.77 20.98
C GLN E 17 11.50 -19.60 20.31
N VAL E 18 11.75 -18.40 20.83
CA VAL E 18 11.23 -17.16 20.25
C VAL E 18 12.40 -16.23 20.03
N ASP E 19 12.15 -15.19 19.22
CA ASP E 19 13.15 -14.18 18.89
C ASP E 19 12.72 -12.84 19.45
N THR E 20 13.65 -12.14 20.08
CA THR E 20 13.44 -10.79 20.57
C THR E 20 14.29 -9.81 19.79
N ILE E 21 14.12 -8.53 20.07
CA ILE E 21 14.88 -7.49 19.38
C ILE E 21 16.36 -7.61 19.71
N MET E 22 16.69 -7.97 20.96
CA MET E 22 18.08 -8.00 21.41
C MET E 22 18.69 -9.39 21.43
N GLU E 23 17.89 -10.45 21.49
CA GLU E 23 18.39 -11.80 21.64
C GLU E 23 17.77 -12.72 20.60
N LYS E 24 18.49 -13.79 20.27
CA LYS E 24 18.07 -14.75 19.26
C LYS E 24 18.02 -16.15 19.86
N ASN E 25 17.00 -16.92 19.46
CA ASN E 25 16.81 -18.30 19.89
C ASN E 25 16.72 -18.38 21.42
N VAL E 26 15.69 -17.75 21.96
CA VAL E 26 15.46 -17.71 23.41
C VAL E 26 14.40 -18.74 23.76
N THR E 27 14.78 -19.75 24.53
CA THR E 27 13.86 -20.80 24.93
C THR E 27 12.83 -20.26 25.92
N VAL E 28 11.58 -20.68 25.76
CA VAL E 28 10.48 -20.22 26.59
C VAL E 28 9.65 -21.40 27.06
N THR E 29 8.90 -21.19 28.15
CA THR E 29 8.06 -22.25 28.70
C THR E 29 6.81 -22.47 27.86
N HIS E 30 6.31 -21.42 27.20
CA HIS E 30 5.10 -21.51 26.41
C HIS E 30 5.14 -20.46 25.32
N ALA E 31 4.66 -20.82 24.13
CA ALA E 31 4.71 -19.93 22.99
C ALA E 31 3.49 -20.15 22.11
N GLN E 32 3.15 -19.13 21.33
CA GLN E 32 2.01 -19.19 20.42
C GLN E 32 2.41 -18.60 19.07
N ASP E 33 2.07 -19.30 17.99
CA ASP E 33 2.35 -18.84 16.64
C ASP E 33 1.13 -18.13 16.08
N ILE E 34 1.33 -16.95 15.52
CA ILE E 34 0.25 -16.16 14.95
C ILE E 34 0.30 -16.16 13.43
N LEU E 35 0.99 -17.12 12.83
CA LEU E 35 1.10 -17.26 11.39
C LEU E 35 0.43 -18.55 10.94
N GLU E 36 -0.48 -18.43 9.97
CA GLU E 36 -1.20 -19.59 9.46
C GLU E 36 -0.51 -20.16 8.23
N LYS E 37 -0.28 -21.47 8.26
CA LYS E 37 0.45 -22.20 7.24
C LYS E 37 -0.23 -23.52 6.83
N THR E 38 -1.49 -23.77 7.25
CA THR E 38 -2.16 -25.03 6.94
C THR E 38 -3.44 -24.77 6.17
N HIS E 39 -3.77 -25.71 5.28
CA HIS E 39 -4.99 -25.64 4.49
C HIS E 39 -5.47 -27.05 4.22
N ASN E 40 -6.76 -27.17 3.90
CA ASN E 40 -7.35 -28.48 3.64
C ASN E 40 -7.04 -29.00 2.25
N GLY E 41 -6.48 -28.17 1.36
CA GLY E 41 -6.16 -28.61 0.02
C GLY E 41 -7.37 -28.98 -0.83
N ARG E 42 -8.50 -28.30 -0.63
CA ARG E 42 -9.72 -28.60 -1.35
C ARG E 42 -10.43 -27.31 -1.72
N LEU E 43 -11.25 -27.39 -2.76
CA LEU E 43 -12.07 -26.26 -3.21
C LEU E 43 -13.37 -26.27 -2.41
N CYS E 44 -13.53 -25.27 -1.54
CA CYS E 44 -14.69 -25.19 -0.67
C CYS E 44 -15.70 -24.16 -1.18
N ASP E 45 -16.90 -24.23 -0.63
CA ASP E 45 -17.88 -23.18 -0.85
C ASP E 45 -17.44 -21.90 -0.16
N LEU E 46 -17.75 -20.76 -0.78
CA LEU E 46 -17.44 -19.45 -0.21
C LEU E 46 -18.72 -18.93 0.46
N ASN E 47 -18.76 -19.03 1.79
CA ASN E 47 -19.93 -18.61 2.57
C ASN E 47 -21.19 -19.32 2.11
N GLY E 48 -21.08 -20.62 1.84
CA GLY E 48 -22.22 -21.44 1.50
C GLY E 48 -22.64 -21.41 0.04
N VAL E 49 -21.84 -20.80 -0.84
CA VAL E 49 -22.16 -20.70 -2.26
C VAL E 49 -21.15 -21.54 -3.03
N LYS E 50 -21.65 -22.45 -3.87
CA LYS E 50 -20.78 -23.35 -4.61
C LYS E 50 -20.06 -22.60 -5.73
N PRO E 51 -18.76 -22.82 -5.89
CA PRO E 51 -18.06 -22.20 -7.02
C PRO E 51 -18.42 -22.85 -8.34
N LEU E 52 -18.24 -22.10 -9.42
CA LEU E 52 -18.46 -22.58 -10.78
C LEU E 52 -17.14 -23.12 -11.32
N ILE E 53 -17.03 -24.43 -11.45
CA ILE E 53 -15.78 -25.09 -11.84
C ILE E 53 -15.94 -25.59 -13.26
N LEU E 54 -15.21 -24.97 -14.19
CA LEU E 54 -15.16 -25.42 -15.58
C LEU E 54 -13.97 -26.35 -15.72
N LYS E 55 -14.25 -27.66 -15.84
CA LYS E 55 -13.21 -28.66 -15.69
C LYS E 55 -12.22 -28.63 -16.85
N ASP E 56 -12.72 -28.62 -18.09
CA ASP E 56 -11.86 -28.53 -19.27
C ASP E 56 -12.41 -27.49 -20.24
N CYS E 57 -12.81 -26.33 -19.70
CA CYS E 57 -13.38 -25.27 -20.50
C CYS E 57 -12.89 -23.92 -20.00
N SER E 58 -12.46 -23.07 -20.93
CA SER E 58 -12.32 -21.66 -20.63
C SER E 58 -13.71 -21.04 -20.51
N VAL E 59 -13.75 -19.82 -19.99
CA VAL E 59 -15.04 -19.15 -19.80
C VAL E 59 -15.73 -18.96 -21.14
N ALA E 60 -15.00 -18.45 -22.14
CA ALA E 60 -15.61 -18.10 -23.42
C ALA E 60 -16.24 -19.31 -24.10
N GLY E 61 -15.55 -20.45 -24.08
CA GLY E 61 -16.12 -21.66 -24.65
C GLY E 61 -17.32 -22.19 -23.92
N TRP E 62 -17.60 -21.69 -22.72
CA TRP E 62 -18.74 -22.14 -21.93
C TRP E 62 -20.01 -21.38 -22.26
N LEU E 63 -19.95 -20.05 -22.41
CA LEU E 63 -21.15 -19.31 -22.78
C LEU E 63 -21.56 -19.60 -24.22
N LEU E 64 -20.59 -19.56 -25.15
CA LEU E 64 -20.91 -19.75 -26.56
C LEU E 64 -21.40 -21.16 -26.86
N GLY E 65 -21.04 -22.14 -26.05
CA GLY E 65 -21.52 -23.49 -26.25
C GLY E 65 -20.62 -24.35 -27.11
N ASN E 66 -19.35 -24.45 -26.73
CA ASN E 66 -18.42 -25.29 -27.47
C ASN E 66 -18.93 -26.73 -27.46
N PRO E 67 -18.94 -27.42 -28.61
CA PRO E 67 -19.49 -28.77 -28.64
C PRO E 67 -18.82 -29.75 -27.69
N MET E 68 -17.50 -29.62 -27.49
CA MET E 68 -16.77 -30.47 -26.56
C MET E 68 -16.70 -29.89 -25.15
N CYS E 69 -17.69 -29.07 -24.78
CA CYS E 69 -17.66 -28.34 -23.52
C CYS E 69 -18.92 -28.47 -22.69
N ASP E 70 -20.05 -28.84 -23.28
CA ASP E 70 -21.31 -28.91 -22.52
C ASP E 70 -21.46 -30.24 -21.80
N GLU E 71 -20.43 -30.63 -21.05
CA GLU E 71 -20.56 -31.69 -20.07
C GLU E 71 -21.08 -31.17 -18.75
N PHE E 72 -21.48 -29.91 -18.70
CA PHE E 72 -21.90 -29.23 -17.49
C PHE E 72 -23.42 -29.31 -17.30
N ILE E 73 -23.87 -28.88 -16.12
CA ILE E 73 -25.26 -28.94 -15.70
C ILE E 73 -25.62 -27.55 -15.16
N ARG E 74 -26.85 -27.40 -14.68
CA ARG E 74 -27.34 -26.11 -14.20
C ARG E 74 -26.71 -25.76 -12.86
N VAL E 75 -26.04 -24.62 -12.80
CA VAL E 75 -25.63 -24.00 -11.56
C VAL E 75 -26.26 -22.61 -11.49
N PRO E 76 -27.40 -22.48 -10.80
CA PRO E 76 -28.11 -21.20 -10.81
C PRO E 76 -27.34 -20.04 -10.18
N GLU E 77 -26.38 -20.33 -9.30
CA GLU E 77 -25.66 -19.28 -8.58
C GLU E 77 -24.28 -19.80 -8.19
N TRP E 78 -23.30 -18.91 -8.19
CA TRP E 78 -21.95 -19.28 -7.79
C TRP E 78 -21.25 -18.09 -7.15
N SER E 79 -20.18 -18.39 -6.42
CA SER E 79 -19.39 -17.39 -5.72
C SER E 79 -18.07 -17.06 -6.39
N TYR E 80 -17.50 -17.98 -7.17
CA TYR E 80 -16.34 -17.67 -7.99
C TYR E 80 -16.23 -18.73 -9.07
N ILE E 81 -15.43 -18.41 -10.09
CA ILE E 81 -15.25 -19.29 -11.25
C ILE E 81 -13.85 -19.89 -11.17
N VAL E 82 -13.79 -21.22 -11.28
CA VAL E 82 -12.52 -21.96 -11.23
C VAL E 82 -12.20 -22.40 -12.65
N GLU E 83 -11.11 -21.87 -13.20
CA GLU E 83 -10.60 -22.25 -14.49
C GLU E 83 -9.25 -22.95 -14.32
N ARG E 84 -8.98 -23.91 -15.19
CA ARG E 84 -7.62 -24.43 -15.27
C ARG E 84 -6.71 -23.38 -15.91
N THR E 85 -5.41 -23.51 -15.66
CA THR E 85 -4.47 -22.54 -16.20
C THR E 85 -4.51 -22.50 -17.73
N ASN E 86 -4.56 -23.68 -18.35
CA ASN E 86 -4.69 -23.80 -19.81
C ASN E 86 -5.83 -24.76 -20.11
N PRO E 87 -7.06 -24.27 -20.15
CA PRO E 87 -8.19 -25.13 -20.53
C PRO E 87 -8.02 -25.63 -21.96
N ALA E 88 -8.46 -26.87 -22.20
CA ALA E 88 -8.30 -27.46 -23.52
C ALA E 88 -9.19 -26.81 -24.55
N ASN E 89 -10.44 -26.52 -24.18
CA ASN E 89 -11.46 -26.05 -25.14
C ASN E 89 -11.77 -24.59 -24.85
N ASP E 90 -11.06 -23.69 -25.53
CA ASP E 90 -11.38 -22.27 -25.43
C ASP E 90 -12.33 -21.83 -26.53
N LEU E 91 -11.88 -21.89 -27.79
CA LEU E 91 -12.65 -21.42 -28.94
C LEU E 91 -12.37 -22.39 -30.09
N CYS E 92 -13.29 -23.31 -30.33
CA CYS E 92 -13.09 -24.32 -31.37
C CYS E 92 -12.96 -23.67 -32.75
N TYR E 93 -13.85 -22.74 -33.08
CA TYR E 93 -13.61 -21.96 -34.28
C TYR E 93 -12.70 -20.78 -33.96
N PRO E 94 -11.61 -20.60 -34.68
CA PRO E 94 -10.66 -19.53 -34.34
C PRO E 94 -11.32 -18.16 -34.40
N GLY E 95 -10.90 -17.28 -33.51
CA GLY E 95 -11.48 -15.96 -33.40
C GLY E 95 -11.22 -15.38 -32.03
N ASN E 96 -12.02 -14.37 -31.68
CA ASN E 96 -11.87 -13.68 -30.42
C ASN E 96 -13.25 -13.37 -29.84
N LEU E 97 -13.28 -13.07 -28.55
CA LEU E 97 -14.47 -12.59 -27.87
C LEU E 97 -14.16 -11.21 -27.30
N ASN E 98 -14.86 -10.20 -27.81
CA ASN E 98 -14.56 -8.82 -27.44
C ASN E 98 -14.83 -8.58 -25.97
N ASP E 99 -13.96 -7.80 -25.33
CA ASP E 99 -14.07 -7.46 -23.91
C ASP E 99 -14.19 -8.71 -23.05
N TYR E 100 -13.36 -9.71 -23.37
CA TYR E 100 -13.44 -11.01 -22.69
C TYR E 100 -13.15 -10.88 -21.20
N GLU E 101 -12.12 -10.12 -20.84
CA GLU E 101 -11.72 -10.01 -19.45
C GLU E 101 -12.78 -9.31 -18.60
N GLU E 102 -13.36 -8.22 -19.13
CA GLU E 102 -14.41 -7.53 -18.40
C GLU E 102 -15.65 -8.41 -18.26
N LEU E 103 -15.94 -9.22 -19.29
CA LEU E 103 -17.03 -10.19 -19.18
C LEU E 103 -16.73 -11.23 -18.12
N LYS E 104 -15.49 -11.71 -18.06
CA LYS E 104 -15.10 -12.68 -17.04
C LYS E 104 -15.24 -12.09 -15.64
N HIS E 105 -14.87 -10.82 -15.48
CA HIS E 105 -15.07 -10.16 -14.19
C HIS E 105 -16.55 -10.07 -13.84
N LEU E 106 -17.39 -9.85 -14.84
CA LEU E 106 -18.84 -9.77 -14.61
C LEU E 106 -19.37 -11.07 -14.03
N LEU E 107 -18.99 -12.20 -14.63
CA LEU E 107 -19.57 -13.48 -14.29
C LEU E 107 -18.88 -14.16 -13.12
N SER E 108 -17.90 -13.49 -12.48
CA SER E 108 -17.22 -14.09 -11.34
C SER E 108 -18.18 -14.37 -10.21
N ARG E 109 -19.06 -13.42 -9.89
CA ARG E 109 -20.12 -13.60 -8.90
C ARG E 109 -21.45 -13.27 -9.55
N ILE E 110 -22.36 -14.24 -9.58
CA ILE E 110 -23.67 -14.07 -10.17
C ILE E 110 -24.72 -14.60 -9.19
N ASN E 111 -25.70 -13.77 -8.89
CA ASN E 111 -26.75 -14.18 -7.96
C ASN E 111 -27.72 -15.16 -8.60
N HIS E 112 -28.01 -14.98 -9.90
CA HIS E 112 -28.94 -15.86 -10.59
C HIS E 112 -28.54 -15.98 -12.06
N PHE E 113 -28.44 -17.21 -12.55
CA PHE E 113 -28.09 -17.49 -13.93
C PHE E 113 -29.08 -18.49 -14.50
N GLU E 114 -29.55 -18.23 -15.71
CA GLU E 114 -30.52 -19.12 -16.35
C GLU E 114 -30.42 -18.98 -17.86
N LYS E 115 -30.06 -20.07 -18.53
CA LYS E 115 -30.05 -20.08 -20.00
C LYS E 115 -31.49 -20.08 -20.51
N THR E 116 -31.78 -19.20 -21.46
CA THR E 116 -33.11 -19.10 -22.03
C THR E 116 -33.04 -18.97 -23.55
N LEU E 117 -34.02 -19.58 -24.22
CA LEU E 117 -34.13 -19.47 -25.67
C LEU E 117 -34.83 -18.17 -26.03
N ILE E 118 -34.19 -17.36 -26.87
CA ILE E 118 -34.74 -16.06 -27.23
C ILE E 118 -35.06 -16.02 -28.72
N ILE E 119 -34.29 -16.75 -29.52
CA ILE E 119 -34.51 -16.80 -30.97
C ILE E 119 -34.36 -18.25 -31.43
N PRO E 120 -35.44 -19.01 -31.52
CA PRO E 120 -35.35 -20.39 -32.01
C PRO E 120 -34.99 -20.42 -33.49
N LYS E 121 -34.46 -21.57 -33.91
CA LYS E 121 -34.01 -21.73 -35.29
C LYS E 121 -35.15 -21.60 -36.30
N SER E 122 -36.40 -21.82 -35.87
CA SER E 122 -37.54 -21.67 -36.77
C SER E 122 -37.74 -20.22 -37.21
N SER E 123 -37.14 -19.26 -36.50
CA SER E 123 -37.30 -17.84 -36.80
C SER E 123 -36.48 -17.38 -38.00
N TRP E 124 -35.94 -18.31 -38.78
CA TRP E 124 -35.19 -18.00 -40.01
C TRP E 124 -35.76 -18.83 -41.15
N PRO E 125 -37.00 -18.56 -41.56
CA PRO E 125 -37.62 -19.39 -42.61
C PRO E 125 -36.95 -19.29 -43.96
N ASN E 126 -36.25 -18.19 -44.24
CA ASN E 126 -35.60 -17.98 -45.53
C ASN E 126 -34.07 -17.97 -45.41
N HIS E 127 -33.55 -18.70 -44.44
CA HIS E 127 -32.11 -18.79 -44.23
C HIS E 127 -31.74 -20.20 -43.79
N GLU E 128 -30.48 -20.57 -44.03
CA GLU E 128 -29.97 -21.88 -43.67
C GLU E 128 -29.29 -21.80 -42.31
N THR E 129 -29.76 -22.62 -41.36
CA THR E 129 -29.28 -22.60 -39.99
C THR E 129 -28.46 -23.83 -39.63
N SER E 130 -28.19 -24.72 -40.59
CA SER E 130 -27.47 -25.95 -40.33
C SER E 130 -25.96 -25.80 -40.54
N GLY E 131 -25.42 -24.58 -40.42
CA GLY E 131 -24.00 -24.36 -40.57
C GLY E 131 -23.19 -25.15 -39.56
N VAL E 132 -22.20 -25.89 -40.04
CA VAL E 132 -21.43 -26.81 -39.22
C VAL E 132 -19.99 -26.84 -39.74
N SER E 133 -19.03 -26.85 -38.81
CA SER E 133 -17.62 -26.78 -39.16
C SER E 133 -16.87 -27.95 -38.54
N ALA E 134 -15.79 -28.36 -39.21
CA ALA E 134 -14.94 -29.42 -38.69
C ALA E 134 -14.04 -28.93 -37.55
N ALA E 135 -13.87 -27.62 -37.41
CA ALA E 135 -13.11 -27.08 -36.28
C ALA E 135 -13.85 -27.17 -34.97
N CYS E 136 -15.15 -27.47 -35.00
CA CYS E 136 -15.98 -27.56 -33.80
C CYS E 136 -16.60 -28.94 -33.75
N PRO E 137 -15.81 -29.96 -33.40
CA PRO E 137 -16.32 -31.34 -33.45
C PRO E 137 -16.99 -31.77 -32.16
N TYR E 138 -18.00 -32.62 -32.32
CA TYR E 138 -18.67 -33.28 -31.19
C TYR E 138 -18.72 -34.77 -31.51
N GLN E 139 -18.05 -35.57 -30.70
CA GLN E 139 -17.96 -37.03 -30.90
C GLN E 139 -17.40 -37.38 -32.28
N GLY E 140 -16.53 -36.53 -32.81
CA GLY E 140 -15.96 -36.75 -34.13
C GLY E 140 -16.69 -36.10 -35.30
N VAL E 141 -18.01 -36.25 -35.36
CA VAL E 141 -18.77 -35.61 -36.44
C VAL E 141 -18.74 -34.10 -36.25
N PRO E 142 -18.53 -33.33 -37.32
CA PRO E 142 -18.46 -31.86 -37.16
C PRO E 142 -19.75 -31.28 -36.61
N SER E 143 -19.61 -30.19 -35.86
CA SER E 143 -20.73 -29.54 -35.19
C SER E 143 -20.44 -28.05 -35.13
N PHE E 144 -21.17 -27.34 -34.27
CA PHE E 144 -21.03 -25.89 -34.12
C PHE E 144 -21.34 -25.52 -32.67
N PHE E 145 -21.19 -24.23 -32.37
CA PHE E 145 -21.58 -23.73 -31.06
C PHE E 145 -23.07 -23.97 -30.82
N ARG E 146 -23.41 -24.47 -29.64
CA ARG E 146 -24.79 -24.84 -29.35
C ARG E 146 -25.69 -23.66 -29.04
N ASN E 147 -25.14 -22.48 -28.79
CA ASN E 147 -25.93 -21.33 -28.39
C ASN E 147 -26.02 -20.23 -29.43
N VAL E 148 -25.26 -20.34 -30.53
CA VAL E 148 -25.35 -19.41 -31.64
C VAL E 148 -25.58 -20.18 -32.92
N VAL E 149 -26.08 -19.48 -33.94
CA VAL E 149 -26.51 -20.09 -35.19
C VAL E 149 -25.72 -19.47 -36.34
N TRP E 150 -25.12 -20.32 -37.16
CA TRP E 150 -24.42 -19.88 -38.37
C TRP E 150 -25.42 -19.80 -39.50
N LEU E 151 -25.79 -18.57 -39.88
CA LEU E 151 -26.79 -18.36 -40.93
C LEU E 151 -26.15 -18.40 -42.30
N THR E 152 -26.69 -19.22 -43.18
CA THR E 152 -26.15 -19.45 -44.51
C THR E 152 -27.23 -19.18 -45.55
N LYS E 153 -26.78 -18.91 -46.78
CA LYS E 153 -27.71 -18.60 -47.86
C LYS E 153 -28.62 -19.78 -48.15
N LYS E 154 -29.86 -19.47 -48.56
CA LYS E 154 -30.87 -20.47 -48.86
C LYS E 154 -31.49 -20.15 -50.21
N ASN E 155 -31.63 -21.18 -51.05
CA ASN E 155 -32.18 -21.03 -52.40
C ASN E 155 -31.43 -19.97 -53.19
N ASP E 156 -30.10 -19.96 -53.04
CA ASP E 156 -29.22 -19.03 -53.76
C ASP E 156 -29.56 -17.58 -53.46
N ALA E 157 -30.00 -17.29 -52.23
CA ALA E 157 -30.38 -15.94 -51.86
C ALA E 157 -30.24 -15.76 -50.36
N TYR E 158 -29.79 -14.57 -49.95
CA TYR E 158 -29.66 -14.19 -48.55
C TYR E 158 -30.49 -12.93 -48.33
N PRO E 159 -31.76 -13.08 -47.96
CA PRO E 159 -32.58 -11.89 -47.65
C PRO E 159 -32.01 -11.12 -46.47
N THR E 160 -32.14 -9.80 -46.53
CA THR E 160 -31.63 -8.94 -45.47
C THR E 160 -32.46 -9.13 -44.20
N ILE E 161 -31.76 -9.34 -43.08
CA ILE E 161 -32.40 -9.59 -41.80
C ILE E 161 -32.65 -8.26 -41.10
N LYS E 162 -33.87 -8.08 -40.58
CA LYS E 162 -34.21 -6.95 -39.71
C LYS E 162 -35.02 -7.53 -38.56
N MET E 163 -34.33 -7.96 -37.51
CA MET E 163 -34.94 -8.70 -36.40
C MET E 163 -34.72 -7.96 -35.09
N SER E 164 -35.72 -8.01 -34.21
CA SER E 164 -35.65 -7.38 -32.91
C SER E 164 -36.18 -8.34 -31.85
N TYR E 165 -35.45 -8.46 -30.74
CA TYR E 165 -35.90 -9.22 -29.58
C TYR E 165 -36.02 -8.27 -28.39
N ASN E 166 -37.18 -8.26 -27.76
CA ASN E 166 -37.46 -7.42 -26.61
C ASN E 166 -37.30 -8.23 -25.33
N ASN E 167 -36.56 -7.69 -24.36
CA ASN E 167 -36.35 -8.40 -23.10
C ASN E 167 -37.61 -8.32 -22.24
N THR E 168 -38.54 -9.25 -22.46
CA THR E 168 -39.76 -9.30 -21.68
C THR E 168 -39.54 -9.91 -20.30
N ASN E 169 -38.40 -10.55 -20.07
CA ASN E 169 -38.08 -11.07 -18.75
C ASN E 169 -37.79 -9.93 -17.79
N GLY E 170 -38.02 -10.19 -16.50
CA GLY E 170 -37.75 -9.21 -15.47
C GLY E 170 -36.30 -9.07 -15.07
N GLU E 171 -35.42 -9.87 -15.65
CA GLU E 171 -33.99 -9.83 -15.35
C GLU E 171 -33.22 -9.33 -16.57
N ASP E 172 -31.96 -9.00 -16.35
CA ASP E 172 -31.08 -8.61 -17.44
C ASP E 172 -30.71 -9.84 -18.27
N LEU E 173 -30.38 -9.61 -19.54
CA LEU E 173 -30.04 -10.68 -20.47
C LEU E 173 -28.66 -10.44 -21.05
N LEU E 174 -27.82 -11.48 -21.03
CA LEU E 174 -26.51 -11.45 -21.65
C LEU E 174 -26.63 -12.09 -23.03
N ILE E 175 -26.56 -11.26 -24.07
CA ILE E 175 -26.76 -11.68 -25.45
C ILE E 175 -25.41 -11.67 -26.16
N LEU E 176 -25.09 -12.77 -26.85
CA LEU E 176 -23.84 -12.91 -27.58
C LEU E 176 -24.13 -13.16 -29.05
N TRP E 177 -23.50 -12.38 -29.92
CA TRP E 177 -23.59 -12.54 -31.36
C TRP E 177 -22.18 -12.52 -31.93
N GLY E 178 -22.07 -12.67 -33.25
CA GLY E 178 -20.76 -12.73 -33.87
C GLY E 178 -20.82 -12.43 -35.36
N ILE E 179 -19.64 -12.22 -35.93
CA ILE E 179 -19.47 -11.97 -37.35
C ILE E 179 -18.39 -12.93 -37.87
N HIS E 180 -18.65 -13.53 -39.03
CA HIS E 180 -17.71 -14.45 -39.65
C HIS E 180 -16.89 -13.72 -40.70
N HIS E 181 -15.56 -13.81 -40.58
CA HIS E 181 -14.64 -13.25 -41.55
C HIS E 181 -14.21 -14.35 -42.52
N SER E 182 -14.38 -14.09 -43.82
CA SER E 182 -14.03 -15.07 -44.83
C SER E 182 -12.60 -14.85 -45.33
N ASN E 183 -12.12 -15.78 -46.15
CA ASN E 183 -10.77 -15.73 -46.69
C ASN E 183 -10.70 -15.27 -48.14
N ASN E 184 -11.74 -15.49 -48.92
CA ASN E 184 -11.75 -15.08 -50.32
C ASN E 184 -13.16 -14.73 -50.74
N ALA E 185 -13.28 -14.12 -51.92
CA ALA E 185 -14.58 -13.73 -52.44
C ALA E 185 -15.44 -14.95 -52.76
N ALA E 186 -14.83 -16.02 -53.28
CA ALA E 186 -15.60 -17.21 -53.63
C ALA E 186 -16.25 -17.83 -52.40
N GLU E 187 -15.52 -17.89 -51.28
CA GLU E 187 -16.10 -18.37 -50.04
C GLU E 187 -17.24 -17.46 -49.58
N GLN E 188 -17.06 -16.14 -49.75
CA GLN E 188 -18.12 -15.19 -49.40
C GLN E 188 -19.38 -15.46 -50.20
N ILE E 189 -19.26 -15.62 -51.52
CA ILE E 189 -20.42 -15.83 -52.36
C ILE E 189 -21.03 -17.20 -52.13
N ASN E 190 -20.18 -18.23 -51.98
CA ASN E 190 -20.68 -19.58 -51.77
C ASN E 190 -21.41 -19.73 -50.44
N LEU E 191 -21.13 -18.86 -49.47
CA LEU E 191 -21.74 -18.95 -48.15
C LEU E 191 -22.87 -17.95 -47.95
N TYR E 192 -22.75 -16.75 -48.49
CA TYR E 192 -23.74 -15.69 -48.25
C TYR E 192 -24.28 -15.03 -49.51
N LYS E 193 -23.60 -15.15 -50.66
CA LYS E 193 -24.08 -14.73 -51.97
C LYS E 193 -24.10 -13.22 -52.14
N ASN E 194 -23.90 -12.48 -51.05
CA ASN E 194 -23.82 -11.03 -51.12
C ASN E 194 -22.36 -10.61 -50.96
N PRO E 195 -21.74 -10.01 -51.97
CA PRO E 195 -20.30 -9.73 -51.88
C PRO E 195 -19.94 -8.80 -50.74
N THR E 196 -20.57 -7.62 -50.68
CA THR E 196 -20.37 -6.67 -49.60
C THR E 196 -21.46 -6.86 -48.56
N THR E 197 -21.06 -7.03 -47.30
CA THR E 197 -21.99 -7.40 -46.25
C THR E 197 -21.70 -6.61 -44.99
N TYR E 198 -22.67 -6.63 -44.07
CA TYR E 198 -22.56 -5.89 -42.82
C TYR E 198 -23.38 -6.60 -41.75
N VAL E 199 -23.02 -6.34 -40.50
CA VAL E 199 -23.78 -6.77 -39.34
C VAL E 199 -23.92 -5.55 -38.42
N SER E 200 -25.15 -5.06 -38.28
CA SER E 200 -25.41 -3.87 -37.46
C SER E 200 -26.30 -4.26 -36.29
N VAL E 201 -25.90 -3.84 -35.10
CA VAL E 201 -26.61 -4.17 -33.86
C VAL E 201 -26.91 -2.87 -33.12
N GLY E 202 -28.13 -2.76 -32.60
CA GLY E 202 -28.53 -1.55 -31.90
C GLY E 202 -29.41 -1.78 -30.68
N THR E 203 -29.11 -1.09 -29.59
CA THR E 203 -29.94 -1.09 -28.39
C THR E 203 -30.10 0.33 -27.90
N SER E 204 -30.60 0.50 -26.67
CA SER E 204 -30.74 1.84 -26.10
C SER E 204 -29.39 2.53 -25.94
N THR E 205 -28.32 1.76 -25.74
CA THR E 205 -26.99 2.32 -25.59
C THR E 205 -26.00 1.86 -26.65
N LEU E 206 -26.19 0.67 -27.22
CA LEU E 206 -25.23 0.10 -28.17
C LEU E 206 -25.57 0.52 -29.59
N ASN E 207 -24.52 0.86 -30.36
CA ASN E 207 -24.65 1.22 -31.77
C ASN E 207 -23.44 0.66 -32.49
N GLN E 208 -23.59 -0.52 -33.08
CA GLN E 208 -22.48 -1.28 -33.63
C GLN E 208 -22.67 -1.53 -35.13
N ARG E 209 -21.56 -1.51 -35.87
CA ARG E 209 -21.56 -1.81 -37.30
C ARG E 209 -20.30 -2.62 -37.60
N LEU E 210 -20.49 -3.87 -37.99
CA LEU E 210 -19.37 -4.79 -38.24
C LEU E 210 -19.33 -5.14 -39.73
N VAL E 211 -18.15 -5.06 -40.32
CA VAL E 211 -17.91 -5.42 -41.71
C VAL E 211 -16.83 -6.49 -41.74
N PRO E 212 -17.05 -7.61 -42.43
CA PRO E 212 -16.03 -8.67 -42.45
C PRO E 212 -14.76 -8.21 -43.14
N LYS E 213 -13.64 -8.77 -42.70
CA LYS E 213 -12.32 -8.51 -43.28
C LYS E 213 -11.95 -9.73 -44.10
N ILE E 214 -12.28 -9.71 -45.39
CA ILE E 214 -12.00 -10.82 -46.28
C ILE E 214 -10.51 -10.77 -46.62
N ALA E 215 -9.72 -11.54 -45.90
CA ALA E 215 -8.27 -11.51 -46.05
C ALA E 215 -7.71 -12.89 -45.71
N THR E 216 -6.47 -13.11 -46.13
CA THR E 216 -5.81 -14.38 -45.90
C THR E 216 -5.17 -14.40 -44.51
N ARG E 217 -5.43 -15.47 -43.77
CA ARG E 217 -4.94 -15.62 -42.41
C ARG E 217 -4.36 -17.00 -42.21
N SER E 218 -3.47 -17.11 -41.23
CA SER E 218 -2.88 -18.39 -40.89
C SER E 218 -3.93 -19.34 -40.32
N GLN E 219 -3.76 -20.63 -40.62
CA GLN E 219 -4.73 -21.63 -40.20
C GLN E 219 -4.66 -21.85 -38.69
N VAL E 220 -5.82 -21.85 -38.05
CA VAL E 220 -5.96 -22.21 -36.64
C VAL E 220 -7.12 -23.18 -36.51
N ASN E 221 -6.87 -24.31 -35.86
CA ASN E 221 -7.88 -25.37 -35.69
C ASN E 221 -8.42 -25.86 -37.03
N GLY E 222 -7.62 -25.72 -38.09
CA GLY E 222 -8.00 -26.15 -39.41
C GLY E 222 -8.66 -25.11 -40.28
N GLN E 223 -8.95 -23.92 -39.76
CA GLN E 223 -9.63 -22.88 -40.50
C GLN E 223 -8.74 -21.65 -40.64
N GLN E 224 -8.73 -21.08 -41.84
CA GLN E 224 -8.08 -19.79 -42.08
C GLN E 224 -9.00 -18.62 -41.79
N GLY E 225 -10.31 -18.87 -41.60
CA GLY E 225 -11.24 -17.83 -41.25
C GLY E 225 -11.36 -17.64 -39.75
N ARG E 226 -12.02 -16.56 -39.36
CA ARG E 226 -12.18 -16.21 -37.97
C ARG E 226 -13.64 -15.89 -37.68
N MET E 227 -13.99 -15.90 -36.39
CA MET E 227 -15.34 -15.58 -35.92
C MET E 227 -15.20 -14.66 -34.71
N ASP E 228 -15.31 -13.35 -34.95
CA ASP E 228 -15.27 -12.36 -33.88
C ASP E 228 -16.63 -12.29 -33.20
N PHE E 229 -16.65 -12.54 -31.89
CA PHE E 229 -17.89 -12.56 -31.12
C PHE E 229 -18.00 -11.32 -30.25
N PHE E 230 -19.23 -10.88 -30.01
CA PHE E 230 -19.51 -9.69 -29.22
C PHE E 230 -20.65 -10.00 -28.26
N TRP E 231 -20.72 -9.24 -27.17
CA TRP E 231 -21.73 -9.44 -26.15
C TRP E 231 -22.25 -8.09 -25.66
N THR E 232 -23.38 -8.14 -24.97
CA THR E 232 -23.97 -6.96 -24.35
C THR E 232 -24.94 -7.41 -23.28
N ILE E 233 -25.32 -6.47 -22.41
CA ILE E 233 -26.30 -6.70 -21.36
C ILE E 233 -27.55 -5.92 -21.71
N LEU E 234 -28.67 -6.63 -21.91
CA LEU E 234 -29.93 -6.03 -22.32
C LEU E 234 -30.77 -5.78 -21.07
N LYS E 235 -31.00 -4.50 -20.76
CA LYS E 235 -31.80 -4.14 -19.61
C LYS E 235 -33.25 -4.60 -19.80
N PRO E 236 -33.97 -4.81 -18.71
CA PRO E 236 -35.38 -5.22 -18.83
C PRO E 236 -36.19 -4.18 -19.60
N ASN E 237 -37.15 -4.68 -20.38
CA ASN E 237 -38.04 -3.89 -21.25
C ASN E 237 -37.28 -3.22 -22.39
N ASP E 238 -36.04 -3.59 -22.64
CA ASP E 238 -35.27 -3.10 -23.78
C ASP E 238 -35.22 -4.17 -24.87
N ALA E 239 -34.99 -3.72 -26.09
CA ALA E 239 -34.93 -4.61 -27.24
C ALA E 239 -33.63 -4.39 -28.00
N ILE E 240 -33.08 -5.49 -28.52
CA ILE E 240 -31.87 -5.45 -29.34
C ILE E 240 -32.30 -5.64 -30.79
N HIS E 241 -31.75 -4.82 -31.69
CA HIS E 241 -32.15 -4.80 -33.09
C HIS E 241 -30.98 -5.27 -33.96
N PHE E 242 -31.23 -6.30 -34.75
CA PHE E 242 -30.23 -6.89 -35.63
C PHE E 242 -30.59 -6.59 -37.08
N GLU E 243 -29.60 -6.11 -37.84
CA GLU E 243 -29.77 -5.88 -39.27
C GLU E 243 -28.51 -6.34 -39.97
N SER E 244 -28.58 -7.47 -40.67
CA SER E 244 -27.43 -8.04 -41.35
C SER E 244 -27.86 -8.63 -42.69
N ASN E 245 -26.92 -8.65 -43.64
CA ASN E 245 -27.13 -9.25 -44.94
C ASN E 245 -26.10 -10.35 -45.23
N GLY E 246 -25.45 -10.87 -44.21
CA GLY E 246 -24.46 -11.90 -44.38
C GLY E 246 -23.47 -11.92 -43.24
N ASN E 247 -22.81 -13.08 -43.08
CA ASN E 247 -21.76 -13.29 -42.09
C ASN E 247 -22.24 -13.09 -40.65
N PHE E 248 -23.55 -13.19 -40.42
CA PHE E 248 -24.11 -12.97 -39.09
C PHE E 248 -24.18 -14.30 -38.35
N ILE E 249 -23.61 -14.34 -37.16
CA ILE E 249 -23.72 -15.49 -36.26
C ILE E 249 -24.81 -15.10 -35.25
N ALA E 250 -26.05 -15.45 -35.56
CA ALA E 250 -27.19 -15.02 -34.77
C ALA E 250 -27.21 -15.72 -33.42
N PRO E 251 -27.71 -15.04 -32.38
CA PRO E 251 -27.86 -15.70 -31.08
C PRO E 251 -29.09 -16.59 -31.04
N GLU E 252 -28.95 -17.73 -30.35
CA GLU E 252 -30.05 -18.66 -30.12
C GLU E 252 -30.46 -18.72 -28.66
N TYR E 253 -29.49 -18.92 -27.76
CA TYR E 253 -29.72 -18.96 -26.33
C TYR E 253 -29.15 -17.69 -25.69
N ALA E 254 -29.86 -17.15 -24.72
CA ALA E 254 -29.40 -16.02 -23.92
C ALA E 254 -29.29 -16.46 -22.46
N TYR E 255 -28.97 -15.51 -21.58
CA TYR E 255 -28.76 -15.81 -20.17
C TYR E 255 -29.45 -14.76 -19.32
N LYS E 256 -30.38 -15.20 -18.47
CA LYS E 256 -30.95 -14.34 -17.44
C LYS E 256 -29.93 -14.21 -16.32
N ILE E 257 -29.48 -12.98 -16.05
CA ILE E 257 -28.33 -12.75 -15.21
C ILE E 257 -28.66 -11.69 -14.17
N VAL E 258 -28.36 -11.99 -12.90
CA VAL E 258 -28.50 -11.05 -11.80
C VAL E 258 -27.17 -10.98 -11.06
N LYS E 259 -26.65 -9.77 -10.86
CA LYS E 259 -25.39 -9.56 -10.18
C LYS E 259 -25.61 -8.74 -8.93
N LYS E 260 -25.05 -9.21 -7.81
CA LYS E 260 -25.12 -8.50 -6.54
C LYS E 260 -23.77 -8.33 -5.86
N GLY E 261 -22.73 -9.06 -6.27
CA GLY E 261 -21.41 -8.93 -5.69
C GLY E 261 -20.35 -9.07 -6.75
N ASP E 262 -19.10 -9.00 -6.31
CA ASP E 262 -17.95 -9.08 -7.21
C ASP E 262 -16.95 -10.10 -6.70
N SER E 263 -16.26 -10.73 -7.65
CA SER E 263 -15.26 -11.76 -7.37
C SER E 263 -14.22 -11.71 -8.47
N THR E 264 -13.45 -12.78 -8.63
CA THR E 264 -12.48 -12.89 -9.70
C THR E 264 -12.41 -14.35 -10.17
N ILE E 265 -11.67 -14.57 -11.25
CA ILE E 265 -11.45 -15.92 -11.77
C ILE E 265 -10.22 -16.50 -11.10
N MET E 266 -10.35 -17.73 -10.60
CA MET E 266 -9.27 -18.42 -9.91
C MET E 266 -8.72 -19.52 -10.83
N LYS E 267 -7.42 -19.46 -11.10
CA LYS E 267 -6.75 -20.47 -11.91
C LYS E 267 -6.24 -21.58 -11.01
N SER E 268 -6.91 -22.73 -11.04
CA SER E 268 -6.53 -23.86 -10.19
C SER E 268 -6.82 -25.15 -10.92
N GLU E 269 -6.10 -26.20 -10.52
CA GLU E 269 -6.23 -27.52 -11.13
C GLU E 269 -6.71 -28.56 -10.12
N MET E 270 -7.51 -28.13 -9.14
CA MET E 270 -8.07 -29.01 -8.13
C MET E 270 -9.59 -29.10 -8.29
N GLU E 271 -10.17 -30.08 -7.61
CA GLU E 271 -11.59 -30.39 -7.75
C GLU E 271 -12.35 -30.01 -6.48
N TYR E 272 -13.65 -30.26 -6.51
CA TYR E 272 -14.55 -29.89 -5.41
C TYR E 272 -14.21 -30.67 -4.15
N GLY E 273 -14.52 -30.08 -3.00
CA GLY E 273 -14.21 -30.69 -1.73
C GLY E 273 -15.40 -30.87 -0.80
N HIS E 274 -16.57 -30.39 -1.23
CA HIS E 274 -17.81 -30.51 -0.44
C HIS E 274 -17.62 -29.92 0.96
N CYS E 275 -17.16 -28.67 0.99
CA CYS E 275 -16.77 -28.01 2.23
C CYS E 275 -17.09 -26.52 2.11
N ASN E 276 -17.14 -25.86 3.25
CA ASN E 276 -17.41 -24.42 3.33
C ASN E 276 -16.21 -23.71 3.92
N THR E 277 -15.96 -22.49 3.44
CA THR E 277 -14.81 -21.73 3.89
C THR E 277 -15.12 -20.24 3.82
N LYS E 278 -14.37 -19.48 4.62
CA LYS E 278 -14.40 -18.02 4.56
C LYS E 278 -13.29 -17.46 3.69
N CYS E 279 -12.27 -18.25 3.40
CA CYS E 279 -11.13 -17.84 2.57
C CYS E 279 -10.72 -19.02 1.71
N GLN E 280 -10.48 -18.76 0.42
CA GLN E 280 -10.11 -19.80 -0.52
C GLN E 280 -8.86 -19.40 -1.30
N THR E 281 -7.95 -20.34 -1.46
CA THR E 281 -6.72 -20.20 -2.22
C THR E 281 -6.67 -21.28 -3.30
N PRO E 282 -5.88 -21.10 -4.35
CA PRO E 282 -5.83 -22.11 -5.42
C PRO E 282 -5.33 -23.46 -4.95
N ILE E 283 -4.64 -23.54 -3.82
CA ILE E 283 -4.11 -24.80 -3.31
C ILE E 283 -4.86 -25.32 -2.09
N GLY E 284 -5.88 -24.61 -1.65
CA GLY E 284 -6.66 -25.08 -0.51
C GLY E 284 -7.36 -23.94 0.18
N ALA E 285 -8.23 -24.30 1.12
CA ALA E 285 -9.01 -23.33 1.88
C ALA E 285 -8.42 -23.15 3.27
N ILE E 286 -8.61 -21.95 3.82
CA ILE E 286 -8.08 -21.58 5.13
C ILE E 286 -9.23 -21.36 6.09
N ASN E 287 -9.16 -22.01 7.25
CA ASN E 287 -10.07 -21.77 8.37
C ASN E 287 -9.21 -21.33 9.54
N SER E 288 -9.07 -20.01 9.70
CA SER E 288 -8.18 -19.47 10.72
C SER E 288 -8.69 -18.12 11.19
N SER E 289 -8.34 -17.77 12.43
CA SER E 289 -8.55 -16.45 12.97
C SER E 289 -7.25 -15.65 13.09
N MET E 290 -6.14 -16.21 12.61
CA MET E 290 -4.85 -15.55 12.73
C MET E 290 -4.78 -14.34 11.79
N PRO E 291 -4.00 -13.32 12.16
CA PRO E 291 -3.89 -12.13 11.31
C PRO E 291 -2.97 -12.27 10.11
N PHE E 292 -2.12 -13.30 10.07
CA PHE E 292 -1.15 -13.42 9.00
C PHE E 292 -1.08 -14.85 8.50
N HIS E 293 -0.66 -15.01 7.25
CA HIS E 293 -0.52 -16.31 6.62
C HIS E 293 0.52 -16.20 5.51
N ASN E 294 1.02 -17.36 5.09
CA ASN E 294 1.99 -17.44 4.00
C ASN E 294 1.66 -18.57 3.02
N ILE E 295 0.36 -18.82 2.80
CA ILE E 295 -0.05 -19.97 2.01
C ILE E 295 -0.03 -19.65 0.52
N HIS E 296 -0.72 -18.58 0.12
CA HIS E 296 -0.83 -18.23 -1.30
C HIS E 296 -1.26 -16.78 -1.42
N PRO E 297 -0.68 -16.02 -2.35
CA PRO E 297 -1.12 -14.62 -2.50
C PRO E 297 -2.49 -14.47 -3.16
N LEU E 298 -2.82 -15.33 -4.12
CA LEU E 298 -4.06 -15.19 -4.89
C LEU E 298 -5.22 -15.75 -4.09
N THR E 299 -5.73 -14.92 -3.17
CA THR E 299 -6.79 -15.34 -2.27
C THR E 299 -8.14 -14.75 -2.68
N ILE E 300 -9.20 -15.46 -2.33
CA ILE E 300 -10.57 -14.98 -2.48
C ILE E 300 -11.28 -15.15 -1.14
N GLY E 301 -11.86 -14.07 -0.64
CA GLY E 301 -12.61 -14.15 0.61
C GLY E 301 -12.08 -13.23 1.69
N GLU E 302 -12.50 -13.47 2.93
CA GLU E 302 -12.04 -12.72 4.09
C GLU E 302 -10.84 -13.46 4.66
N CYS E 303 -9.64 -12.97 4.36
CA CYS E 303 -8.40 -13.71 4.56
C CYS E 303 -7.43 -12.93 5.44
N PRO E 304 -6.51 -13.62 6.10
CA PRO E 304 -5.44 -12.91 6.81
C PRO E 304 -4.45 -12.27 5.83
N LYS E 305 -3.61 -11.39 6.38
CA LYS E 305 -2.66 -10.66 5.57
C LYS E 305 -1.52 -11.56 5.11
N TYR E 306 -1.18 -11.50 3.83
CA TYR E 306 -0.12 -12.32 3.27
C TYR E 306 1.24 -11.73 3.60
N VAL E 307 2.13 -12.58 4.14
CA VAL E 307 3.48 -12.17 4.51
C VAL E 307 4.47 -13.22 4.01
N LYS E 308 5.71 -12.79 3.86
CA LYS E 308 6.83 -13.69 3.59
C LYS E 308 7.48 -14.00 4.94
N SER E 309 7.11 -15.12 5.53
CA SER E 309 7.56 -15.44 6.89
C SER E 309 7.41 -16.94 7.13
N ASN E 310 8.47 -17.57 7.64
CA ASN E 310 8.38 -18.96 8.04
C ASN E 310 7.64 -19.12 9.36
N LYS E 311 7.79 -18.17 10.28
CA LYS E 311 7.14 -18.25 11.58
C LYS E 311 7.08 -16.86 12.19
N LEU E 312 6.01 -16.60 12.95
CA LEU E 312 5.86 -15.41 13.79
C LEU E 312 5.42 -15.91 15.15
N VAL E 313 6.40 -16.27 16.00
CA VAL E 313 6.14 -16.93 17.26
C VAL E 313 6.22 -15.89 18.38
N LEU E 314 5.09 -15.68 19.06
CA LEU E 314 5.03 -14.78 20.21
C LEU E 314 5.31 -15.53 21.49
N ALA E 315 6.08 -14.91 22.38
CA ALA E 315 6.41 -15.50 23.66
C ALA E 315 5.25 -15.26 24.63
N THR E 316 4.60 -16.35 25.05
CA THR E 316 3.53 -16.28 26.04
C THR E 316 3.93 -16.84 27.39
N GLY E 317 5.22 -17.17 27.57
CA GLY E 317 5.68 -17.73 28.83
C GLY E 317 6.98 -17.11 29.31
N LEU E 318 7.64 -17.78 30.25
CA LEU E 318 8.88 -17.28 30.84
C LEU E 318 10.09 -17.84 30.11
N ARG E 319 11.24 -17.20 30.33
CA ARG E 319 12.50 -17.71 29.82
C ARG E 319 12.83 -19.02 30.50
N ASN E 320 12.84 -20.11 29.73
CA ASN E 320 13.05 -21.43 30.30
C ASN E 320 14.52 -21.68 30.60
N SER E 321 14.76 -22.54 31.57
CA SER E 321 16.11 -22.90 32.00
C SER E 321 16.40 -24.35 31.64
N PRO E 322 17.57 -24.65 31.08
CA PRO E 322 17.88 -26.03 30.69
C PRO E 322 17.91 -26.96 31.90
N LEU E 323 17.53 -28.21 31.66
CA LEU E 323 17.49 -29.21 32.72
C LEU E 323 18.89 -29.78 32.99
N GLY F 1 17.85 -9.76 32.57
CA GLY F 1 16.80 -8.96 31.97
C GLY F 1 16.88 -7.49 32.36
N LEU F 2 15.82 -6.75 32.05
CA LEU F 2 15.80 -5.32 32.37
C LEU F 2 15.81 -5.08 33.88
N PHE F 3 15.03 -5.85 34.63
CA PHE F 3 14.90 -5.64 36.07
C PHE F 3 15.85 -6.52 36.88
N GLY F 4 16.63 -7.37 36.23
CA GLY F 4 17.68 -8.11 36.89
C GLY F 4 17.24 -9.29 37.72
N ALA F 5 15.94 -9.62 37.72
CA ALA F 5 15.47 -10.74 38.53
C ALA F 5 15.71 -12.07 37.81
N ILE F 6 15.10 -12.25 36.65
CA ILE F 6 15.29 -13.46 35.86
C ILE F 6 16.65 -13.40 35.17
N ALA F 7 17.44 -14.45 35.34
CA ALA F 7 18.82 -14.59 34.87
C ALA F 7 19.77 -13.62 35.55
N GLY F 8 19.32 -12.83 36.52
CA GLY F 8 20.20 -11.93 37.25
C GLY F 8 20.61 -12.51 38.58
N PHE F 9 20.15 -11.91 39.68
CA PHE F 9 20.47 -12.47 40.99
C PHE F 9 19.73 -13.79 41.22
N ILE F 10 18.50 -13.89 40.74
CA ILE F 10 17.78 -15.17 40.76
C ILE F 10 18.21 -15.96 39.53
N GLU F 11 18.79 -17.13 39.76
CA GLU F 11 19.35 -17.95 38.69
C GLU F 11 18.44 -19.14 38.42
N GLY F 12 17.98 -19.25 37.17
CA GLY F 12 17.23 -20.42 36.73
C GLY F 12 15.82 -20.51 37.27
N GLY F 13 14.95 -21.16 36.50
CA GLY F 13 13.60 -21.46 36.96
C GLY F 13 13.59 -22.68 37.86
N TRP F 14 12.39 -22.99 38.34
CA TRP F 14 12.17 -24.12 39.24
C TRP F 14 11.35 -25.17 38.51
N GLN F 15 12.00 -26.28 38.14
CA GLN F 15 11.28 -27.38 37.50
C GLN F 15 10.23 -27.98 38.43
N GLY F 16 10.45 -27.91 39.74
CA GLY F 16 9.55 -28.51 40.71
C GLY F 16 8.32 -27.70 41.04
N MET F 17 8.23 -26.46 40.58
CA MET F 17 7.06 -25.61 40.81
C MET F 17 6.19 -25.65 39.56
N VAL F 18 5.01 -26.25 39.67
CA VAL F 18 4.10 -26.39 38.54
C VAL F 18 2.77 -25.70 38.74
N ASP F 19 2.50 -25.15 39.93
CA ASP F 19 1.21 -24.56 40.23
C ASP F 19 1.07 -23.12 39.75
N GLY F 20 2.15 -22.50 39.26
CA GLY F 20 2.06 -21.13 38.82
C GLY F 20 3.33 -20.67 38.14
N TRP F 21 3.34 -19.39 37.80
CA TRP F 21 4.47 -18.76 37.11
C TRP F 21 5.49 -18.18 38.08
N TYR F 22 5.02 -17.57 39.16
CA TYR F 22 5.89 -17.00 40.19
C TYR F 22 5.48 -17.54 41.55
N GLY F 23 6.46 -17.91 42.36
CA GLY F 23 6.16 -18.51 43.64
C GLY F 23 7.35 -18.45 44.59
N TYR F 24 7.23 -19.21 45.66
CA TYR F 24 8.21 -19.22 46.74
C TYR F 24 8.68 -20.64 47.00
N HIS F 25 9.90 -20.76 47.53
CA HIS F 25 10.41 -22.02 48.07
C HIS F 25 10.91 -21.76 49.47
N HIS F 26 10.50 -22.61 50.41
CA HIS F 26 10.85 -22.46 51.81
C HIS F 26 11.57 -23.71 52.31
N SER F 27 12.31 -23.56 53.40
CA SER F 27 13.01 -24.68 54.01
C SER F 27 13.21 -24.36 55.48
N ASN F 28 12.72 -25.23 56.36
CA ASN F 28 12.86 -25.04 57.79
C ASN F 28 12.95 -26.42 58.45
N GLU F 29 12.72 -26.48 59.76
CA GLU F 29 12.78 -27.75 60.47
C GLU F 29 11.70 -28.72 60.02
N GLN F 30 10.50 -28.21 59.73
CA GLN F 30 9.41 -29.11 59.34
C GLN F 30 9.62 -29.67 57.95
N GLY F 31 10.18 -28.91 57.02
CA GLY F 31 10.48 -29.48 55.71
C GLY F 31 10.72 -28.40 54.68
N SER F 32 10.44 -28.74 53.43
CA SER F 32 10.63 -27.83 52.31
C SER F 32 9.55 -28.07 51.26
N GLY F 33 9.30 -27.04 50.45
CA GLY F 33 8.31 -27.15 49.40
C GLY F 33 8.10 -25.82 48.71
N TYR F 34 7.36 -25.88 47.61
CA TYR F 34 7.02 -24.70 46.83
C TYR F 34 5.58 -24.28 47.09
N ALA F 35 5.34 -22.98 47.03
CA ALA F 35 4.00 -22.42 47.11
C ALA F 35 3.88 -21.32 46.06
N ALA F 36 2.89 -21.45 45.18
CA ALA F 36 2.72 -20.51 44.08
C ALA F 36 1.98 -19.26 44.54
N ASP F 37 2.39 -18.11 44.00
CA ASP F 37 1.70 -16.84 44.23
C ASP F 37 0.57 -16.75 43.23
N ARG F 38 -0.66 -17.03 43.67
CA ARG F 38 -1.77 -17.10 42.74
C ARG F 38 -2.15 -15.72 42.18
N GLU F 39 -1.85 -14.65 42.92
CA GLU F 39 -2.27 -13.32 42.48
C GLU F 39 -1.47 -12.88 41.26
N SER F 40 -0.15 -12.78 41.40
CA SER F 40 0.69 -12.31 40.29
C SER F 40 0.65 -13.28 39.12
N THR F 41 0.49 -14.58 39.39
CA THR F 41 0.41 -15.56 38.32
C THR F 41 -0.82 -15.32 37.44
N GLN F 42 -1.99 -15.19 38.07
CA GLN F 42 -3.22 -14.95 37.30
C GLN F 42 -3.20 -13.57 36.67
N LYS F 43 -2.65 -12.57 37.37
CA LYS F 43 -2.56 -11.23 36.81
C LYS F 43 -1.68 -11.21 35.56
N ALA F 44 -0.57 -11.95 35.59
CA ALA F 44 0.32 -12.00 34.43
C ALA F 44 -0.26 -12.85 33.31
N ILE F 45 -0.96 -13.94 33.67
CA ILE F 45 -1.59 -14.79 32.66
C ILE F 45 -2.65 -13.99 31.90
N ASP F 46 -3.45 -13.22 32.63
CA ASP F 46 -4.47 -12.39 31.98
C ASP F 46 -3.84 -11.32 31.10
N GLY F 47 -2.77 -10.68 31.59
CA GLY F 47 -2.11 -9.66 30.79
C GLY F 47 -1.48 -10.20 29.53
N VAL F 48 -0.82 -11.35 29.64
CA VAL F 48 -0.21 -11.98 28.46
C VAL F 48 -1.28 -12.44 27.49
N THR F 49 -2.38 -13.00 28.00
CA THR F 49 -3.46 -13.44 27.13
C THR F 49 -4.06 -12.27 26.35
N ASN F 50 -4.24 -11.13 27.02
CA ASN F 50 -4.78 -9.96 26.33
C ASN F 50 -3.85 -9.46 25.23
N LYS F 51 -2.54 -9.57 25.45
CA LYS F 51 -1.60 -9.16 24.41
C LYS F 51 -1.74 -10.00 23.14
N VAL F 52 -1.88 -11.31 23.30
CA VAL F 52 -2.08 -12.18 22.13
C VAL F 52 -3.40 -11.85 21.46
N ASN F 53 -4.45 -11.66 22.24
CA ASN F 53 -5.75 -11.34 21.66
C ASN F 53 -5.75 -9.98 20.98
N SER F 54 -5.07 -9.00 21.58
CA SER F 54 -5.04 -7.66 20.98
C SER F 54 -4.33 -7.67 19.64
N ILE F 55 -3.23 -8.42 19.53
CA ILE F 55 -2.52 -8.52 18.26
C ILE F 55 -3.39 -9.18 17.20
N ILE F 56 -4.22 -10.13 17.62
CA ILE F 56 -5.07 -10.85 16.67
C ILE F 56 -6.34 -10.07 16.38
N ASP F 57 -7.06 -9.64 17.42
CA ASP F 57 -8.39 -9.08 17.22
C ASP F 57 -8.35 -7.70 16.56
N LYS F 58 -7.26 -6.95 16.72
CA LYS F 58 -7.20 -5.61 16.15
C LYS F 58 -7.02 -5.62 14.64
N MET F 59 -6.74 -6.77 14.03
CA MET F 59 -6.59 -6.83 12.59
C MET F 59 -7.94 -6.72 11.90
N ASN F 60 -8.03 -5.83 10.91
CA ASN F 60 -9.26 -5.60 10.17
C ASN F 60 -9.18 -6.36 8.85
N THR F 61 -10.09 -7.32 8.67
CA THR F 61 -10.11 -8.16 7.47
C THR F 61 -11.41 -7.93 6.72
N GLN F 62 -11.31 -7.71 5.42
CA GLN F 62 -12.46 -7.51 4.56
C GLN F 62 -12.34 -8.39 3.32
N PHE F 63 -13.49 -8.68 2.71
CA PHE F 63 -13.52 -9.55 1.53
C PHE F 63 -12.70 -8.94 0.40
N GLU F 64 -11.91 -9.77 -0.27
CA GLU F 64 -11.12 -9.35 -1.41
C GLU F 64 -11.09 -10.46 -2.45
N ALA F 65 -10.87 -10.06 -3.70
CA ALA F 65 -10.75 -10.99 -4.82
C ALA F 65 -9.43 -10.71 -5.53
N VAL F 66 -8.48 -11.63 -5.39
CA VAL F 66 -7.14 -11.47 -5.95
C VAL F 66 -6.97 -12.47 -7.09
N GLY F 67 -6.59 -11.96 -8.26
CA GLY F 67 -6.41 -12.82 -9.42
C GLY F 67 -5.60 -12.10 -10.48
N ARG F 68 -5.43 -12.78 -11.61
CA ARG F 68 -4.68 -12.27 -12.76
C ARG F 68 -5.66 -12.14 -13.92
N GLU F 69 -6.24 -10.95 -14.08
CA GLU F 69 -7.29 -10.72 -15.07
C GLU F 69 -6.91 -9.63 -16.07
N PHE F 70 -5.62 -9.52 -16.41
CA PHE F 70 -5.14 -8.57 -17.40
C PHE F 70 -4.39 -9.32 -18.48
N ASN F 71 -4.67 -8.99 -19.74
CA ASN F 71 -4.18 -9.75 -20.87
C ASN F 71 -2.77 -9.30 -21.27
N ASN F 72 -2.30 -9.77 -22.42
CA ASN F 72 -0.94 -9.48 -22.87
C ASN F 72 -0.76 -8.04 -23.31
N LEU F 73 -1.84 -7.35 -23.69
CA LEU F 73 -1.77 -5.95 -24.09
C LEU F 73 -2.04 -5.01 -22.93
N GLU F 74 -1.99 -5.50 -21.69
CA GLU F 74 -2.17 -4.70 -20.49
C GLU F 74 -1.10 -5.03 -19.47
N ARG F 75 0.15 -5.17 -19.92
CA ARG F 75 1.23 -5.54 -19.01
C ARG F 75 1.58 -4.41 -18.06
N ARG F 76 1.41 -3.15 -18.49
CA ARG F 76 1.69 -2.02 -17.60
C ARG F 76 0.76 -2.03 -16.40
N ILE F 77 -0.53 -2.31 -16.61
CA ILE F 77 -1.49 -2.33 -15.51
C ILE F 77 -1.22 -3.50 -14.58
N GLU F 78 -0.87 -4.67 -15.15
CA GLU F 78 -0.44 -5.79 -14.31
C GLU F 78 0.79 -5.42 -13.49
N ASN F 79 1.73 -4.70 -14.11
CA ASN F 79 2.89 -4.23 -13.35
C ASN F 79 2.46 -3.33 -12.20
N LEU F 80 1.45 -2.48 -12.43
CA LEU F 80 0.90 -1.67 -11.34
C LEU F 80 0.38 -2.56 -10.21
N ASN F 81 -0.38 -3.60 -10.55
CA ASN F 81 -0.85 -4.53 -9.54
C ASN F 81 0.32 -5.25 -8.88
N LYS F 82 1.34 -5.59 -9.66
CA LYS F 82 2.51 -6.28 -9.12
C LYS F 82 3.21 -5.43 -8.05
N LYS F 83 3.38 -4.13 -8.31
CA LYS F 83 3.97 -3.25 -7.31
C LYS F 83 3.09 -3.13 -6.08
N MET F 84 1.77 -3.10 -6.28
CA MET F 84 0.85 -2.92 -5.16
C MET F 84 0.87 -4.12 -4.22
N GLU F 85 0.77 -5.33 -4.78
CA GLU F 85 0.76 -6.53 -3.94
C GLU F 85 2.10 -6.74 -3.24
N ASP F 86 3.20 -6.51 -3.96
CA ASP F 86 4.52 -6.60 -3.33
C ASP F 86 4.70 -5.52 -2.28
N GLY F 87 4.22 -4.30 -2.56
CA GLY F 87 4.36 -3.23 -1.60
C GLY F 87 3.65 -3.51 -0.29
N PHE F 88 2.47 -4.15 -0.37
CA PHE F 88 1.77 -4.53 0.85
C PHE F 88 2.43 -5.71 1.54
N LEU F 89 3.00 -6.64 0.76
CA LEU F 89 3.74 -7.74 1.36
C LEU F 89 4.95 -7.24 2.15
N ASP F 90 5.69 -6.28 1.59
CA ASP F 90 6.82 -5.72 2.32
C ASP F 90 6.37 -4.99 3.59
N VAL F 91 5.27 -4.24 3.50
CA VAL F 91 4.78 -3.52 4.66
C VAL F 91 4.32 -4.49 5.74
N TRP F 92 3.55 -5.51 5.36
CA TRP F 92 3.01 -6.44 6.35
C TRP F 92 4.09 -7.33 6.94
N THR F 93 5.02 -7.82 6.10
CA THR F 93 6.10 -8.66 6.61
C THR F 93 6.96 -7.90 7.60
N TYR F 94 7.38 -6.69 7.23
CA TYR F 94 8.22 -5.89 8.13
C TYR F 94 7.48 -5.53 9.41
N ASN F 95 6.20 -5.14 9.29
CA ASN F 95 5.44 -4.77 10.48
C ASN F 95 5.18 -5.98 11.38
N ALA F 96 4.81 -7.12 10.78
CA ALA F 96 4.54 -8.31 11.59
C ALA F 96 5.80 -8.84 12.26
N GLU F 97 6.93 -8.88 11.51
CA GLU F 97 8.16 -9.41 12.07
C GLU F 97 8.67 -8.53 13.22
N LEU F 98 8.70 -7.21 13.00
CA LEU F 98 9.15 -6.31 14.06
C LEU F 98 8.19 -6.32 15.24
N LEU F 99 6.89 -6.48 14.96
CA LEU F 99 5.92 -6.58 16.05
C LEU F 99 6.23 -7.75 16.97
N VAL F 100 6.58 -8.90 16.39
CA VAL F 100 6.94 -10.06 17.20
C VAL F 100 8.20 -9.78 18.00
N LEU F 101 9.19 -9.14 17.37
CA LEU F 101 10.47 -8.89 18.04
C LEU F 101 10.31 -7.94 19.22
N MET F 102 9.64 -6.81 19.01
CA MET F 102 9.47 -5.84 20.10
C MET F 102 8.58 -6.40 21.21
N GLU F 103 7.50 -7.10 20.85
CA GLU F 103 6.58 -7.58 21.88
C GLU F 103 7.19 -8.72 22.67
N ASN F 104 7.98 -9.59 22.02
CA ASN F 104 8.64 -10.67 22.76
C ASN F 104 9.66 -10.11 23.74
N GLU F 105 10.37 -9.05 23.35
CA GLU F 105 11.24 -8.34 24.28
C GLU F 105 10.45 -7.83 25.47
N ARG F 106 9.33 -7.15 25.22
CA ARG F 106 8.54 -6.57 26.31
C ARG F 106 7.94 -7.64 27.21
N THR F 107 7.53 -8.78 26.64
CA THR F 107 6.94 -9.84 27.47
C THR F 107 7.97 -10.47 28.39
N LEU F 108 9.21 -10.62 27.93
CA LEU F 108 10.25 -11.19 28.77
C LEU F 108 10.58 -10.27 29.96
N ASP F 109 10.50 -8.96 29.76
CA ASP F 109 10.68 -8.01 30.86
C ASP F 109 9.46 -7.97 31.77
N PHE F 110 8.28 -8.35 31.27
CA PHE F 110 7.09 -8.40 32.12
C PHE F 110 7.26 -9.43 33.23
N HIS F 111 7.70 -10.64 32.86
CA HIS F 111 7.97 -11.66 33.87
C HIS F 111 9.13 -11.26 34.77
N ASP F 112 10.17 -10.64 34.19
CA ASP F 112 11.30 -10.20 34.98
C ASP F 112 10.88 -9.18 36.03
N SER F 113 9.99 -8.26 35.66
CA SER F 113 9.53 -7.25 36.60
C SER F 113 8.66 -7.88 37.70
N ASN F 114 7.79 -8.81 37.34
CA ASN F 114 6.87 -9.40 38.32
C ASN F 114 7.64 -10.16 39.39
N VAL F 115 8.68 -10.91 39.00
CA VAL F 115 9.50 -11.61 39.97
C VAL F 115 10.20 -10.62 40.89
N LYS F 116 10.71 -9.52 40.33
CA LYS F 116 11.38 -8.51 41.14
C LYS F 116 10.43 -7.87 42.14
N ASN F 117 9.19 -7.60 41.72
CA ASN F 117 8.21 -7.04 42.64
C ASN F 117 7.88 -8.02 43.76
N LEU F 118 7.78 -9.32 43.44
CA LEU F 118 7.57 -10.32 44.48
C LEU F 118 8.74 -10.35 45.46
N TYR F 119 9.96 -10.24 44.95
CA TYR F 119 11.13 -10.22 45.82
C TYR F 119 11.12 -9.00 46.75
N ASP F 120 10.79 -7.83 46.20
CA ASP F 120 10.80 -6.61 47.00
C ASP F 120 9.72 -6.64 48.07
N LYS F 121 8.54 -7.19 47.75
CA LYS F 121 7.47 -7.29 48.74
C LYS F 121 7.91 -8.12 49.94
N VAL F 122 8.73 -9.15 49.72
CA VAL F 122 9.26 -9.94 50.81
C VAL F 122 10.39 -9.20 51.53
N ARG F 123 11.28 -8.56 50.77
CA ARG F 123 12.47 -7.94 51.36
C ARG F 123 12.08 -6.82 52.32
N LEU F 124 11.15 -5.95 51.90
CA LEU F 124 10.71 -4.87 52.78
C LEU F 124 9.98 -5.39 54.00
N GLN F 125 9.50 -6.63 53.96
CA GLN F 125 8.82 -7.22 55.11
C GLN F 125 9.81 -7.75 56.14
N LEU F 126 10.82 -8.51 55.68
CA LEU F 126 11.75 -9.14 56.60
C LEU F 126 12.71 -8.12 57.22
N ARG F 127 13.25 -7.23 56.39
CA ARG F 127 14.24 -6.22 56.82
C ARG F 127 15.44 -6.97 57.40
N ASP F 128 15.94 -6.62 58.58
CA ASP F 128 17.10 -7.28 59.16
C ASP F 128 16.74 -8.53 59.94
N ASN F 129 15.46 -8.90 60.01
CA ASN F 129 15.08 -10.19 60.57
C ASN F 129 15.54 -11.36 59.71
N ALA F 130 15.97 -11.09 58.47
CA ALA F 130 16.54 -12.11 57.60
C ALA F 130 17.64 -11.47 56.77
N LYS F 131 18.53 -12.31 56.26
CA LYS F 131 19.69 -11.87 55.51
C LYS F 131 19.49 -12.16 54.03
N GLU F 132 19.83 -11.17 53.19
CA GLU F 132 19.76 -11.34 51.75
C GLU F 132 21.00 -12.07 51.26
N LEU F 133 20.81 -13.27 50.69
CA LEU F 133 21.94 -14.04 50.17
C LEU F 133 22.39 -13.56 48.79
N GLY F 134 21.64 -12.69 48.13
CA GLY F 134 22.00 -12.22 46.81
C GLY F 134 21.63 -13.16 45.68
N ASN F 135 21.00 -14.29 45.98
CA ASN F 135 20.57 -15.25 44.96
C ASN F 135 19.06 -15.37 44.90
N GLY F 136 18.33 -14.40 45.45
CA GLY F 136 16.89 -14.45 45.52
C GLY F 136 16.32 -15.12 46.75
N CYS F 137 17.16 -15.53 47.69
CA CYS F 137 16.72 -16.19 48.90
C CYS F 137 16.92 -15.28 50.11
N PHE F 138 16.23 -15.62 51.20
CA PHE F 138 16.36 -14.92 52.47
C PHE F 138 16.64 -15.95 53.55
N GLU F 139 17.75 -15.79 54.27
CA GLU F 139 18.09 -16.64 55.40
C GLU F 139 17.59 -15.98 56.67
N PHE F 140 16.70 -16.65 57.39
CA PHE F 140 16.09 -16.08 58.59
C PHE F 140 17.08 -16.10 59.75
N TYR F 141 17.08 -15.01 60.52
CA TYR F 141 17.87 -14.92 61.74
C TYR F 141 17.12 -15.48 62.94
N HIS F 142 15.93 -16.03 62.74
CA HIS F 142 15.15 -16.62 63.81
C HIS F 142 14.47 -17.89 63.28
N LYS F 143 13.79 -18.60 64.17
CA LYS F 143 13.04 -19.79 63.77
C LYS F 143 11.72 -19.35 63.15
N CYS F 144 11.47 -19.80 61.92
CA CYS F 144 10.26 -19.46 61.19
C CYS F 144 9.59 -20.76 60.76
N ASP F 145 8.46 -21.08 61.41
CA ASP F 145 7.77 -22.35 61.16
C ASP F 145 6.85 -22.22 59.94
N ASN F 146 6.02 -23.23 59.72
CA ASN F 146 5.13 -23.22 58.56
C ASN F 146 4.11 -22.09 58.63
N GLU F 147 3.55 -21.85 59.83
CA GLU F 147 2.65 -20.71 60.00
C GLU F 147 3.37 -19.39 59.73
N CYS F 148 4.61 -19.27 60.22
CA CYS F 148 5.43 -18.11 59.94
C CYS F 148 5.70 -17.95 58.44
N MET F 149 5.86 -19.07 57.72
CA MET F 149 6.22 -19.00 56.31
C MET F 149 5.13 -18.32 55.48
N GLU F 150 3.86 -18.62 55.76
CA GLU F 150 2.77 -17.99 55.02
C GLU F 150 2.67 -16.51 55.34
N SER F 151 2.95 -16.11 56.59
CA SER F 151 2.90 -14.70 56.95
C SER F 151 3.77 -13.85 56.05
N VAL F 152 4.89 -14.41 55.59
CA VAL F 152 5.70 -13.72 54.57
C VAL F 152 4.97 -13.72 53.23
N ARG F 153 4.33 -14.84 52.88
CA ARG F 153 3.71 -14.97 51.57
C ARG F 153 2.47 -14.08 51.43
N ASN F 154 1.59 -14.09 52.43
CA ASN F 154 0.34 -13.36 52.34
C ASN F 154 0.47 -11.90 52.78
N GLY F 155 1.66 -11.47 53.19
CA GLY F 155 1.86 -10.08 53.55
C GLY F 155 1.47 -9.71 54.97
N THR F 156 1.53 -10.66 55.90
CA THR F 156 1.18 -10.42 57.31
C THR F 156 2.30 -10.90 58.22
N TYR F 157 3.54 -10.55 57.90
CA TYR F 157 4.69 -10.96 58.70
C TYR F 157 4.85 -10.02 59.90
N ASP F 158 5.02 -10.60 61.08
CA ASP F 158 5.11 -9.84 62.34
C ASP F 158 6.58 -9.64 62.67
N TYR F 159 7.13 -8.50 62.24
CA TYR F 159 8.51 -8.16 62.57
C TYR F 159 8.75 -7.99 64.06
N PRO F 160 7.95 -7.21 64.81
CA PRO F 160 8.29 -6.98 66.23
C PRO F 160 8.32 -8.24 67.07
N GLN F 161 7.51 -9.25 66.73
CA GLN F 161 7.49 -10.48 67.54
C GLN F 161 8.84 -11.19 67.50
N TYR F 162 9.45 -11.29 66.33
CA TYR F 162 10.73 -11.97 66.17
C TYR F 162 11.92 -11.03 66.26
N SER F 163 11.68 -9.73 66.48
CA SER F 163 12.79 -8.77 66.51
C SER F 163 13.78 -9.10 67.61
N GLU F 164 13.28 -9.45 68.80
CA GLU F 164 14.17 -9.83 69.90
C GLU F 164 14.93 -11.11 69.58
N GLU F 165 14.23 -12.12 69.05
CA GLU F 165 14.87 -13.38 68.72
C GLU F 165 15.90 -13.20 67.61
N ALA F 166 15.56 -12.43 66.58
CA ALA F 166 16.48 -12.23 65.47
C ALA F 166 17.69 -11.41 65.89
N ARG F 167 17.50 -10.44 66.79
CA ARG F 167 18.61 -9.61 67.23
C ARG F 167 19.68 -10.42 67.95
N LEU F 168 19.27 -11.43 68.72
CA LEU F 168 20.22 -12.27 69.43
C LEU F 168 21.13 -13.02 68.47
N LYS F 169 20.56 -13.57 67.39
CA LYS F 169 21.36 -14.34 66.44
C LYS F 169 22.31 -13.47 65.64
N ARG F 170 21.96 -12.19 65.44
CA ARG F 170 22.84 -11.29 64.70
C ARG F 170 24.17 -11.11 65.42
N GLU F 171 24.13 -10.97 66.75
CA GLU F 171 25.36 -10.81 67.52
C GLU F 171 26.20 -12.08 67.55
N GLU F 172 25.55 -13.25 67.54
CA GLU F 172 26.29 -14.51 67.59
C GLU F 172 27.20 -14.66 66.37
N ILE F 173 26.70 -14.35 65.19
CA ILE F 173 27.52 -14.38 63.99
C ILE F 173 28.49 -13.19 63.96
N SER F 174 28.18 -12.12 64.70
CA SER F 174 29.03 -10.93 64.67
C SER F 174 30.31 -11.15 65.47
N SER F 175 30.22 -11.85 66.60
CA SER F 175 31.37 -12.05 67.49
C SER F 175 32.18 -13.29 67.13
N GLY F 176 31.98 -13.87 65.96
CA GLY F 176 32.72 -15.07 65.57
C GLY F 176 32.43 -16.26 66.44
N ARG F 177 31.16 -16.47 66.81
CA ARG F 177 30.78 -17.59 67.65
C ARG F 177 29.88 -18.56 66.91
C1 GAL G . 5.02 19.29 -52.66
C2 GAL G . 6.05 18.74 -51.68
C3 GAL G . 5.72 17.28 -51.39
C4 GAL G . 4.29 17.17 -50.86
C5 GAL G . 3.34 17.83 -51.86
C6 GAL G . 1.91 17.84 -51.38
O1 GAL G . 5.27 20.64 -52.87
O2 GAL G . 7.33 18.87 -52.26
O3 GAL G . 6.71 16.84 -50.49
O4 GAL G . 4.23 17.79 -49.59
O5 GAL G . 3.73 19.16 -52.12
O6 GAL G . 1.10 17.13 -52.28
C1 SIA G . 8.35 15.27 -49.74
C2 SIA G . 7.13 15.48 -50.74
C3 SIA G . 7.50 15.10 -52.17
C4 SIA G . 7.95 13.63 -52.28
C5 SIA G . 6.85 12.70 -51.81
C6 SIA G . 6.25 13.15 -50.45
C7 SIA G . 4.82 12.58 -50.26
C8 SIA G . 4.02 13.44 -49.26
C9 SIA G . 2.69 12.78 -48.89
C10 SIA G . 6.85 10.23 -52.29
C11 SIA G . 7.53 8.92 -51.96
N5 SIA G . 7.35 11.33 -51.65
O1A SIA G . 9.47 15.53 -50.27
O1B SIA G . 8.10 14.89 -48.57
O4 SIA G . 8.30 13.26 -53.63
O6 SIA G . 6.06 14.55 -50.36
O7 SIA G . 4.17 12.47 -51.52
O8 SIA G . 4.81 13.72 -48.10
O9 SIA G . 2.04 13.55 -47.89
O10 SIA G . 5.91 10.27 -53.08
C1 NAG H . 6.78 -22.58 -41.66
C2 NAG H . 5.43 -23.30 -41.53
C3 NAG H . 5.57 -24.58 -40.70
C4 NAG H . 6.69 -25.47 -41.27
C5 NAG H . 7.95 -24.61 -41.42
C6 NAG H . 9.13 -25.37 -42.00
C7 NAG H . 3.13 -22.44 -41.38
C8 NAG H . 2.23 -21.45 -40.67
N2 NAG H . 4.42 -22.43 -40.99
O3 NAG H . 4.30 -25.18 -40.73
O4 NAG H . 7.07 -26.61 -40.51
O5 NAG H . 7.70 -23.49 -42.23
O6 NAG H . 8.69 -26.57 -42.57
O7 NAG H . 2.69 -23.20 -42.23
C1 NAG H . 6.12 -27.30 -39.68
C2 NAG H . 5.29 -28.31 -40.48
C3 NAG H . 4.45 -29.19 -39.55
C4 NAG H . 5.34 -29.85 -38.48
C5 NAG H . 6.12 -28.76 -37.76
C6 NAG H . 7.10 -29.30 -36.73
C7 NAG H . 4.18 -28.09 -42.68
C8 NAG H . 3.22 -27.26 -43.48
N2 NAG H . 4.40 -27.67 -41.42
O3 NAG H . 3.79 -30.14 -40.34
O4 NAG H . 4.47 -30.51 -37.59
O5 NAG H . 6.85 -27.99 -38.68
O6 NAG H . 8.09 -30.05 -37.39
O7 NAG H . 4.71 -29.09 -43.16
C1 BMA H . 4.49 -31.94 -37.78
C2 BMA H . 4.51 -32.52 -36.36
C3 BMA H . 3.53 -33.70 -36.11
C4 BMA H . 2.26 -33.70 -36.94
C5 BMA H . 2.52 -33.37 -38.41
C6 BMA H . 1.25 -33.17 -39.22
O2 BMA H . 4.27 -31.47 -35.47
O3 BMA H . 3.28 -33.67 -34.72
O4 BMA H . 1.71 -35.00 -36.83
O5 BMA H . 3.39 -32.27 -38.61
O6 BMA H . 1.58 -33.37 -40.58
C1 NAG I . -1.87 30.38 -37.42
C2 NAG I . -1.03 29.47 -38.31
C3 NAG I . 0.47 29.76 -38.09
C4 NAG I . 0.76 31.24 -38.26
C5 NAG I . -0.16 32.03 -37.31
C6 NAG I . 0.02 33.53 -37.39
C7 NAG I . -1.33 27.13 -39.00
C8 NAG I . -1.62 25.73 -38.50
N2 NAG I . -1.29 28.07 -38.05
O3 NAG I . 1.19 28.97 -38.98
O4 NAG I . 2.11 31.44 -37.96
O5 NAG I . -1.51 31.72 -37.62
O6 NAG I . 1.26 33.90 -36.83
O7 NAG I . -1.17 27.36 -40.18
C1 NAG J . -14.90 16.91 38.11
C2 NAG J . -16.34 17.26 37.76
C3 NAG J . -16.42 18.63 37.08
C4 NAG J . -15.69 19.68 37.91
C5 NAG J . -14.27 19.19 38.19
C6 NAG J . -13.44 20.15 39.03
C7 NAG J . -16.57 15.86 35.69
C8 NAG J . -17.42 14.76 35.09
N2 NAG J . -16.96 16.24 36.92
O3 NAG J . -17.77 18.96 36.90
O4 NAG J . -15.69 20.89 37.19
O5 NAG J . -14.33 17.95 38.87
O6 NAG J . -13.11 19.55 40.25
O7 NAG J . -15.63 16.33 35.07
C1 NAG K . 17.90 20.39 17.76
C2 NAG K . 17.00 21.60 17.98
C3 NAG K . 16.68 22.28 16.64
C4 NAG K . 17.97 22.60 15.90
C5 NAG K . 18.83 21.33 15.78
C6 NAG K . 20.15 21.57 15.10
C7 NAG K . 15.59 21.36 19.98
C8 NAG K . 14.24 20.89 20.49
N2 NAG K . 15.79 21.23 18.66
O3 NAG K . 15.93 23.44 16.91
O4 NAG K . 17.61 23.10 14.63
O5 NAG K . 19.07 20.81 17.08
O6 NAG K . 21.18 20.90 15.80
O7 NAG K . 16.43 21.82 20.75
C1 NAG L . -39.87 -3.30 -25.81
C2 NAG L . -40.24 -2.16 -26.77
C3 NAG L . -40.61 -0.90 -26.00
C4 NAG L . -41.70 -1.20 -24.99
C5 NAG L . -41.26 -2.37 -24.10
C6 NAG L . -42.31 -2.78 -23.10
C7 NAG L . -37.99 -1.34 -27.51
C8 NAG L . -37.18 -1.10 -28.76
N2 NAG L . -39.22 -1.84 -27.75
O3 NAG L . -41.01 0.08 -26.93
O4 NAG L . -41.92 -0.03 -24.24
O5 NAG L . -40.94 -3.49 -24.91
O6 NAG L . -43.59 -2.46 -23.61
O7 NAG L . -37.54 -1.11 -26.40
C1 NAG M . 19.43 -19.65 15.91
C2 NAG M . 20.93 -19.40 15.65
C3 NAG M . 21.22 -19.47 14.15
C4 NAG M . 20.74 -20.81 13.61
C5 NAG M . 19.26 -21.00 13.95
C6 NAG M . 18.70 -22.32 13.47
C7 NAG M . 21.97 -18.04 17.40
C8 NAG M . 22.34 -16.63 17.81
N2 NAG M . 21.36 -18.14 16.20
O3 NAG M . 22.60 -19.28 13.97
O4 NAG M . 20.97 -20.81 12.22
O5 NAG M . 19.08 -20.89 15.35
O6 NAG M . 17.36 -22.44 13.86
O7 NAG M . 22.22 -19.00 18.12
#